data_1WH1
# 
_entry.id   1WH1 
# 
_audit_conform.dict_name       mmcif_pdbx.dic 
_audit_conform.dict_version    5.392 
_audit_conform.dict_location   http://mmcif.pdb.org/dictionaries/ascii/mmcif_pdbx.dic 
# 
loop_
_database_2.database_id 
_database_2.database_code 
_database_2.pdbx_database_accession 
_database_2.pdbx_DOI 
PDB   1WH1         pdb_00001wh1 10.2210/pdb1wh1/pdb 
RCSB  RCSB023571   ?            ?                   
WWPDB D_1000023571 ?            ?                   
# 
loop_
_pdbx_audit_revision_history.ordinal 
_pdbx_audit_revision_history.data_content_type 
_pdbx_audit_revision_history.major_revision 
_pdbx_audit_revision_history.minor_revision 
_pdbx_audit_revision_history.revision_date 
1 'Structure model' 1 0 2004-11-28 
2 'Structure model' 1 1 2008-04-30 
3 'Structure model' 1 2 2011-07-13 
4 'Structure model' 1 3 2022-03-02 
5 'Structure model' 1 4 2024-05-29 
# 
_pdbx_audit_revision_details.ordinal             1 
_pdbx_audit_revision_details.revision_ordinal    1 
_pdbx_audit_revision_details.data_content_type   'Structure model' 
_pdbx_audit_revision_details.provider            repository 
_pdbx_audit_revision_details.type                'Initial release' 
_pdbx_audit_revision_details.description         ? 
_pdbx_audit_revision_details.details             ? 
# 
loop_
_pdbx_audit_revision_group.ordinal 
_pdbx_audit_revision_group.revision_ordinal 
_pdbx_audit_revision_group.data_content_type 
_pdbx_audit_revision_group.group 
1 2 'Structure model' 'Version format compliance' 
2 3 'Structure model' 'Version format compliance' 
3 4 'Structure model' 'Data collection'           
4 4 'Structure model' 'Database references'       
5 4 'Structure model' 'Derived calculations'      
6 5 'Structure model' 'Data collection'           
# 
loop_
_pdbx_audit_revision_category.ordinal 
_pdbx_audit_revision_category.revision_ordinal 
_pdbx_audit_revision_category.data_content_type 
_pdbx_audit_revision_category.category 
1 4 'Structure model' database_2            
2 4 'Structure model' pdbx_nmr_software     
3 4 'Structure model' pdbx_nmr_spectrometer 
4 4 'Structure model' pdbx_struct_assembly  
5 4 'Structure model' pdbx_struct_oper_list 
6 4 'Structure model' struct_ref_seq_dif    
7 5 'Structure model' chem_comp_atom        
8 5 'Structure model' chem_comp_bond        
# 
loop_
_pdbx_audit_revision_item.ordinal 
_pdbx_audit_revision_item.revision_ordinal 
_pdbx_audit_revision_item.data_content_type 
_pdbx_audit_revision_item.item 
1 4 'Structure model' '_database_2.pdbx_DOI'                
2 4 'Structure model' '_database_2.pdbx_database_accession' 
3 4 'Structure model' '_pdbx_nmr_software.name'             
4 4 'Structure model' '_pdbx_nmr_spectrometer.model'        
5 4 'Structure model' '_struct_ref_seq_dif.details'         
# 
_pdbx_database_status.status_code                     REL 
_pdbx_database_status.entry_id                        1WH1 
_pdbx_database_status.recvd_initial_deposition_date   2004-05-28 
_pdbx_database_status.deposit_site                    PDBJ 
_pdbx_database_status.process_site                    PDBJ 
_pdbx_database_status.status_code_sf                  ? 
_pdbx_database_status.status_code_mr                  REL 
_pdbx_database_status.SG_entry                        Y 
_pdbx_database_status.pdb_format_compatible           Y 
_pdbx_database_status.status_code_cs                  ? 
_pdbx_database_status.status_code_nmr_data            ? 
_pdbx_database_status.methods_development_category    ? 
# 
_pdbx_database_related.db_name        TargetDB 
_pdbx_database_related.db_id          hsk002001069.2 
_pdbx_database_related.details        . 
_pdbx_database_related.content_type   unspecified 
# 
loop_
_audit_author.name 
_audit_author.pdbx_ordinal 
'Qin, X.'                                                1 
'Saito, K.'                                              2 
'Kigawa, T.'                                             3 
'Hayashi, F.'                                            4 
'Yokoyama, S.'                                           5 
'RIKEN Structural Genomics/Proteomics Initiative (RSGI)' 6 
# 
_citation.id                        primary 
_citation.title                     'Solution structure of the fourth PDZ domain of KIAA1095 protein' 
_citation.journal_abbrev            'To be published' 
_citation.journal_volume            ? 
_citation.page_first                ? 
_citation.page_last                 ? 
_citation.year                      ? 
_citation.journal_id_ASTM           ? 
_citation.country                   ? 
_citation.journal_id_ISSN           ? 
_citation.journal_id_CSD            0353 
_citation.book_publisher            ? 
_citation.pdbx_database_id_PubMed   ? 
_citation.pdbx_database_id_DOI      ? 
# 
loop_
_citation_author.citation_id 
_citation_author.name 
_citation_author.ordinal 
_citation_author.identifier_ORCID 
primary 'Qin, X.'      1 ? 
primary 'Saito, K.'    2 ? 
primary 'Kigawa, T.'   3 ? 
primary 'Hayashi, F.'  4 ? 
primary 'Yokoyama, S.' 5 ? 
# 
_entity.id                         1 
_entity.type                       polymer 
_entity.src_method                 man 
_entity.pdbx_description           'KIAA1095 protein' 
_entity.formula_weight             13859.980 
_entity.pdbx_number_of_molecules   1 
_entity.pdbx_ec                    ? 
_entity.pdbx_mutation              ? 
_entity.pdbx_fragment              'PDZ domain' 
_entity.details                    ? 
# 
_entity_poly.entity_id                      1 
_entity_poly.type                           'polypeptide(L)' 
_entity_poly.nstd_linkage                   no 
_entity_poly.nstd_monomer                   no 
_entity_poly.pdbx_seq_one_letter_code       
;GSSGSSGDIHQEMDREELELEEVDLYRMNSQDKLGLTVCYRTDDEDDIGIYISEIDPNSIAAKDGRIREGDRIIQINGIE
VQNREEAVALLTSEENKNFSLLIARPELQLDEGWMDDDSGPSSG
;
_entity_poly.pdbx_seq_one_letter_code_can   
;GSSGSSGDIHQEMDREELELEEVDLYRMNSQDKLGLTVCYRTDDEDDIGIYISEIDPNSIAAKDGRIREGDRIIQINGIE
VQNREEAVALLTSEENKNFSLLIARPELQLDEGWMDDDSGPSSG
;
_entity_poly.pdbx_strand_id                 A 
_entity_poly.pdbx_target_identifier         hsk002001069.2 
# 
loop_
_entity_poly_seq.entity_id 
_entity_poly_seq.num 
_entity_poly_seq.mon_id 
_entity_poly_seq.hetero 
1 1   GLY n 
1 2   SER n 
1 3   SER n 
1 4   GLY n 
1 5   SER n 
1 6   SER n 
1 7   GLY n 
1 8   ASP n 
1 9   ILE n 
1 10  HIS n 
1 11  GLN n 
1 12  GLU n 
1 13  MET n 
1 14  ASP n 
1 15  ARG n 
1 16  GLU n 
1 17  GLU n 
1 18  LEU n 
1 19  GLU n 
1 20  LEU n 
1 21  GLU n 
1 22  GLU n 
1 23  VAL n 
1 24  ASP n 
1 25  LEU n 
1 26  TYR n 
1 27  ARG n 
1 28  MET n 
1 29  ASN n 
1 30  SER n 
1 31  GLN n 
1 32  ASP n 
1 33  LYS n 
1 34  LEU n 
1 35  GLY n 
1 36  LEU n 
1 37  THR n 
1 38  VAL n 
1 39  CYS n 
1 40  TYR n 
1 41  ARG n 
1 42  THR n 
1 43  ASP n 
1 44  ASP n 
1 45  GLU n 
1 46  ASP n 
1 47  ASP n 
1 48  ILE n 
1 49  GLY n 
1 50  ILE n 
1 51  TYR n 
1 52  ILE n 
1 53  SER n 
1 54  GLU n 
1 55  ILE n 
1 56  ASP n 
1 57  PRO n 
1 58  ASN n 
1 59  SER n 
1 60  ILE n 
1 61  ALA n 
1 62  ALA n 
1 63  LYS n 
1 64  ASP n 
1 65  GLY n 
1 66  ARG n 
1 67  ILE n 
1 68  ARG n 
1 69  GLU n 
1 70  GLY n 
1 71  ASP n 
1 72  ARG n 
1 73  ILE n 
1 74  ILE n 
1 75  GLN n 
1 76  ILE n 
1 77  ASN n 
1 78  GLY n 
1 79  ILE n 
1 80  GLU n 
1 81  VAL n 
1 82  GLN n 
1 83  ASN n 
1 84  ARG n 
1 85  GLU n 
1 86  GLU n 
1 87  ALA n 
1 88  VAL n 
1 89  ALA n 
1 90  LEU n 
1 91  LEU n 
1 92  THR n 
1 93  SER n 
1 94  GLU n 
1 95  GLU n 
1 96  ASN n 
1 97  LYS n 
1 98  ASN n 
1 99  PHE n 
1 100 SER n 
1 101 LEU n 
1 102 LEU n 
1 103 ILE n 
1 104 ALA n 
1 105 ARG n 
1 106 PRO n 
1 107 GLU n 
1 108 LEU n 
1 109 GLN n 
1 110 LEU n 
1 111 ASP n 
1 112 GLU n 
1 113 GLY n 
1 114 TRP n 
1 115 MET n 
1 116 ASP n 
1 117 ASP n 
1 118 ASP n 
1 119 SER n 
1 120 GLY n 
1 121 PRO n 
1 122 SER n 
1 123 SER n 
1 124 GLY n 
# 
_entity_src_gen.entity_id                          1 
_entity_src_gen.pdbx_src_id                        1 
_entity_src_gen.pdbx_alt_source_flag               sample 
_entity_src_gen.pdbx_seq_type                      ? 
_entity_src_gen.pdbx_beg_seq_num                   ? 
_entity_src_gen.pdbx_end_seq_num                   ? 
_entity_src_gen.gene_src_common_name               human 
_entity_src_gen.gene_src_genus                     Homo 
_entity_src_gen.pdbx_gene_src_gene                 'Kazusa hk06736' 
_entity_src_gen.gene_src_species                   ? 
_entity_src_gen.gene_src_strain                    ? 
_entity_src_gen.gene_src_tissue                    ? 
_entity_src_gen.gene_src_tissue_fraction           ? 
_entity_src_gen.gene_src_details                   ? 
_entity_src_gen.pdbx_gene_src_fragment             ? 
_entity_src_gen.pdbx_gene_src_scientific_name      'Homo sapiens' 
_entity_src_gen.pdbx_gene_src_ncbi_taxonomy_id     9606 
_entity_src_gen.pdbx_gene_src_variant              ? 
_entity_src_gen.pdbx_gene_src_cell_line            ? 
_entity_src_gen.pdbx_gene_src_atcc                 ? 
_entity_src_gen.pdbx_gene_src_organ                ? 
_entity_src_gen.pdbx_gene_src_organelle            ? 
_entity_src_gen.pdbx_gene_src_cell                 ? 
_entity_src_gen.pdbx_gene_src_cellular_location    ? 
_entity_src_gen.host_org_common_name               ? 
_entity_src_gen.pdbx_host_org_scientific_name      ? 
_entity_src_gen.pdbx_host_org_ncbi_taxonomy_id     ? 
_entity_src_gen.host_org_genus                     ? 
_entity_src_gen.pdbx_host_org_gene                 ? 
_entity_src_gen.pdbx_host_org_organ                ? 
_entity_src_gen.host_org_species                   ? 
_entity_src_gen.pdbx_host_org_tissue               ? 
_entity_src_gen.pdbx_host_org_tissue_fraction      ? 
_entity_src_gen.pdbx_host_org_strain               ? 
_entity_src_gen.pdbx_host_org_variant              ? 
_entity_src_gen.pdbx_host_org_cell_line            ? 
_entity_src_gen.pdbx_host_org_atcc                 ? 
_entity_src_gen.pdbx_host_org_culture_collection   ? 
_entity_src_gen.pdbx_host_org_cell                 ? 
_entity_src_gen.pdbx_host_org_organelle            ? 
_entity_src_gen.pdbx_host_org_cellular_location    ? 
_entity_src_gen.pdbx_host_org_vector_type          PLASMID 
_entity_src_gen.pdbx_host_org_vector               ? 
_entity_src_gen.host_org_details                   ? 
_entity_src_gen.expression_system_id               ? 
_entity_src_gen.plasmid_name                       P021030-39 
_entity_src_gen.plasmid_details                    ? 
_entity_src_gen.pdbx_description                   'cell free protein synthesis' 
# 
loop_
_chem_comp.id 
_chem_comp.type 
_chem_comp.mon_nstd_flag 
_chem_comp.name 
_chem_comp.pdbx_synonyms 
_chem_comp.formula 
_chem_comp.formula_weight 
ALA 'L-peptide linking' y ALANINE         ? 'C3 H7 N O2'     89.093  
ARG 'L-peptide linking' y ARGININE        ? 'C6 H15 N4 O2 1' 175.209 
ASN 'L-peptide linking' y ASPARAGINE      ? 'C4 H8 N2 O3'    132.118 
ASP 'L-peptide linking' y 'ASPARTIC ACID' ? 'C4 H7 N O4'     133.103 
CYS 'L-peptide linking' y CYSTEINE        ? 'C3 H7 N O2 S'   121.158 
GLN 'L-peptide linking' y GLUTAMINE       ? 'C5 H10 N2 O3'   146.144 
GLU 'L-peptide linking' y 'GLUTAMIC ACID' ? 'C5 H9 N O4'     147.129 
GLY 'peptide linking'   y GLYCINE         ? 'C2 H5 N O2'     75.067  
HIS 'L-peptide linking' y HISTIDINE       ? 'C6 H10 N3 O2 1' 156.162 
ILE 'L-peptide linking' y ISOLEUCINE      ? 'C6 H13 N O2'    131.173 
LEU 'L-peptide linking' y LEUCINE         ? 'C6 H13 N O2'    131.173 
LYS 'L-peptide linking' y LYSINE          ? 'C6 H15 N2 O2 1' 147.195 
MET 'L-peptide linking' y METHIONINE      ? 'C5 H11 N O2 S'  149.211 
PHE 'L-peptide linking' y PHENYLALANINE   ? 'C9 H11 N O2'    165.189 
PRO 'L-peptide linking' y PROLINE         ? 'C5 H9 N O2'     115.130 
SER 'L-peptide linking' y SERINE          ? 'C3 H7 N O3'     105.093 
THR 'L-peptide linking' y THREONINE       ? 'C4 H9 N O3'     119.119 
TRP 'L-peptide linking' y TRYPTOPHAN      ? 'C11 H12 N2 O2'  204.225 
TYR 'L-peptide linking' y TYROSINE        ? 'C9 H11 N O3'    181.189 
VAL 'L-peptide linking' y VALINE          ? 'C5 H11 N O2'    117.146 
# 
loop_
_pdbx_poly_seq_scheme.asym_id 
_pdbx_poly_seq_scheme.entity_id 
_pdbx_poly_seq_scheme.seq_id 
_pdbx_poly_seq_scheme.mon_id 
_pdbx_poly_seq_scheme.ndb_seq_num 
_pdbx_poly_seq_scheme.pdb_seq_num 
_pdbx_poly_seq_scheme.auth_seq_num 
_pdbx_poly_seq_scheme.pdb_mon_id 
_pdbx_poly_seq_scheme.auth_mon_id 
_pdbx_poly_seq_scheme.pdb_strand_id 
_pdbx_poly_seq_scheme.pdb_ins_code 
_pdbx_poly_seq_scheme.hetero 
A 1 1   GLY 1   1   1   GLY GLY A . n 
A 1 2   SER 2   2   2   SER SER A . n 
A 1 3   SER 3   3   3   SER SER A . n 
A 1 4   GLY 4   4   4   GLY GLY A . n 
A 1 5   SER 5   5   5   SER SER A . n 
A 1 6   SER 6   6   6   SER SER A . n 
A 1 7   GLY 7   7   7   GLY GLY A . n 
A 1 8   ASP 8   8   8   ASP ASP A . n 
A 1 9   ILE 9   9   9   ILE ILE A . n 
A 1 10  HIS 10  10  10  HIS HIS A . n 
A 1 11  GLN 11  11  11  GLN GLN A . n 
A 1 12  GLU 12  12  12  GLU GLU A . n 
A 1 13  MET 13  13  13  MET MET A . n 
A 1 14  ASP 14  14  14  ASP ASP A . n 
A 1 15  ARG 15  15  15  ARG ARG A . n 
A 1 16  GLU 16  16  16  GLU GLU A . n 
A 1 17  GLU 17  17  17  GLU GLU A . n 
A 1 18  LEU 18  18  18  LEU LEU A . n 
A 1 19  GLU 19  19  19  GLU GLU A . n 
A 1 20  LEU 20  20  20  LEU LEU A . n 
A 1 21  GLU 21  21  21  GLU GLU A . n 
A 1 22  GLU 22  22  22  GLU GLU A . n 
A 1 23  VAL 23  23  23  VAL VAL A . n 
A 1 24  ASP 24  24  24  ASP ASP A . n 
A 1 25  LEU 25  25  25  LEU LEU A . n 
A 1 26  TYR 26  26  26  TYR TYR A . n 
A 1 27  ARG 27  27  27  ARG ARG A . n 
A 1 28  MET 28  28  28  MET MET A . n 
A 1 29  ASN 29  29  29  ASN ASN A . n 
A 1 30  SER 30  30  30  SER SER A . n 
A 1 31  GLN 31  31  31  GLN GLN A . n 
A 1 32  ASP 32  32  32  ASP ASP A . n 
A 1 33  LYS 33  33  33  LYS LYS A . n 
A 1 34  LEU 34  34  34  LEU LEU A . n 
A 1 35  GLY 35  35  35  GLY GLY A . n 
A 1 36  LEU 36  36  36  LEU LEU A . n 
A 1 37  THR 37  37  37  THR THR A . n 
A 1 38  VAL 38  38  38  VAL VAL A . n 
A 1 39  CYS 39  39  39  CYS CYS A . n 
A 1 40  TYR 40  40  40  TYR TYR A . n 
A 1 41  ARG 41  41  41  ARG ARG A . n 
A 1 42  THR 42  42  42  THR THR A . n 
A 1 43  ASP 43  43  43  ASP ASP A . n 
A 1 44  ASP 44  44  44  ASP ASP A . n 
A 1 45  GLU 45  45  45  GLU GLU A . n 
A 1 46  ASP 46  46  46  ASP ASP A . n 
A 1 47  ASP 47  47  47  ASP ASP A . n 
A 1 48  ILE 48  48  48  ILE ILE A . n 
A 1 49  GLY 49  49  49  GLY GLY A . n 
A 1 50  ILE 50  50  50  ILE ILE A . n 
A 1 51  TYR 51  51  51  TYR TYR A . n 
A 1 52  ILE 52  52  52  ILE ILE A . n 
A 1 53  SER 53  53  53  SER SER A . n 
A 1 54  GLU 54  54  54  GLU GLU A . n 
A 1 55  ILE 55  55  55  ILE ILE A . n 
A 1 56  ASP 56  56  56  ASP ASP A . n 
A 1 57  PRO 57  57  57  PRO PRO A . n 
A 1 58  ASN 58  58  58  ASN ASN A . n 
A 1 59  SER 59  59  59  SER SER A . n 
A 1 60  ILE 60  60  60  ILE ILE A . n 
A 1 61  ALA 61  61  61  ALA ALA A . n 
A 1 62  ALA 62  62  62  ALA ALA A . n 
A 1 63  LYS 63  63  63  LYS LYS A . n 
A 1 64  ASP 64  64  64  ASP ASP A . n 
A 1 65  GLY 65  65  65  GLY GLY A . n 
A 1 66  ARG 66  66  66  ARG ARG A . n 
A 1 67  ILE 67  67  67  ILE ILE A . n 
A 1 68  ARG 68  68  68  ARG ARG A . n 
A 1 69  GLU 69  69  69  GLU GLU A . n 
A 1 70  GLY 70  70  70  GLY GLY A . n 
A 1 71  ASP 71  71  71  ASP ASP A . n 
A 1 72  ARG 72  72  72  ARG ARG A . n 
A 1 73  ILE 73  73  73  ILE ILE A . n 
A 1 74  ILE 74  74  74  ILE ILE A . n 
A 1 75  GLN 75  75  75  GLN GLN A . n 
A 1 76  ILE 76  76  76  ILE ILE A . n 
A 1 77  ASN 77  77  77  ASN ASN A . n 
A 1 78  GLY 78  78  78  GLY GLY A . n 
A 1 79  ILE 79  79  79  ILE ILE A . n 
A 1 80  GLU 80  80  80  GLU GLU A . n 
A 1 81  VAL 81  81  81  VAL VAL A . n 
A 1 82  GLN 82  82  82  GLN GLN A . n 
A 1 83  ASN 83  83  83  ASN ASN A . n 
A 1 84  ARG 84  84  84  ARG ARG A . n 
A 1 85  GLU 85  85  85  GLU GLU A . n 
A 1 86  GLU 86  86  86  GLU GLU A . n 
A 1 87  ALA 87  87  87  ALA ALA A . n 
A 1 88  VAL 88  88  88  VAL VAL A . n 
A 1 89  ALA 89  89  89  ALA ALA A . n 
A 1 90  LEU 90  90  90  LEU LEU A . n 
A 1 91  LEU 91  91  91  LEU LEU A . n 
A 1 92  THR 92  92  92  THR THR A . n 
A 1 93  SER 93  93  93  SER SER A . n 
A 1 94  GLU 94  94  94  GLU GLU A . n 
A 1 95  GLU 95  95  95  GLU GLU A . n 
A 1 96  ASN 96  96  96  ASN ASN A . n 
A 1 97  LYS 97  97  97  LYS LYS A . n 
A 1 98  ASN 98  98  98  ASN ASN A . n 
A 1 99  PHE 99  99  99  PHE PHE A . n 
A 1 100 SER 100 100 100 SER SER A . n 
A 1 101 LEU 101 101 101 LEU LEU A . n 
A 1 102 LEU 102 102 102 LEU LEU A . n 
A 1 103 ILE 103 103 103 ILE ILE A . n 
A 1 104 ALA 104 104 104 ALA ALA A . n 
A 1 105 ARG 105 105 105 ARG ARG A . n 
A 1 106 PRO 106 106 106 PRO PRO A . n 
A 1 107 GLU 107 107 107 GLU GLU A . n 
A 1 108 LEU 108 108 108 LEU LEU A . n 
A 1 109 GLN 109 109 109 GLN GLN A . n 
A 1 110 LEU 110 110 110 LEU LEU A . n 
A 1 111 ASP 111 111 111 ASP ASP A . n 
A 1 112 GLU 112 112 112 GLU GLU A . n 
A 1 113 GLY 113 113 113 GLY GLY A . n 
A 1 114 TRP 114 114 114 TRP TRP A . n 
A 1 115 MET 115 115 115 MET MET A . n 
A 1 116 ASP 116 116 116 ASP ASP A . n 
A 1 117 ASP 117 117 117 ASP ASP A . n 
A 1 118 ASP 118 118 118 ASP ASP A . n 
A 1 119 SER 119 119 119 SER SER A . n 
A 1 120 GLY 120 120 120 GLY GLY A . n 
A 1 121 PRO 121 121 121 PRO PRO A . n 
A 1 122 SER 122 122 122 SER SER A . n 
A 1 123 SER 123 123 123 SER SER A . n 
A 1 124 GLY 124 124 124 GLY GLY A . n 
# 
_exptl.entry_id          1WH1 
_exptl.method            'SOLUTION NMR' 
_exptl.crystals_number   ? 
# 
_exptl_crystal.id                    1 
_exptl_crystal.density_meas          ? 
_exptl_crystal.density_Matthews      ? 
_exptl_crystal.density_percent_sol   ? 
_exptl_crystal.description           ? 
# 
_diffrn.id                     1 
_diffrn.ambient_temp           ? 
_diffrn.ambient_temp_details   ? 
_diffrn.crystal_id             1 
# 
_diffrn_radiation.diffrn_id                        1 
_diffrn_radiation.wavelength_id                    1 
_diffrn_radiation.pdbx_monochromatic_or_laue_m_l   M 
_diffrn_radiation.monochromator                    ? 
_diffrn_radiation.pdbx_diffrn_protocol             'SINGLE WAVELENGTH' 
_diffrn_radiation.pdbx_scattering_type             ? 
# 
_diffrn_radiation_wavelength.id           1 
_diffrn_radiation_wavelength.wavelength   . 
_diffrn_radiation_wavelength.wt           1.0 
# 
_struct.entry_id                  1WH1 
_struct.title                     'Solution structure of the fourth PDZ domain of KIAA1095 protein' 
_struct.pdbx_model_details        ? 
_struct.pdbx_CASP_flag            ? 
_struct.pdbx_model_type_details   ? 
# 
_struct_keywords.entry_id        1WH1 
_struct_keywords.pdbx_keywords   'Structural genomics, unknown function' 
_struct_keywords.text            
'PDZ domain, KIAA1095, Structural genomics, RIKEN Structural Genomics/Proteomics Initiative, RSGI, unknown function' 
# 
_struct_asym.id                            A 
_struct_asym.pdbx_blank_PDB_chainid_flag   N 
_struct_asym.pdbx_modified                 N 
_struct_asym.entity_id                     1 
_struct_asym.details                       ? 
# 
_struct_ref.id                         1 
_struct_ref.db_name                    UNP 
_struct_ref.db_code                    PZRN3_HUMAN 
_struct_ref.pdbx_db_accession          Q9UPQ7 
_struct_ref.entity_id                  1 
_struct_ref.pdbx_seq_one_letter_code   
;DIHQEMDREELELEEVDLYRMNSQDKLGLTVCYRTDDEDDIGIYISEIDPNSIAAKDGRIREGDRIIQINGIEVQNREEA
VALLTSEENKNFSLLIARPELQLDEGWMDDD
;
_struct_ref.pdbx_align_begin           437 
_struct_ref.pdbx_db_isoform            ? 
# 
_struct_ref_seq.align_id                      1 
_struct_ref_seq.ref_id                        1 
_struct_ref_seq.pdbx_PDB_id_code              1WH1 
_struct_ref_seq.pdbx_strand_id                A 
_struct_ref_seq.seq_align_beg                 8 
_struct_ref_seq.pdbx_seq_align_beg_ins_code   ? 
_struct_ref_seq.seq_align_end                 118 
_struct_ref_seq.pdbx_seq_align_end_ins_code   ? 
_struct_ref_seq.pdbx_db_accession             Q9UPQ7 
_struct_ref_seq.db_align_beg                  437 
_struct_ref_seq.pdbx_db_align_beg_ins_code    ? 
_struct_ref_seq.db_align_end                  547 
_struct_ref_seq.pdbx_db_align_end_ins_code    ? 
_struct_ref_seq.pdbx_auth_seq_align_beg       8 
_struct_ref_seq.pdbx_auth_seq_align_end       118 
# 
loop_
_struct_ref_seq_dif.align_id 
_struct_ref_seq_dif.pdbx_pdb_id_code 
_struct_ref_seq_dif.mon_id 
_struct_ref_seq_dif.pdbx_pdb_strand_id 
_struct_ref_seq_dif.seq_num 
_struct_ref_seq_dif.pdbx_pdb_ins_code 
_struct_ref_seq_dif.pdbx_seq_db_name 
_struct_ref_seq_dif.pdbx_seq_db_accession_code 
_struct_ref_seq_dif.db_mon_id 
_struct_ref_seq_dif.pdbx_seq_db_seq_num 
_struct_ref_seq_dif.details 
_struct_ref_seq_dif.pdbx_auth_seq_num 
_struct_ref_seq_dif.pdbx_ordinal 
1 1WH1 GLY A 1   ? UNP Q9UPQ7 ? ? 'cloning artifact' 1   1  
1 1WH1 SER A 2   ? UNP Q9UPQ7 ? ? 'cloning artifact' 2   2  
1 1WH1 SER A 3   ? UNP Q9UPQ7 ? ? 'cloning artifact' 3   3  
1 1WH1 GLY A 4   ? UNP Q9UPQ7 ? ? 'cloning artifact' 4   4  
1 1WH1 SER A 5   ? UNP Q9UPQ7 ? ? 'cloning artifact' 5   5  
1 1WH1 SER A 6   ? UNP Q9UPQ7 ? ? 'cloning artifact' 6   6  
1 1WH1 GLY A 7   ? UNP Q9UPQ7 ? ? 'cloning artifact' 7   7  
1 1WH1 SER A 119 ? UNP Q9UPQ7 ? ? 'cloning artifact' 119 8  
1 1WH1 GLY A 120 ? UNP Q9UPQ7 ? ? 'cloning artifact' 120 9  
1 1WH1 PRO A 121 ? UNP Q9UPQ7 ? ? 'cloning artifact' 121 10 
1 1WH1 SER A 122 ? UNP Q9UPQ7 ? ? 'cloning artifact' 122 11 
1 1WH1 SER A 123 ? UNP Q9UPQ7 ? ? 'cloning artifact' 123 12 
1 1WH1 GLY A 124 ? UNP Q9UPQ7 ? ? 'cloning artifact' 124 13 
# 
_pdbx_struct_assembly.id                   1 
_pdbx_struct_assembly.details              author_defined_assembly 
_pdbx_struct_assembly.method_details       ? 
_pdbx_struct_assembly.oligomeric_details   monomeric 
_pdbx_struct_assembly.oligomeric_count     1 
# 
_pdbx_struct_assembly_gen.assembly_id       1 
_pdbx_struct_assembly_gen.oper_expression   1 
_pdbx_struct_assembly_gen.asym_id_list      A 
# 
_pdbx_struct_oper_list.id                   1 
_pdbx_struct_oper_list.type                 'identity operation' 
_pdbx_struct_oper_list.name                 1_555 
_pdbx_struct_oper_list.symmetry_operation   x,y,z 
_pdbx_struct_oper_list.matrix[1][1]         1.0000000000 
_pdbx_struct_oper_list.matrix[1][2]         0.0000000000 
_pdbx_struct_oper_list.matrix[1][3]         0.0000000000 
_pdbx_struct_oper_list.vector[1]            0.0000000000 
_pdbx_struct_oper_list.matrix[2][1]         0.0000000000 
_pdbx_struct_oper_list.matrix[2][2]         1.0000000000 
_pdbx_struct_oper_list.matrix[2][3]         0.0000000000 
_pdbx_struct_oper_list.vector[2]            0.0000000000 
_pdbx_struct_oper_list.matrix[3][1]         0.0000000000 
_pdbx_struct_oper_list.matrix[3][2]         0.0000000000 
_pdbx_struct_oper_list.matrix[3][3]         1.0000000000 
_pdbx_struct_oper_list.vector[3]            0.0000000000 
# 
_struct_biol.id   1 
# 
loop_
_struct_conf.conf_type_id 
_struct_conf.id 
_struct_conf.pdbx_PDB_helix_id 
_struct_conf.beg_label_comp_id 
_struct_conf.beg_label_asym_id 
_struct_conf.beg_label_seq_id 
_struct_conf.pdbx_beg_PDB_ins_code 
_struct_conf.end_label_comp_id 
_struct_conf.end_label_asym_id 
_struct_conf.end_label_seq_id 
_struct_conf.pdbx_end_PDB_ins_code 
_struct_conf.beg_auth_comp_id 
_struct_conf.beg_auth_asym_id 
_struct_conf.beg_auth_seq_id 
_struct_conf.end_auth_comp_id 
_struct_conf.end_auth_asym_id 
_struct_conf.end_auth_seq_id 
_struct_conf.pdbx_PDB_helix_class 
_struct_conf.details 
_struct_conf.pdbx_PDB_helix_length 
HELX_P HELX_P1 1 SER A 59 ? ASP A 64 ? SER A 59 ASP A 64 1 ? 6  
HELX_P HELX_P2 2 ASN A 83 ? THR A 92 ? ASN A 83 THR A 92 1 ? 10 
# 
_struct_conf_type.id          HELX_P 
_struct_conf_type.criteria    ? 
_struct_conf_type.reference   ? 
# 
_struct_sheet.id               A 
_struct_sheet.type             ? 
_struct_sheet.number_strands   5 
_struct_sheet.details          ? 
# 
loop_
_struct_sheet_order.sheet_id 
_struct_sheet_order.range_id_1 
_struct_sheet_order.range_id_2 
_struct_sheet_order.offset 
_struct_sheet_order.sense 
A 1 2 ? anti-parallel 
A 2 3 ? anti-parallel 
A 3 4 ? anti-parallel 
A 4 5 ? anti-parallel 
# 
loop_
_struct_sheet_range.sheet_id 
_struct_sheet_range.id 
_struct_sheet_range.beg_label_comp_id 
_struct_sheet_range.beg_label_asym_id 
_struct_sheet_range.beg_label_seq_id 
_struct_sheet_range.pdbx_beg_PDB_ins_code 
_struct_sheet_range.end_label_comp_id 
_struct_sheet_range.end_label_asym_id 
_struct_sheet_range.end_label_seq_id 
_struct_sheet_range.pdbx_end_PDB_ins_code 
_struct_sheet_range.beg_auth_comp_id 
_struct_sheet_range.beg_auth_asym_id 
_struct_sheet_range.beg_auth_seq_id 
_struct_sheet_range.end_auth_comp_id 
_struct_sheet_range.end_auth_asym_id 
_struct_sheet_range.end_auth_seq_id 
A 1 GLU A 19  ? LEU A 20  ? GLU A 19  LEU A 20  
A 2 LEU A 101 ? ARG A 105 ? LEU A 101 ARG A 105 
A 3 ARG A 72  ? ILE A 76  ? ARG A 72  ILE A 76  
A 4 ILE A 50  ? ILE A 55  ? ILE A 50  ILE A 55  
A 5 LEU A 36  ? CYS A 39  ? LEU A 36  CYS A 39  
# 
loop_
_pdbx_struct_sheet_hbond.sheet_id 
_pdbx_struct_sheet_hbond.range_id_1 
_pdbx_struct_sheet_hbond.range_id_2 
_pdbx_struct_sheet_hbond.range_1_label_atom_id 
_pdbx_struct_sheet_hbond.range_1_label_comp_id 
_pdbx_struct_sheet_hbond.range_1_label_asym_id 
_pdbx_struct_sheet_hbond.range_1_label_seq_id 
_pdbx_struct_sheet_hbond.range_1_PDB_ins_code 
_pdbx_struct_sheet_hbond.range_1_auth_atom_id 
_pdbx_struct_sheet_hbond.range_1_auth_comp_id 
_pdbx_struct_sheet_hbond.range_1_auth_asym_id 
_pdbx_struct_sheet_hbond.range_1_auth_seq_id 
_pdbx_struct_sheet_hbond.range_2_label_atom_id 
_pdbx_struct_sheet_hbond.range_2_label_comp_id 
_pdbx_struct_sheet_hbond.range_2_label_asym_id 
_pdbx_struct_sheet_hbond.range_2_label_seq_id 
_pdbx_struct_sheet_hbond.range_2_PDB_ins_code 
_pdbx_struct_sheet_hbond.range_2_auth_atom_id 
_pdbx_struct_sheet_hbond.range_2_auth_comp_id 
_pdbx_struct_sheet_hbond.range_2_auth_asym_id 
_pdbx_struct_sheet_hbond.range_2_auth_seq_id 
A 1 2 N GLU A 19  ? N GLU A 19  O ARG A 105 ? O ARG A 105 
A 2 3 O LEU A 102 ? O LEU A 102 N GLN A 75  ? N GLN A 75  
A 3 4 O ILE A 73  ? O ILE A 73  N ILE A 50  ? N ILE A 50  
A 4 5 O GLU A 54  ? O GLU A 54  N THR A 37  ? N THR A 37  
# 
loop_
_pdbx_validate_close_contact.id 
_pdbx_validate_close_contact.PDB_model_num 
_pdbx_validate_close_contact.auth_atom_id_1 
_pdbx_validate_close_contact.auth_asym_id_1 
_pdbx_validate_close_contact.auth_comp_id_1 
_pdbx_validate_close_contact.auth_seq_id_1 
_pdbx_validate_close_contact.PDB_ins_code_1 
_pdbx_validate_close_contact.label_alt_id_1 
_pdbx_validate_close_contact.auth_atom_id_2 
_pdbx_validate_close_contact.auth_asym_id_2 
_pdbx_validate_close_contact.auth_comp_id_2 
_pdbx_validate_close_contact.auth_seq_id_2 
_pdbx_validate_close_contact.PDB_ins_code_2 
_pdbx_validate_close_contact.label_alt_id_2 
_pdbx_validate_close_contact.dist 
1 1 O A GLU 85 ? ? H A ALA 89  ? ? 1.45 
2 1 O A ASN 29 ? ? H A ASP 32  ? ? 1.49 
3 1 O A SER 59 ? ? H A LYS 63  ? ? 1.52 
4 1 H A ASN 77 ? ? O A SER 100 ? ? 1.53 
# 
loop_
_pdbx_validate_torsion.id 
_pdbx_validate_torsion.PDB_model_num 
_pdbx_validate_torsion.auth_comp_id 
_pdbx_validate_torsion.auth_asym_id 
_pdbx_validate_torsion.auth_seq_id 
_pdbx_validate_torsion.PDB_ins_code 
_pdbx_validate_torsion.label_alt_id 
_pdbx_validate_torsion.phi 
_pdbx_validate_torsion.psi 
1  1 HIS A 10  ? ? 62.23   131.77  
2  1 GLN A 11  ? ? -174.19 78.86   
3  1 GLU A 17  ? ? 179.97  -32.85  
4  1 ARG A 41  ? ? -140.04 -45.96  
5  1 THR A 42  ? ? 56.99   -117.82 
6  1 ASP A 47  ? ? -179.66 127.18  
7  1 ILE A 48  ? ? -59.84  -114.07 
8  1 ASN A 58  ? ? -119.25 75.45   
9  1 ASP A 64  ? ? -116.25 -74.64  
10 1 ILE A 67  ? ? -36.61  152.25  
11 1 GLN A 82  ? ? -146.96 17.90   
12 1 GLU A 94  ? ? -85.38  46.96   
13 1 GLU A 95  ? ? -151.94 -45.13  
14 1 LEU A 108 ? ? 68.14   -71.69  
15 1 GLN A 109 ? ? 61.85   153.16  
16 1 GLU A 112 ? ? -152.56 73.96   
17 1 TRP A 114 ? ? 60.52   66.13   
18 1 ASP A 116 ? ? -61.10  94.67   
19 1 ASP A 117 ? ? -179.21 139.64  
20 1 ASP A 118 ? ? -59.39  94.99   
21 1 SER A 119 ? ? -173.44 132.35  
# 
_pdbx_SG_project.id                    1 
_pdbx_SG_project.project_name          ? 
_pdbx_SG_project.full_name_of_center   'RIKEN Structural Genomics/Proteomics Initiative' 
_pdbx_SG_project.initial_of_center     RSGI 
# 
_pdbx_nmr_ensemble.entry_id                             1WH1 
_pdbx_nmr_ensemble.conformers_calculated_total_number   ? 
_pdbx_nmr_ensemble.conformers_submitted_total_number    1 
_pdbx_nmr_ensemble.conformer_selection_criteria         ? 
# 
_pdbx_nmr_sample_details.solution_id      1 
_pdbx_nmr_sample_details.contents         '1.10mM 13C, 15N-labeled protein;20mM PiNa(pH6.0); 100mM NaCl; 1mM d-DTT; 0.02% NaN3' 
_pdbx_nmr_sample_details.solvent_system   '90% H2O/10% D2O' 
# 
_pdbx_nmr_exptl_sample_conditions.conditions_id       1 
_pdbx_nmr_exptl_sample_conditions.temperature         298 
_pdbx_nmr_exptl_sample_conditions.pressure            ambient 
_pdbx_nmr_exptl_sample_conditions.pH                  6.0 
_pdbx_nmr_exptl_sample_conditions.ionic_strength      120mM 
_pdbx_nmr_exptl_sample_conditions.pressure_units      ? 
_pdbx_nmr_exptl_sample_conditions.temperature_units   K 
# 
loop_
_pdbx_nmr_exptl.experiment_id 
_pdbx_nmr_exptl.solution_id 
_pdbx_nmr_exptl.conditions_id 
_pdbx_nmr_exptl.type 
1 1 1 3D_13C-separated_NOESY 
2 1 1 3D_15N-separated_NOESY 
# 
_pdbx_nmr_refine.entry_id           1WH1 
_pdbx_nmr_refine.method             'torsion angle dynamic' 
_pdbx_nmr_refine.details            ? 
_pdbx_nmr_refine.software_ordinal   1 
# 
loop_
_pdbx_nmr_software.name 
_pdbx_nmr_software.version 
_pdbx_nmr_software.classification 
_pdbx_nmr_software.authors 
_pdbx_nmr_software.ordinal 
XwinNMR 2.6      collection           Bruker          1 
NMRPipe 20020425 processing           Delaglio.F.     2 
NMRView 5.0.4    'data analysis'      'Johnson, B.A.' 3 
KUJIRA  0.854    'data analysis'      'Kobayashi, N.' 4 
CYANA   1.0.7    'structure solution' 'Guentert, P.'  5 
CYANA   1.0.7    refinement           'Guentert, P.'  6 
# 
loop_
_chem_comp_atom.comp_id 
_chem_comp_atom.atom_id 
_chem_comp_atom.type_symbol 
_chem_comp_atom.pdbx_aromatic_flag 
_chem_comp_atom.pdbx_stereo_config 
_chem_comp_atom.pdbx_ordinal 
ALA N    N N N 1   
ALA CA   C N S 2   
ALA C    C N N 3   
ALA O    O N N 4   
ALA CB   C N N 5   
ALA OXT  O N N 6   
ALA H    H N N 7   
ALA H2   H N N 8   
ALA HA   H N N 9   
ALA HB1  H N N 10  
ALA HB2  H N N 11  
ALA HB3  H N N 12  
ALA HXT  H N N 13  
ARG N    N N N 14  
ARG CA   C N S 15  
ARG C    C N N 16  
ARG O    O N N 17  
ARG CB   C N N 18  
ARG CG   C N N 19  
ARG CD   C N N 20  
ARG NE   N N N 21  
ARG CZ   C N N 22  
ARG NH1  N N N 23  
ARG NH2  N N N 24  
ARG OXT  O N N 25  
ARG H    H N N 26  
ARG H2   H N N 27  
ARG HA   H N N 28  
ARG HB2  H N N 29  
ARG HB3  H N N 30  
ARG HG2  H N N 31  
ARG HG3  H N N 32  
ARG HD2  H N N 33  
ARG HD3  H N N 34  
ARG HE   H N N 35  
ARG HH11 H N N 36  
ARG HH12 H N N 37  
ARG HH21 H N N 38  
ARG HH22 H N N 39  
ARG HXT  H N N 40  
ASN N    N N N 41  
ASN CA   C N S 42  
ASN C    C N N 43  
ASN O    O N N 44  
ASN CB   C N N 45  
ASN CG   C N N 46  
ASN OD1  O N N 47  
ASN ND2  N N N 48  
ASN OXT  O N N 49  
ASN H    H N N 50  
ASN H2   H N N 51  
ASN HA   H N N 52  
ASN HB2  H N N 53  
ASN HB3  H N N 54  
ASN HD21 H N N 55  
ASN HD22 H N N 56  
ASN HXT  H N N 57  
ASP N    N N N 58  
ASP CA   C N S 59  
ASP C    C N N 60  
ASP O    O N N 61  
ASP CB   C N N 62  
ASP CG   C N N 63  
ASP OD1  O N N 64  
ASP OD2  O N N 65  
ASP OXT  O N N 66  
ASP H    H N N 67  
ASP H2   H N N 68  
ASP HA   H N N 69  
ASP HB2  H N N 70  
ASP HB3  H N N 71  
ASP HD2  H N N 72  
ASP HXT  H N N 73  
CYS N    N N N 74  
CYS CA   C N R 75  
CYS C    C N N 76  
CYS O    O N N 77  
CYS CB   C N N 78  
CYS SG   S N N 79  
CYS OXT  O N N 80  
CYS H    H N N 81  
CYS H2   H N N 82  
CYS HA   H N N 83  
CYS HB2  H N N 84  
CYS HB3  H N N 85  
CYS HG   H N N 86  
CYS HXT  H N N 87  
GLN N    N N N 88  
GLN CA   C N S 89  
GLN C    C N N 90  
GLN O    O N N 91  
GLN CB   C N N 92  
GLN CG   C N N 93  
GLN CD   C N N 94  
GLN OE1  O N N 95  
GLN NE2  N N N 96  
GLN OXT  O N N 97  
GLN H    H N N 98  
GLN H2   H N N 99  
GLN HA   H N N 100 
GLN HB2  H N N 101 
GLN HB3  H N N 102 
GLN HG2  H N N 103 
GLN HG3  H N N 104 
GLN HE21 H N N 105 
GLN HE22 H N N 106 
GLN HXT  H N N 107 
GLU N    N N N 108 
GLU CA   C N S 109 
GLU C    C N N 110 
GLU O    O N N 111 
GLU CB   C N N 112 
GLU CG   C N N 113 
GLU CD   C N N 114 
GLU OE1  O N N 115 
GLU OE2  O N N 116 
GLU OXT  O N N 117 
GLU H    H N N 118 
GLU H2   H N N 119 
GLU HA   H N N 120 
GLU HB2  H N N 121 
GLU HB3  H N N 122 
GLU HG2  H N N 123 
GLU HG3  H N N 124 
GLU HE2  H N N 125 
GLU HXT  H N N 126 
GLY N    N N N 127 
GLY CA   C N N 128 
GLY C    C N N 129 
GLY O    O N N 130 
GLY OXT  O N N 131 
GLY H    H N N 132 
GLY H2   H N N 133 
GLY HA2  H N N 134 
GLY HA3  H N N 135 
GLY HXT  H N N 136 
HIS N    N N N 137 
HIS CA   C N S 138 
HIS C    C N N 139 
HIS O    O N N 140 
HIS CB   C N N 141 
HIS CG   C Y N 142 
HIS ND1  N Y N 143 
HIS CD2  C Y N 144 
HIS CE1  C Y N 145 
HIS NE2  N Y N 146 
HIS OXT  O N N 147 
HIS H    H N N 148 
HIS H2   H N N 149 
HIS HA   H N N 150 
HIS HB2  H N N 151 
HIS HB3  H N N 152 
HIS HD1  H N N 153 
HIS HD2  H N N 154 
HIS HE1  H N N 155 
HIS HE2  H N N 156 
HIS HXT  H N N 157 
ILE N    N N N 158 
ILE CA   C N S 159 
ILE C    C N N 160 
ILE O    O N N 161 
ILE CB   C N S 162 
ILE CG1  C N N 163 
ILE CG2  C N N 164 
ILE CD1  C N N 165 
ILE OXT  O N N 166 
ILE H    H N N 167 
ILE H2   H N N 168 
ILE HA   H N N 169 
ILE HB   H N N 170 
ILE HG12 H N N 171 
ILE HG13 H N N 172 
ILE HG21 H N N 173 
ILE HG22 H N N 174 
ILE HG23 H N N 175 
ILE HD11 H N N 176 
ILE HD12 H N N 177 
ILE HD13 H N N 178 
ILE HXT  H N N 179 
LEU N    N N N 180 
LEU CA   C N S 181 
LEU C    C N N 182 
LEU O    O N N 183 
LEU CB   C N N 184 
LEU CG   C N N 185 
LEU CD1  C N N 186 
LEU CD2  C N N 187 
LEU OXT  O N N 188 
LEU H    H N N 189 
LEU H2   H N N 190 
LEU HA   H N N 191 
LEU HB2  H N N 192 
LEU HB3  H N N 193 
LEU HG   H N N 194 
LEU HD11 H N N 195 
LEU HD12 H N N 196 
LEU HD13 H N N 197 
LEU HD21 H N N 198 
LEU HD22 H N N 199 
LEU HD23 H N N 200 
LEU HXT  H N N 201 
LYS N    N N N 202 
LYS CA   C N S 203 
LYS C    C N N 204 
LYS O    O N N 205 
LYS CB   C N N 206 
LYS CG   C N N 207 
LYS CD   C N N 208 
LYS CE   C N N 209 
LYS NZ   N N N 210 
LYS OXT  O N N 211 
LYS H    H N N 212 
LYS H2   H N N 213 
LYS HA   H N N 214 
LYS HB2  H N N 215 
LYS HB3  H N N 216 
LYS HG2  H N N 217 
LYS HG3  H N N 218 
LYS HD2  H N N 219 
LYS HD3  H N N 220 
LYS HE2  H N N 221 
LYS HE3  H N N 222 
LYS HZ1  H N N 223 
LYS HZ2  H N N 224 
LYS HZ3  H N N 225 
LYS HXT  H N N 226 
MET N    N N N 227 
MET CA   C N S 228 
MET C    C N N 229 
MET O    O N N 230 
MET CB   C N N 231 
MET CG   C N N 232 
MET SD   S N N 233 
MET CE   C N N 234 
MET OXT  O N N 235 
MET H    H N N 236 
MET H2   H N N 237 
MET HA   H N N 238 
MET HB2  H N N 239 
MET HB3  H N N 240 
MET HG2  H N N 241 
MET HG3  H N N 242 
MET HE1  H N N 243 
MET HE2  H N N 244 
MET HE3  H N N 245 
MET HXT  H N N 246 
PHE N    N N N 247 
PHE CA   C N S 248 
PHE C    C N N 249 
PHE O    O N N 250 
PHE CB   C N N 251 
PHE CG   C Y N 252 
PHE CD1  C Y N 253 
PHE CD2  C Y N 254 
PHE CE1  C Y N 255 
PHE CE2  C Y N 256 
PHE CZ   C Y N 257 
PHE OXT  O N N 258 
PHE H    H N N 259 
PHE H2   H N N 260 
PHE HA   H N N 261 
PHE HB2  H N N 262 
PHE HB3  H N N 263 
PHE HD1  H N N 264 
PHE HD2  H N N 265 
PHE HE1  H N N 266 
PHE HE2  H N N 267 
PHE HZ   H N N 268 
PHE HXT  H N N 269 
PRO N    N N N 270 
PRO CA   C N S 271 
PRO C    C N N 272 
PRO O    O N N 273 
PRO CB   C N N 274 
PRO CG   C N N 275 
PRO CD   C N N 276 
PRO OXT  O N N 277 
PRO H    H N N 278 
PRO HA   H N N 279 
PRO HB2  H N N 280 
PRO HB3  H N N 281 
PRO HG2  H N N 282 
PRO HG3  H N N 283 
PRO HD2  H N N 284 
PRO HD3  H N N 285 
PRO HXT  H N N 286 
SER N    N N N 287 
SER CA   C N S 288 
SER C    C N N 289 
SER O    O N N 290 
SER CB   C N N 291 
SER OG   O N N 292 
SER OXT  O N N 293 
SER H    H N N 294 
SER H2   H N N 295 
SER HA   H N N 296 
SER HB2  H N N 297 
SER HB3  H N N 298 
SER HG   H N N 299 
SER HXT  H N N 300 
THR N    N N N 301 
THR CA   C N S 302 
THR C    C N N 303 
THR O    O N N 304 
THR CB   C N R 305 
THR OG1  O N N 306 
THR CG2  C N N 307 
THR OXT  O N N 308 
THR H    H N N 309 
THR H2   H N N 310 
THR HA   H N N 311 
THR HB   H N N 312 
THR HG1  H N N 313 
THR HG21 H N N 314 
THR HG22 H N N 315 
THR HG23 H N N 316 
THR HXT  H N N 317 
TRP N    N N N 318 
TRP CA   C N S 319 
TRP C    C N N 320 
TRP O    O N N 321 
TRP CB   C N N 322 
TRP CG   C Y N 323 
TRP CD1  C Y N 324 
TRP CD2  C Y N 325 
TRP NE1  N Y N 326 
TRP CE2  C Y N 327 
TRP CE3  C Y N 328 
TRP CZ2  C Y N 329 
TRP CZ3  C Y N 330 
TRP CH2  C Y N 331 
TRP OXT  O N N 332 
TRP H    H N N 333 
TRP H2   H N N 334 
TRP HA   H N N 335 
TRP HB2  H N N 336 
TRP HB3  H N N 337 
TRP HD1  H N N 338 
TRP HE1  H N N 339 
TRP HE3  H N N 340 
TRP HZ2  H N N 341 
TRP HZ3  H N N 342 
TRP HH2  H N N 343 
TRP HXT  H N N 344 
TYR N    N N N 345 
TYR CA   C N S 346 
TYR C    C N N 347 
TYR O    O N N 348 
TYR CB   C N N 349 
TYR CG   C Y N 350 
TYR CD1  C Y N 351 
TYR CD2  C Y N 352 
TYR CE1  C Y N 353 
TYR CE2  C Y N 354 
TYR CZ   C Y N 355 
TYR OH   O N N 356 
TYR OXT  O N N 357 
TYR H    H N N 358 
TYR H2   H N N 359 
TYR HA   H N N 360 
TYR HB2  H N N 361 
TYR HB3  H N N 362 
TYR HD1  H N N 363 
TYR HD2  H N N 364 
TYR HE1  H N N 365 
TYR HE2  H N N 366 
TYR HH   H N N 367 
TYR HXT  H N N 368 
VAL N    N N N 369 
VAL CA   C N S 370 
VAL C    C N N 371 
VAL O    O N N 372 
VAL CB   C N N 373 
VAL CG1  C N N 374 
VAL CG2  C N N 375 
VAL OXT  O N N 376 
VAL H    H N N 377 
VAL H2   H N N 378 
VAL HA   H N N 379 
VAL HB   H N N 380 
VAL HG11 H N N 381 
VAL HG12 H N N 382 
VAL HG13 H N N 383 
VAL HG21 H N N 384 
VAL HG22 H N N 385 
VAL HG23 H N N 386 
VAL HXT  H N N 387 
# 
loop_
_chem_comp_bond.comp_id 
_chem_comp_bond.atom_id_1 
_chem_comp_bond.atom_id_2 
_chem_comp_bond.value_order 
_chem_comp_bond.pdbx_aromatic_flag 
_chem_comp_bond.pdbx_stereo_config 
_chem_comp_bond.pdbx_ordinal 
ALA N   CA   sing N N 1   
ALA N   H    sing N N 2   
ALA N   H2   sing N N 3   
ALA CA  C    sing N N 4   
ALA CA  CB   sing N N 5   
ALA CA  HA   sing N N 6   
ALA C   O    doub N N 7   
ALA C   OXT  sing N N 8   
ALA CB  HB1  sing N N 9   
ALA CB  HB2  sing N N 10  
ALA CB  HB3  sing N N 11  
ALA OXT HXT  sing N N 12  
ARG N   CA   sing N N 13  
ARG N   H    sing N N 14  
ARG N   H2   sing N N 15  
ARG CA  C    sing N N 16  
ARG CA  CB   sing N N 17  
ARG CA  HA   sing N N 18  
ARG C   O    doub N N 19  
ARG C   OXT  sing N N 20  
ARG CB  CG   sing N N 21  
ARG CB  HB2  sing N N 22  
ARG CB  HB3  sing N N 23  
ARG CG  CD   sing N N 24  
ARG CG  HG2  sing N N 25  
ARG CG  HG3  sing N N 26  
ARG CD  NE   sing N N 27  
ARG CD  HD2  sing N N 28  
ARG CD  HD3  sing N N 29  
ARG NE  CZ   sing N N 30  
ARG NE  HE   sing N N 31  
ARG CZ  NH1  sing N N 32  
ARG CZ  NH2  doub N N 33  
ARG NH1 HH11 sing N N 34  
ARG NH1 HH12 sing N N 35  
ARG NH2 HH21 sing N N 36  
ARG NH2 HH22 sing N N 37  
ARG OXT HXT  sing N N 38  
ASN N   CA   sing N N 39  
ASN N   H    sing N N 40  
ASN N   H2   sing N N 41  
ASN CA  C    sing N N 42  
ASN CA  CB   sing N N 43  
ASN CA  HA   sing N N 44  
ASN C   O    doub N N 45  
ASN C   OXT  sing N N 46  
ASN CB  CG   sing N N 47  
ASN CB  HB2  sing N N 48  
ASN CB  HB3  sing N N 49  
ASN CG  OD1  doub N N 50  
ASN CG  ND2  sing N N 51  
ASN ND2 HD21 sing N N 52  
ASN ND2 HD22 sing N N 53  
ASN OXT HXT  sing N N 54  
ASP N   CA   sing N N 55  
ASP N   H    sing N N 56  
ASP N   H2   sing N N 57  
ASP CA  C    sing N N 58  
ASP CA  CB   sing N N 59  
ASP CA  HA   sing N N 60  
ASP C   O    doub N N 61  
ASP C   OXT  sing N N 62  
ASP CB  CG   sing N N 63  
ASP CB  HB2  sing N N 64  
ASP CB  HB3  sing N N 65  
ASP CG  OD1  doub N N 66  
ASP CG  OD2  sing N N 67  
ASP OD2 HD2  sing N N 68  
ASP OXT HXT  sing N N 69  
CYS N   CA   sing N N 70  
CYS N   H    sing N N 71  
CYS N   H2   sing N N 72  
CYS CA  C    sing N N 73  
CYS CA  CB   sing N N 74  
CYS CA  HA   sing N N 75  
CYS C   O    doub N N 76  
CYS C   OXT  sing N N 77  
CYS CB  SG   sing N N 78  
CYS CB  HB2  sing N N 79  
CYS CB  HB3  sing N N 80  
CYS SG  HG   sing N N 81  
CYS OXT HXT  sing N N 82  
GLN N   CA   sing N N 83  
GLN N   H    sing N N 84  
GLN N   H2   sing N N 85  
GLN CA  C    sing N N 86  
GLN CA  CB   sing N N 87  
GLN CA  HA   sing N N 88  
GLN C   O    doub N N 89  
GLN C   OXT  sing N N 90  
GLN CB  CG   sing N N 91  
GLN CB  HB2  sing N N 92  
GLN CB  HB3  sing N N 93  
GLN CG  CD   sing N N 94  
GLN CG  HG2  sing N N 95  
GLN CG  HG3  sing N N 96  
GLN CD  OE1  doub N N 97  
GLN CD  NE2  sing N N 98  
GLN NE2 HE21 sing N N 99  
GLN NE2 HE22 sing N N 100 
GLN OXT HXT  sing N N 101 
GLU N   CA   sing N N 102 
GLU N   H    sing N N 103 
GLU N   H2   sing N N 104 
GLU CA  C    sing N N 105 
GLU CA  CB   sing N N 106 
GLU CA  HA   sing N N 107 
GLU C   O    doub N N 108 
GLU C   OXT  sing N N 109 
GLU CB  CG   sing N N 110 
GLU CB  HB2  sing N N 111 
GLU CB  HB3  sing N N 112 
GLU CG  CD   sing N N 113 
GLU CG  HG2  sing N N 114 
GLU CG  HG3  sing N N 115 
GLU CD  OE1  doub N N 116 
GLU CD  OE2  sing N N 117 
GLU OE2 HE2  sing N N 118 
GLU OXT HXT  sing N N 119 
GLY N   CA   sing N N 120 
GLY N   H    sing N N 121 
GLY N   H2   sing N N 122 
GLY CA  C    sing N N 123 
GLY CA  HA2  sing N N 124 
GLY CA  HA3  sing N N 125 
GLY C   O    doub N N 126 
GLY C   OXT  sing N N 127 
GLY OXT HXT  sing N N 128 
HIS N   CA   sing N N 129 
HIS N   H    sing N N 130 
HIS N   H2   sing N N 131 
HIS CA  C    sing N N 132 
HIS CA  CB   sing N N 133 
HIS CA  HA   sing N N 134 
HIS C   O    doub N N 135 
HIS C   OXT  sing N N 136 
HIS CB  CG   sing N N 137 
HIS CB  HB2  sing N N 138 
HIS CB  HB3  sing N N 139 
HIS CG  ND1  sing Y N 140 
HIS CG  CD2  doub Y N 141 
HIS ND1 CE1  doub Y N 142 
HIS ND1 HD1  sing N N 143 
HIS CD2 NE2  sing Y N 144 
HIS CD2 HD2  sing N N 145 
HIS CE1 NE2  sing Y N 146 
HIS CE1 HE1  sing N N 147 
HIS NE2 HE2  sing N N 148 
HIS OXT HXT  sing N N 149 
ILE N   CA   sing N N 150 
ILE N   H    sing N N 151 
ILE N   H2   sing N N 152 
ILE CA  C    sing N N 153 
ILE CA  CB   sing N N 154 
ILE CA  HA   sing N N 155 
ILE C   O    doub N N 156 
ILE C   OXT  sing N N 157 
ILE CB  CG1  sing N N 158 
ILE CB  CG2  sing N N 159 
ILE CB  HB   sing N N 160 
ILE CG1 CD1  sing N N 161 
ILE CG1 HG12 sing N N 162 
ILE CG1 HG13 sing N N 163 
ILE CG2 HG21 sing N N 164 
ILE CG2 HG22 sing N N 165 
ILE CG2 HG23 sing N N 166 
ILE CD1 HD11 sing N N 167 
ILE CD1 HD12 sing N N 168 
ILE CD1 HD13 sing N N 169 
ILE OXT HXT  sing N N 170 
LEU N   CA   sing N N 171 
LEU N   H    sing N N 172 
LEU N   H2   sing N N 173 
LEU CA  C    sing N N 174 
LEU CA  CB   sing N N 175 
LEU CA  HA   sing N N 176 
LEU C   O    doub N N 177 
LEU C   OXT  sing N N 178 
LEU CB  CG   sing N N 179 
LEU CB  HB2  sing N N 180 
LEU CB  HB3  sing N N 181 
LEU CG  CD1  sing N N 182 
LEU CG  CD2  sing N N 183 
LEU CG  HG   sing N N 184 
LEU CD1 HD11 sing N N 185 
LEU CD1 HD12 sing N N 186 
LEU CD1 HD13 sing N N 187 
LEU CD2 HD21 sing N N 188 
LEU CD2 HD22 sing N N 189 
LEU CD2 HD23 sing N N 190 
LEU OXT HXT  sing N N 191 
LYS N   CA   sing N N 192 
LYS N   H    sing N N 193 
LYS N   H2   sing N N 194 
LYS CA  C    sing N N 195 
LYS CA  CB   sing N N 196 
LYS CA  HA   sing N N 197 
LYS C   O    doub N N 198 
LYS C   OXT  sing N N 199 
LYS CB  CG   sing N N 200 
LYS CB  HB2  sing N N 201 
LYS CB  HB3  sing N N 202 
LYS CG  CD   sing N N 203 
LYS CG  HG2  sing N N 204 
LYS CG  HG3  sing N N 205 
LYS CD  CE   sing N N 206 
LYS CD  HD2  sing N N 207 
LYS CD  HD3  sing N N 208 
LYS CE  NZ   sing N N 209 
LYS CE  HE2  sing N N 210 
LYS CE  HE3  sing N N 211 
LYS NZ  HZ1  sing N N 212 
LYS NZ  HZ2  sing N N 213 
LYS NZ  HZ3  sing N N 214 
LYS OXT HXT  sing N N 215 
MET N   CA   sing N N 216 
MET N   H    sing N N 217 
MET N   H2   sing N N 218 
MET CA  C    sing N N 219 
MET CA  CB   sing N N 220 
MET CA  HA   sing N N 221 
MET C   O    doub N N 222 
MET C   OXT  sing N N 223 
MET CB  CG   sing N N 224 
MET CB  HB2  sing N N 225 
MET CB  HB3  sing N N 226 
MET CG  SD   sing N N 227 
MET CG  HG2  sing N N 228 
MET CG  HG3  sing N N 229 
MET SD  CE   sing N N 230 
MET CE  HE1  sing N N 231 
MET CE  HE2  sing N N 232 
MET CE  HE3  sing N N 233 
MET OXT HXT  sing N N 234 
PHE N   CA   sing N N 235 
PHE N   H    sing N N 236 
PHE N   H2   sing N N 237 
PHE CA  C    sing N N 238 
PHE CA  CB   sing N N 239 
PHE CA  HA   sing N N 240 
PHE C   O    doub N N 241 
PHE C   OXT  sing N N 242 
PHE CB  CG   sing N N 243 
PHE CB  HB2  sing N N 244 
PHE CB  HB3  sing N N 245 
PHE CG  CD1  doub Y N 246 
PHE CG  CD2  sing Y N 247 
PHE CD1 CE1  sing Y N 248 
PHE CD1 HD1  sing N N 249 
PHE CD2 CE2  doub Y N 250 
PHE CD2 HD2  sing N N 251 
PHE CE1 CZ   doub Y N 252 
PHE CE1 HE1  sing N N 253 
PHE CE2 CZ   sing Y N 254 
PHE CE2 HE2  sing N N 255 
PHE CZ  HZ   sing N N 256 
PHE OXT HXT  sing N N 257 
PRO N   CA   sing N N 258 
PRO N   CD   sing N N 259 
PRO N   H    sing N N 260 
PRO CA  C    sing N N 261 
PRO CA  CB   sing N N 262 
PRO CA  HA   sing N N 263 
PRO C   O    doub N N 264 
PRO C   OXT  sing N N 265 
PRO CB  CG   sing N N 266 
PRO CB  HB2  sing N N 267 
PRO CB  HB3  sing N N 268 
PRO CG  CD   sing N N 269 
PRO CG  HG2  sing N N 270 
PRO CG  HG3  sing N N 271 
PRO CD  HD2  sing N N 272 
PRO CD  HD3  sing N N 273 
PRO OXT HXT  sing N N 274 
SER N   CA   sing N N 275 
SER N   H    sing N N 276 
SER N   H2   sing N N 277 
SER CA  C    sing N N 278 
SER CA  CB   sing N N 279 
SER CA  HA   sing N N 280 
SER C   O    doub N N 281 
SER C   OXT  sing N N 282 
SER CB  OG   sing N N 283 
SER CB  HB2  sing N N 284 
SER CB  HB3  sing N N 285 
SER OG  HG   sing N N 286 
SER OXT HXT  sing N N 287 
THR N   CA   sing N N 288 
THR N   H    sing N N 289 
THR N   H2   sing N N 290 
THR CA  C    sing N N 291 
THR CA  CB   sing N N 292 
THR CA  HA   sing N N 293 
THR C   O    doub N N 294 
THR C   OXT  sing N N 295 
THR CB  OG1  sing N N 296 
THR CB  CG2  sing N N 297 
THR CB  HB   sing N N 298 
THR OG1 HG1  sing N N 299 
THR CG2 HG21 sing N N 300 
THR CG2 HG22 sing N N 301 
THR CG2 HG23 sing N N 302 
THR OXT HXT  sing N N 303 
TRP N   CA   sing N N 304 
TRP N   H    sing N N 305 
TRP N   H2   sing N N 306 
TRP CA  C    sing N N 307 
TRP CA  CB   sing N N 308 
TRP CA  HA   sing N N 309 
TRP C   O    doub N N 310 
TRP C   OXT  sing N N 311 
TRP CB  CG   sing N N 312 
TRP CB  HB2  sing N N 313 
TRP CB  HB3  sing N N 314 
TRP CG  CD1  doub Y N 315 
TRP CG  CD2  sing Y N 316 
TRP CD1 NE1  sing Y N 317 
TRP CD1 HD1  sing N N 318 
TRP CD2 CE2  doub Y N 319 
TRP CD2 CE3  sing Y N 320 
TRP NE1 CE2  sing Y N 321 
TRP NE1 HE1  sing N N 322 
TRP CE2 CZ2  sing Y N 323 
TRP CE3 CZ3  doub Y N 324 
TRP CE3 HE3  sing N N 325 
TRP CZ2 CH2  doub Y N 326 
TRP CZ2 HZ2  sing N N 327 
TRP CZ3 CH2  sing Y N 328 
TRP CZ3 HZ3  sing N N 329 
TRP CH2 HH2  sing N N 330 
TRP OXT HXT  sing N N 331 
TYR N   CA   sing N N 332 
TYR N   H    sing N N 333 
TYR N   H2   sing N N 334 
TYR CA  C    sing N N 335 
TYR CA  CB   sing N N 336 
TYR CA  HA   sing N N 337 
TYR C   O    doub N N 338 
TYR C   OXT  sing N N 339 
TYR CB  CG   sing N N 340 
TYR CB  HB2  sing N N 341 
TYR CB  HB3  sing N N 342 
TYR CG  CD1  doub Y N 343 
TYR CG  CD2  sing Y N 344 
TYR CD1 CE1  sing Y N 345 
TYR CD1 HD1  sing N N 346 
TYR CD2 CE2  doub Y N 347 
TYR CD2 HD2  sing N N 348 
TYR CE1 CZ   doub Y N 349 
TYR CE1 HE1  sing N N 350 
TYR CE2 CZ   sing Y N 351 
TYR CE2 HE2  sing N N 352 
TYR CZ  OH   sing N N 353 
TYR OH  HH   sing N N 354 
TYR OXT HXT  sing N N 355 
VAL N   CA   sing N N 356 
VAL N   H    sing N N 357 
VAL N   H2   sing N N 358 
VAL CA  C    sing N N 359 
VAL CA  CB   sing N N 360 
VAL CA  HA   sing N N 361 
VAL C   O    doub N N 362 
VAL C   OXT  sing N N 363 
VAL CB  CG1  sing N N 364 
VAL CB  CG2  sing N N 365 
VAL CB  HB   sing N N 366 
VAL CG1 HG11 sing N N 367 
VAL CG1 HG12 sing N N 368 
VAL CG1 HG13 sing N N 369 
VAL CG2 HG21 sing N N 370 
VAL CG2 HG22 sing N N 371 
VAL CG2 HG23 sing N N 372 
VAL OXT HXT  sing N N 373 
# 
_pdbx_nmr_spectrometer.spectrometer_id   1 
_pdbx_nmr_spectrometer.type              ? 
_pdbx_nmr_spectrometer.manufacturer      Bruker 
_pdbx_nmr_spectrometer.model             AVANCE 
_pdbx_nmr_spectrometer.field_strength    800 
# 
_atom_sites.entry_id                    1WH1 
_atom_sites.fract_transf_matrix[1][1]   1.000000 
_atom_sites.fract_transf_matrix[1][2]   0.000000 
_atom_sites.fract_transf_matrix[1][3]   0.000000 
_atom_sites.fract_transf_matrix[2][1]   0.000000 
_atom_sites.fract_transf_matrix[2][2]   1.000000 
_atom_sites.fract_transf_matrix[2][3]   0.000000 
_atom_sites.fract_transf_matrix[3][1]   0.000000 
_atom_sites.fract_transf_matrix[3][2]   0.000000 
_atom_sites.fract_transf_matrix[3][3]   1.000000 
_atom_sites.fract_transf_vector[1]      0.00000 
_atom_sites.fract_transf_vector[2]      0.00000 
_atom_sites.fract_transf_vector[3]      0.00000 
# 
loop_
_atom_type.symbol 
C 
H 
N 
O 
S 
# 
loop_
_atom_site.group_PDB 
_atom_site.id 
_atom_site.type_symbol 
_atom_site.label_atom_id 
_atom_site.label_alt_id 
_atom_site.label_comp_id 
_atom_site.label_asym_id 
_atom_site.label_entity_id 
_atom_site.label_seq_id 
_atom_site.pdbx_PDB_ins_code 
_atom_site.Cartn_x 
_atom_site.Cartn_y 
_atom_site.Cartn_z 
_atom_site.occupancy 
_atom_site.B_iso_or_equiv 
_atom_site.pdbx_formal_charge 
_atom_site.auth_seq_id 
_atom_site.auth_comp_id 
_atom_site.auth_asym_id 
_atom_site.auth_atom_id 
_atom_site.pdbx_PDB_model_num 
ATOM 1    N N    . GLY A 1 1   ? 12.539  -5.954  -18.392 1.00 0.00 ? 1   GLY A N    1 
ATOM 2    C CA   . GLY A 1 1   ? 12.693  -5.107  -17.222 1.00 0.00 ? 1   GLY A CA   1 
ATOM 3    C C    . GLY A 1 1   ? 14.042  -4.384  -17.241 1.00 0.00 ? 1   GLY A C    1 
ATOM 4    O O    . GLY A 1 1   ? 14.838  -4.571  -18.161 1.00 0.00 ? 1   GLY A O    1 
ATOM 5    H H1   . GLY A 1 1   ? 13.140  -6.755  -18.417 1.00 0.00 ? 1   GLY A H1   1 
ATOM 6    H HA2  . GLY A 1 1   ? 11.885  -4.376  -17.190 1.00 0.00 ? 1   GLY A HA2  1 
ATOM 7    H HA3  . GLY A 1 1   ? 12.613  -5.711  -16.318 1.00 0.00 ? 1   GLY A HA3  1 
ATOM 8    N N    . SER A 1 2   ? 14.257  -3.573  -16.216 1.00 0.00 ? 2   SER A N    1 
ATOM 9    C CA   . SER A 1 2   ? 15.495  -2.822  -16.102 1.00 0.00 ? 2   SER A CA   1 
ATOM 10   C C    . SER A 1 2   ? 15.998  -2.855  -14.658 1.00 0.00 ? 2   SER A C    1 
ATOM 11   O O    . SER A 1 2   ? 15.509  -2.111  -13.809 1.00 0.00 ? 2   SER A O    1 
ATOM 12   C CB   . SER A 1 2   ? 15.306  -1.376  -16.565 1.00 0.00 ? 2   SER A CB   1 
ATOM 13   O OG   . SER A 1 2   ? 15.981  -1.116  -17.793 1.00 0.00 ? 2   SER A OG   1 
ATOM 14   H H    . SER A 1 2   ? 13.604  -3.427  -15.472 1.00 0.00 ? 2   SER A H    1 
ATOM 15   H HA   . SER A 1 2   ? 16.200  -3.326  -16.764 1.00 0.00 ? 2   SER A HA   1 
ATOM 16   H HB2  . SER A 1 2   ? 14.243  -1.170  -16.687 1.00 0.00 ? 2   SER A HB2  1 
ATOM 17   H HB3  . SER A 1 2   ? 15.677  -0.698  -15.797 1.00 0.00 ? 2   SER A HB3  1 
ATOM 18   H HG   . SER A 1 2   ? 15.643  -0.266  -18.196 1.00 0.00 ? 2   SER A HG   1 
ATOM 19   N N    . SER A 1 3   ? 16.968  -3.727  -14.422 1.00 0.00 ? 3   SER A N    1 
ATOM 20   C CA   . SER A 1 3   ? 17.541  -3.867  -13.095 1.00 0.00 ? 3   SER A CA   1 
ATOM 21   C C    . SER A 1 3   ? 18.640  -2.822  -12.886 1.00 0.00 ? 3   SER A C    1 
ATOM 22   O O    . SER A 1 3   ? 19.751  -2.975  -13.391 1.00 0.00 ? 3   SER A O    1 
ATOM 23   C CB   . SER A 1 3   ? 18.102  -5.275  -12.883 1.00 0.00 ? 3   SER A CB   1 
ATOM 24   O OG   . SER A 1 3   ? 18.457  -5.509  -11.523 1.00 0.00 ? 3   SER A OG   1 
ATOM 25   H H    . SER A 1 3   ? 17.359  -4.329  -15.118 1.00 0.00 ? 3   SER A H    1 
ATOM 26   H HA   . SER A 1 3   ? 16.715  -3.697  -12.404 1.00 0.00 ? 3   SER A HA   1 
ATOM 27   H HB2  . SER A 1 3   ? 17.362  -6.011  -13.196 1.00 0.00 ? 3   SER A HB2  1 
ATOM 28   H HB3  . SER A 1 3   ? 18.978  -5.416  -13.516 1.00 0.00 ? 3   SER A HB3  1 
ATOM 29   H HG   . SER A 1 3   ? 18.440  -4.650  -11.013 1.00 0.00 ? 3   SER A HG   1 
ATOM 30   N N    . GLY A 1 4   ? 18.289  -1.783  -12.143 1.00 0.00 ? 4   GLY A N    1 
ATOM 31   C CA   . GLY A 1 4   ? 19.230  -0.712  -11.862 1.00 0.00 ? 4   GLY A CA   1 
ATOM 32   C C    . GLY A 1 4   ? 18.501  0.557   -11.418 1.00 0.00 ? 4   GLY A C    1 
ATOM 33   O O    . GLY A 1 4   ? 18.080  1.358   -12.251 1.00 0.00 ? 4   GLY A O    1 
ATOM 34   H H    . GLY A 1 4   ? 17.383  -1.665  -11.737 1.00 0.00 ? 4   GLY A H    1 
ATOM 35   H HA2  . GLY A 1 4   ? 19.924  -1.029  -11.083 1.00 0.00 ? 4   GLY A HA2  1 
ATOM 36   H HA3  . GLY A 1 4   ? 19.825  -0.503  -12.751 1.00 0.00 ? 4   GLY A HA3  1 
ATOM 37   N N    . SER A 1 5   ? 18.374  0.701   -10.108 1.00 0.00 ? 5   SER A N    1 
ATOM 38   C CA   . SER A 1 5   ? 17.703  1.860   -9.543  1.00 0.00 ? 5   SER A CA   1 
ATOM 39   C C    . SER A 1 5   ? 18.516  2.417   -8.373  1.00 0.00 ? 5   SER A C    1 
ATOM 40   O O    . SER A 1 5   ? 18.549  1.823   -7.296  1.00 0.00 ? 5   SER A O    1 
ATOM 41   C CB   . SER A 1 5   ? 16.287  1.507   -9.085  1.00 0.00 ? 5   SER A CB   1 
ATOM 42   O OG   . SER A 1 5   ? 15.294  2.199   -9.837  1.00 0.00 ? 5   SER A OG   1 
ATOM 43   H H    . SER A 1 5   ? 18.720  0.045   -9.437  1.00 0.00 ? 5   SER A H    1 
ATOM 44   H HA   . SER A 1 5   ? 17.651  2.586   -10.354 1.00 0.00 ? 5   SER A HA   1 
ATOM 45   H HB2  . SER A 1 5   ? 16.131  0.432   -9.182  1.00 0.00 ? 5   SER A HB2  1 
ATOM 46   H HB3  . SER A 1 5   ? 16.176  1.749   -8.028  1.00 0.00 ? 5   SER A HB3  1 
ATOM 47   H HG   . SER A 1 5   ? 15.524  3.170   -9.894  1.00 0.00 ? 5   SER A HG   1 
ATOM 48   N N    . SER A 1 6   ? 19.152  3.552   -8.623  1.00 0.00 ? 6   SER A N    1 
ATOM 49   C CA   . SER A 1 6   ? 19.963  4.196   -7.604  1.00 0.00 ? 6   SER A CA   1 
ATOM 50   C C    . SER A 1 6   ? 19.774  5.713   -7.668  1.00 0.00 ? 6   SER A C    1 
ATOM 51   O O    . SER A 1 6   ? 20.568  6.415   -8.293  1.00 0.00 ? 6   SER A O    1 
ATOM 52   C CB   . SER A 1 6   ? 21.441  3.837   -7.768  1.00 0.00 ? 6   SER A CB   1 
ATOM 53   O OG   . SER A 1 6   ? 21.971  4.309   -9.004  1.00 0.00 ? 6   SER A OG   1 
ATOM 54   H H    . SER A 1 6   ? 19.120  4.029   -9.502  1.00 0.00 ? 6   SER A H    1 
ATOM 55   H HA   . SER A 1 6   ? 19.597  3.805   -6.655  1.00 0.00 ? 6   SER A HA   1 
ATOM 56   H HB2  . SER A 1 6   ? 22.011  4.264   -6.943  1.00 0.00 ? 6   SER A HB2  1 
ATOM 57   H HB3  . SER A 1 6   ? 21.560  2.755   -7.712  1.00 0.00 ? 6   SER A HB3  1 
ATOM 58   H HG   . SER A 1 6   ? 22.315  5.241   -8.895  1.00 0.00 ? 6   SER A HG   1 
ATOM 59   N N    . GLY A 1 7   ? 18.720  6.175   -7.012  1.00 0.00 ? 7   GLY A N    1 
ATOM 60   C CA   . GLY A 1 7   ? 18.417  7.595   -6.986  1.00 0.00 ? 7   GLY A CA   1 
ATOM 61   C C    . GLY A 1 7   ? 17.126  7.896   -7.750  1.00 0.00 ? 7   GLY A C    1 
ATOM 62   O O    . GLY A 1 7   ? 17.044  7.661   -8.955  1.00 0.00 ? 7   GLY A O    1 
ATOM 63   H H    . GLY A 1 7   ? 18.079  5.597   -6.507  1.00 0.00 ? 7   GLY A H    1 
ATOM 64   H HA2  . GLY A 1 7   ? 18.321  7.932   -5.954  1.00 0.00 ? 7   GLY A HA2  1 
ATOM 65   H HA3  . GLY A 1 7   ? 19.243  8.155   -7.427  1.00 0.00 ? 7   GLY A HA3  1 
ATOM 66   N N    . ASP A 1 8   ? 16.149  8.409   -7.017  1.00 0.00 ? 8   ASP A N    1 
ATOM 67   C CA   . ASP A 1 8   ? 14.865  8.743   -7.610  1.00 0.00 ? 8   ASP A CA   1 
ATOM 68   C C    . ASP A 1 8   ? 14.632  10.251  -7.494  1.00 0.00 ? 8   ASP A C    1 
ATOM 69   O O    . ASP A 1 8   ? 14.382  10.761  -6.402  1.00 0.00 ? 8   ASP A O    1 
ATOM 70   C CB   . ASP A 1 8   ? 13.721  8.030   -6.886  1.00 0.00 ? 8   ASP A CB   1 
ATOM 71   C CG   . ASP A 1 8   ? 12.435  7.878   -7.701  1.00 0.00 ? 8   ASP A CG   1 
ATOM 72   O OD1  . ASP A 1 8   ? 12.467  8.265   -8.889  1.00 0.00 ? 8   ASP A OD1  1 
ATOM 73   O OD2  . ASP A 1 8   ? 11.450  7.379   -7.117  1.00 0.00 ? 8   ASP A OD2  1 
ATOM 74   H H    . ASP A 1 8   ? 16.223  8.596   -6.037  1.00 0.00 ? 8   ASP A H    1 
ATOM 75   H HA   . ASP A 1 8   ? 14.933  8.411   -8.646  1.00 0.00 ? 8   ASP A HA   1 
ATOM 76   H HB2  . ASP A 1 8   ? 14.063  7.039   -6.587  1.00 0.00 ? 8   ASP A HB2  1 
ATOM 77   H HB3  . ASP A 1 8   ? 13.492  8.578   -5.972  1.00 0.00 ? 8   ASP A HB3  1 
ATOM 78   N N    . ILE A 1 9   ? 14.720  10.921  -8.633  1.00 0.00 ? 9   ILE A N    1 
ATOM 79   C CA   . ILE A 1 9   ? 14.522  12.360  -8.672  1.00 0.00 ? 9   ILE A CA   1 
ATOM 80   C C    . ILE A 1 9   ? 13.024  12.665  -8.635  1.00 0.00 ? 9   ILE A C    1 
ATOM 81   O O    . ILE A 1 9   ? 12.430  13.003  -9.658  1.00 0.00 ? 9   ILE A O    1 
ATOM 82   C CB   . ILE A 1 9   ? 15.243  12.968  -9.877  1.00 0.00 ? 9   ILE A CB   1 
ATOM 83   C CG1  . ILE A 1 9   ? 14.747  12.347  -11.184 1.00 0.00 ? 9   ILE A CG1  1 
ATOM 84   C CG2  . ILE A 1 9   ? 16.761  12.848  -9.725  1.00 0.00 ? 9   ILE A CG2  1 
ATOM 85   C CD1  . ILE A 1 9   ? 14.686  13.391  -12.300 1.00 0.00 ? 9   ILE A CD1  1 
ATOM 86   H H    . ILE A 1 9   ? 14.924  10.498  -9.516  1.00 0.00 ? 9   ILE A H    1 
ATOM 87   H HA   . ILE A 1 9   ? 14.982  12.777  -7.777  1.00 0.00 ? 9   ILE A HA   1 
ATOM 88   H HB   . ILE A 1 9   ? 15.007  14.031  -9.916  1.00 0.00 ? 9   ILE A HB   1 
ATOM 89   H HG12 . ILE A 1 9   ? 15.411  11.533  -11.479 1.00 0.00 ? 9   ILE A HG12 1 
ATOM 90   H HG13 . ILE A 1 9   ? 13.759  11.912  -11.032 1.00 0.00 ? 9   ILE A HG13 1 
ATOM 91   H HG21 . ILE A 1 9   ? 17.209  12.648  -10.698 1.00 0.00 ? 9   ILE A HG21 1 
ATOM 92   H HG22 . ILE A 1 9   ? 17.161  13.781  -9.325  1.00 0.00 ? 9   ILE A HG22 1 
ATOM 93   H HG23 . ILE A 1 9   ? 16.994  12.030  -9.042  1.00 0.00 ? 9   ILE A HG23 1 
ATOM 94   H HD11 . ILE A 1 9   ? 13.659  13.490  -12.649 1.00 0.00 ? 9   ILE A HD11 1 
ATOM 95   H HD12 . ILE A 1 9   ? 15.034  14.351  -11.918 1.00 0.00 ? 9   ILE A HD12 1 
ATOM 96   H HD13 . ILE A 1 9   ? 15.323  13.078  -13.127 1.00 0.00 ? 9   ILE A HD13 1 
ATOM 97   N N    . HIS A 1 10  ? 12.454  12.534  -7.446  1.00 0.00 ? 10  HIS A N    1 
ATOM 98   C CA   . HIS A 1 10  ? 11.036  12.792  -7.261  1.00 0.00 ? 10  HIS A CA   1 
ATOM 99   C C    . HIS A 1 10  ? 10.223  11.807  -8.105  1.00 0.00 ? 10  HIS A C    1 
ATOM 100  O O    . HIS A 1 10  ? 10.502  11.619  -9.287  1.00 0.00 ? 10  HIS A O    1 
ATOM 101  C CB   . HIS A 1 10  ? 10.704  14.253  -7.571  1.00 0.00 ? 10  HIS A CB   1 
ATOM 102  C CG   . HIS A 1 10  ? 9.712   14.872  -6.617  1.00 0.00 ? 10  HIS A CG   1 
ATOM 103  N ND1  . HIS A 1 10  ? 8.354   14.614  -6.675  1.00 0.00 ? 10  HIS A ND1  1 
ATOM 104  C CD2  . HIS A 1 10  ? 9.895   15.740  -5.581  1.00 0.00 ? 10  HIS A CD2  1 
ATOM 105  C CE1  . HIS A 1 10  ? 7.756   15.302  -5.712  1.00 0.00 ? 10  HIS A CE1  1 
ATOM 106  N NE2  . HIS A 1 10  ? 8.714   16.000  -5.036  1.00 0.00 ? 10  HIS A NE2  1 
ATOM 107  H H    . HIS A 1 10  ? 12.945  12.259  -6.618  1.00 0.00 ? 10  HIS A H    1 
ATOM 108  H HA   . HIS A 1 10  ? 10.821  12.618  -6.207  1.00 0.00 ? 10  HIS A HA   1 
ATOM 109  H HB2  . HIS A 1 10  ? 11.625  14.835  -7.552  1.00 0.00 ? 10  HIS A HB2  1 
ATOM 110  H HB3  . HIS A 1 10  ? 10.308  14.317  -8.584  1.00 0.00 ? 10  HIS A HB3  1 
ATOM 111  H HD1  . HIS A 1 10  ? 7.901   14.012  -7.331  1.00 0.00 ? 10  HIS A HD1  1 
ATOM 112  H HD2  . HIS A 1 10  ? 10.851  16.151  -5.255  1.00 0.00 ? 10  HIS A HD2  1 
ATOM 113  H HE1  . HIS A 1 10  ? 6.687   15.309  -5.499  1.00 0.00 ? 10  HIS A HE1  1 
ATOM 114  N N    . GLN A 1 11  ? 9.232   11.205  -7.462  1.00 0.00 ? 11  GLN A N    1 
ATOM 115  C CA   . GLN A 1 11  ? 8.376   10.246  -8.138  1.00 0.00 ? 11  GLN A CA   1 
ATOM 116  C C    . GLN A 1 11  ? 7.234   9.812   -7.216  1.00 0.00 ? 11  GLN A C    1 
ATOM 117  O O    . GLN A 1 11  ? 7.281   8.735   -6.626  1.00 0.00 ? 11  GLN A O    1 
ATOM 118  C CB   . GLN A 1 11  ? 9.181   9.036   -8.618  1.00 0.00 ? 11  GLN A CB   1 
ATOM 119  C CG   . GLN A 1 11  ? 8.625   8.497   -9.937  1.00 0.00 ? 11  GLN A CG   1 
ATOM 120  C CD   . GLN A 1 11  ? 9.502   8.921   -11.117 1.00 0.00 ? 11  GLN A CD   1 
ATOM 121  O OE1  . GLN A 1 11  ? 10.470  8.266   -11.471 1.00 0.00 ? 11  GLN A OE1  1 
ATOM 122  N NE2  . GLN A 1 11  ? 9.113   10.049  -11.703 1.00 0.00 ? 11  GLN A NE2  1 
ATOM 123  H H    . GLN A 1 11  ? 9.012   11.364  -6.500  1.00 0.00 ? 11  GLN A H    1 
ATOM 124  H HA   . GLN A 1 11  ? 7.975   10.774  -9.002  1.00 0.00 ? 11  GLN A HA   1 
ATOM 125  H HB2  . GLN A 1 11  ? 10.226  9.319   -8.748  1.00 0.00 ? 11  GLN A HB2  1 
ATOM 126  H HB3  . GLN A 1 11  ? 9.155   8.252   -7.860  1.00 0.00 ? 11  GLN A HB3  1 
ATOM 127  H HG2  . GLN A 1 11  ? 8.568   7.409   -9.894  1.00 0.00 ? 11  GLN A HG2  1 
ATOM 128  H HG3  . GLN A 1 11  ? 7.609   8.863   -10.085 1.00 0.00 ? 11  GLN A HG3  1 
ATOM 129  H HE21 . GLN A 1 11  ? 8.310   10.538  -11.361 1.00 0.00 ? 11  GLN A HE21 1 
ATOM 130  H HE22 . GLN A 1 11  ? 9.624   10.409  -12.484 1.00 0.00 ? 11  GLN A HE22 1 
ATOM 131  N N    . GLU A 1 12  ? 6.233   10.676  -7.122  1.00 0.00 ? 12  GLU A N    1 
ATOM 132  C CA   . GLU A 1 12  ? 5.080   10.397  -6.283  1.00 0.00 ? 12  GLU A CA   1 
ATOM 133  C C    . GLU A 1 12  ? 3.951   11.384  -6.586  1.00 0.00 ? 12  GLU A C    1 
ATOM 134  O O    . GLU A 1 12  ? 4.198   12.573  -6.782  1.00 0.00 ? 12  GLU A O    1 
ATOM 135  C CB   . GLU A 1 12  ? 5.458   10.433  -4.801  1.00 0.00 ? 12  GLU A CB   1 
ATOM 136  C CG   . GLU A 1 12  ? 5.419   9.031   -4.190  1.00 0.00 ? 12  GLU A CG   1 
ATOM 137  C CD   . GLU A 1 12  ? 6.337   8.940   -2.969  1.00 0.00 ? 12  GLU A CD   1 
ATOM 138  O OE1  . GLU A 1 12  ? 6.222   9.835   -2.105  1.00 0.00 ? 12  GLU A OE1  1 
ATOM 139  O OE2  . GLU A 1 12  ? 7.132   7.976   -2.928  1.00 0.00 ? 12  GLU A OE2  1 
ATOM 140  H H    . GLU A 1 12  ? 6.201   11.550  -7.606  1.00 0.00 ? 12  GLU A H    1 
ATOM 141  H HA   . GLU A 1 12  ? 4.768   9.385   -6.547  1.00 0.00 ? 12  GLU A HA   1 
ATOM 142  H HB2  . GLU A 1 12  ? 6.457   10.855  -4.688  1.00 0.00 ? 12  GLU A HB2  1 
ATOM 143  H HB3  . GLU A 1 12  ? 4.773   11.088  -4.264  1.00 0.00 ? 12  GLU A HB3  1 
ATOM 144  H HG2  . GLU A 1 12  ? 4.397   8.786   -3.901  1.00 0.00 ? 12  GLU A HG2  1 
ATOM 145  H HG3  . GLU A 1 12  ? 5.725   8.297   -4.936  1.00 0.00 ? 12  GLU A HG3  1 
ATOM 146  N N    . MET A 1 13  ? 2.737   10.855  -6.614  1.00 0.00 ? 13  MET A N    1 
ATOM 147  C CA   . MET A 1 13  ? 1.569   11.675  -6.890  1.00 0.00 ? 13  MET A CA   1 
ATOM 148  C C    . MET A 1 13  ? 0.516   11.516  -5.791  1.00 0.00 ? 13  MET A C    1 
ATOM 149  O O    . MET A 1 13  ? -0.363  10.661  -5.888  1.00 0.00 ? 13  MET A O    1 
ATOM 150  C CB   . MET A 1 13  ? 0.967   11.271  -8.237  1.00 0.00 ? 13  MET A CB   1 
ATOM 151  C CG   . MET A 1 13  ? 1.572   12.092  -9.377  1.00 0.00 ? 13  MET A CG   1 
ATOM 152  S SD   . MET A 1 13  ? 0.584   11.909  -10.853 1.00 0.00 ? 13  MET A SD   1 
ATOM 153  C CE   . MET A 1 13  ? 0.724   13.557  -11.524 1.00 0.00 ? 13  MET A CE   1 
ATOM 154  H H    . MET A 1 13  ? 2.544   9.887   -6.454  1.00 0.00 ? 13  MET A H    1 
ATOM 155  H HA   . MET A 1 13  ? 1.932   12.703  -6.909  1.00 0.00 ? 13  MET A HA   1 
ATOM 156  H HB2  . MET A 1 13  ? 1.144   10.210  -8.414  1.00 0.00 ? 13  MET A HB2  1 
ATOM 157  H HB3  . MET A 1 13  ? -0.113  11.414  -8.214  1.00 0.00 ? 13  MET A HB3  1 
ATOM 158  H HG2  . MET A 1 13  ? 1.624   13.142  -9.092  1.00 0.00 ? 13  MET A HG2  1 
ATOM 159  H HG3  . MET A 1 13  ? 2.593   11.763  -9.570  1.00 0.00 ? 13  MET A HG3  1 
ATOM 160  H HE1  . MET A 1 13  ? 1.777   13.833  -11.594 1.00 0.00 ? 13  MET A HE1  1 
ATOM 161  H HE2  . MET A 1 13  ? 0.275   13.584  -12.517 1.00 0.00 ? 13  MET A HE2  1 
ATOM 162  H HE3  . MET A 1 13  ? 0.207   14.260  -10.872 1.00 0.00 ? 13  MET A HE3  1 
ATOM 163  N N    . ASP A 1 14  ? 0.641   12.354  -4.772  1.00 0.00 ? 14  ASP A N    1 
ATOM 164  C CA   . ASP A 1 14  ? -0.290  12.317  -3.656  1.00 0.00 ? 14  ASP A CA   1 
ATOM 165  C C    . ASP A 1 14  ? -0.783  13.736  -3.362  1.00 0.00 ? 14  ASP A C    1 
ATOM 166  O O    . ASP A 1 14  ? -0.318  14.697  -3.972  1.00 0.00 ? 14  ASP A O    1 
ATOM 167  C CB   . ASP A 1 14  ? 0.386   11.781  -2.393  1.00 0.00 ? 14  ASP A CB   1 
ATOM 168  C CG   . ASP A 1 14  ? -0.248  10.517  -1.807  1.00 0.00 ? 14  ASP A CG   1 
ATOM 169  O OD1  . ASP A 1 14  ? -0.597  9.631   -2.616  1.00 0.00 ? 14  ASP A OD1  1 
ATOM 170  O OD2  . ASP A 1 14  ? -0.368  10.466  -0.564  1.00 0.00 ? 14  ASP A OD2  1 
ATOM 171  H H    . ASP A 1 14  ? 1.358   13.047  -4.701  1.00 0.00 ? 14  ASP A H    1 
ATOM 172  H HA   . ASP A 1 14  ? -1.094  11.654  -3.975  1.00 0.00 ? 14  ASP A HA   1 
ATOM 173  H HB2  . ASP A 1 14  ? 1.432   11.573  -2.619  1.00 0.00 ? 14  ASP A HB2  1 
ATOM 174  H HB3  . ASP A 1 14  ? 0.373   12.561  -1.632  1.00 0.00 ? 14  ASP A HB3  1 
ATOM 175  N N    . ARG A 1 15  ? -1.718  13.821  -2.428  1.00 0.00 ? 15  ARG A N    1 
ATOM 176  C CA   . ARG A 1 15  ? -2.280  15.106  -2.045  1.00 0.00 ? 15  ARG A CA   1 
ATOM 177  C C    . ARG A 1 15  ? -1.201  15.990  -1.418  1.00 0.00 ? 15  ARG A C    1 
ATOM 178  O O    . ARG A 1 15  ? -0.270  15.489  -0.790  1.00 0.00 ? 15  ARG A O    1 
ATOM 179  C CB   . ARG A 1 15  ? -3.428  14.930  -1.050  1.00 0.00 ? 15  ARG A CB   1 
ATOM 180  C CG   . ARG A 1 15  ? -4.710  14.492  -1.762  1.00 0.00 ? 15  ARG A CG   1 
ATOM 181  C CD   . ARG A 1 15  ? -5.763  15.600  -1.727  1.00 0.00 ? 15  ARG A CD   1 
ATOM 182  N NE   . ARG A 1 15  ? -7.098  15.040  -2.033  1.00 0.00 ? 15  ARG A NE   1 
ATOM 183  C CZ   . ARG A 1 15  ? -8.201  15.780  -2.206  1.00 0.00 ? 15  ARG A CZ   1 
ATOM 184  N NH1  . ARG A 1 15  ? -8.136  17.115  -2.105  1.00 0.00 ? 15  ARG A NH1  1 
ATOM 185  N NH2  . ARG A 1 15  ? -9.370  15.186  -2.481  1.00 0.00 ? 15  ARG A NH2  1 
ATOM 186  H H    . ARG A 1 15  ? -2.091  13.033  -1.936  1.00 0.00 ? 15  ARG A H    1 
ATOM 187  H HA   . ARG A 1 15  ? -2.648  15.536  -2.975  1.00 0.00 ? 15  ARG A HA   1 
ATOM 188  H HB2  . ARG A 1 15  ? -3.153  14.190  -0.299  1.00 0.00 ? 15  ARG A HB2  1 
ATOM 189  H HB3  . ARG A 1 15  ? -3.604  15.868  -0.522  1.00 0.00 ? 15  ARG A HB3  1 
ATOM 190  H HG2  . ARG A 1 15  ? -4.484  14.232  -2.796  1.00 0.00 ? 15  ARG A HG2  1 
ATOM 191  H HG3  . ARG A 1 15  ? -5.105  13.594  -1.287  1.00 0.00 ? 15  ARG A HG3  1 
ATOM 192  H HD2  . ARG A 1 15  ? -5.773  16.073  -0.745  1.00 0.00 ? 15  ARG A HD2  1 
ATOM 193  H HD3  . ARG A 1 15  ? -5.511  16.376  -2.450  1.00 0.00 ? 15  ARG A HD3  1 
ATOM 194  H HE   . ARG A 1 15  ? -7.181  14.047  -2.116  1.00 0.00 ? 15  ARG A HE   1 
ATOM 195  H HH11 . ARG A 1 15  ? -7.264  17.559  -1.899  1.00 0.00 ? 15  ARG A HH11 1 
ATOM 196  H HH12 . ARG A 1 15  ? -8.960  17.667  -2.234  1.00 0.00 ? 15  ARG A HH12 1 
ATOM 197  H HH21 . ARG A 1 15  ? -9.419  14.190  -2.556  1.00 0.00 ? 15  ARG A HH21 1 
ATOM 198  H HH22 . ARG A 1 15  ? -10.194 15.738  -2.610  1.00 0.00 ? 15  ARG A HH22 1 
ATOM 199  N N    . GLU A 1 16  ? -1.362  17.291  -1.611  1.00 0.00 ? 16  GLU A N    1 
ATOM 200  C CA   . GLU A 1 16  ? -0.414  18.251  -1.072  1.00 0.00 ? 16  GLU A CA   1 
ATOM 201  C C    . GLU A 1 16  ? -0.624  18.417  0.434   1.00 0.00 ? 16  GLU A C    1 
ATOM 202  O O    . GLU A 1 16  ? -0.790  19.534  0.922   1.00 0.00 ? 16  GLU A O    1 
ATOM 203  C CB   . GLU A 1 16  ? -0.525  19.596  -1.792  1.00 0.00 ? 16  GLU A CB   1 
ATOM 204  C CG   . GLU A 1 16  ? -1.963  20.119  -1.758  1.00 0.00 ? 16  GLU A CG   1 
ATOM 205  C CD   . GLU A 1 16  ? -2.481  20.392  -3.172  1.00 0.00 ? 16  GLU A CD   1 
ATOM 206  O OE1  . GLU A 1 16  ? -2.957  19.422  -3.798  1.00 0.00 ? 16  GLU A OE1  1 
ATOM 207  O OE2  . GLU A 1 16  ? -2.388  21.566  -3.593  1.00 0.00 ? 16  GLU A OE2  1 
ATOM 208  H H    . GLU A 1 16  ? -2.122  17.691  -2.123  1.00 0.00 ? 16  GLU A H    1 
ATOM 209  H HA   . GLU A 1 16  ? 0.571   17.824  -1.264  1.00 0.00 ? 16  GLU A HA   1 
ATOM 210  H HB2  . GLU A 1 16  ? 0.141   20.320  -1.324  1.00 0.00 ? 16  GLU A HB2  1 
ATOM 211  H HB3  . GLU A 1 16  ? -0.199  19.488  -2.827  1.00 0.00 ? 16  GLU A HB3  1 
ATOM 212  H HG2  . GLU A 1 16  ? -2.606  19.391  -1.265  1.00 0.00 ? 16  GLU A HG2  1 
ATOM 213  H HG3  . GLU A 1 16  ? -2.005  21.035  -1.168  1.00 0.00 ? 16  GLU A HG3  1 
ATOM 214  N N    . GLU A 1 17  ? -0.610  17.289  1.129   1.00 0.00 ? 17  GLU A N    1 
ATOM 215  C CA   . GLU A 1 17  ? -0.798  17.296  2.570   1.00 0.00 ? 17  GLU A CA   1 
ATOM 216  C C    . GLU A 1 17  ? -0.738  15.869  3.119   1.00 0.00 ? 17  GLU A C    1 
ATOM 217  O O    . GLU A 1 17  ? -0.281  15.651  4.241   1.00 0.00 ? 17  GLU A O    1 
ATOM 218  C CB   . GLU A 1 17  ? -2.116  17.974  2.949   1.00 0.00 ? 17  GLU A CB   1 
ATOM 219  C CG   . GLU A 1 17  ? -3.308  17.068  2.636   1.00 0.00 ? 17  GLU A CG   1 
ATOM 220  C CD   . GLU A 1 17  ? -4.496  17.883  2.121   1.00 0.00 ? 17  GLU A CD   1 
ATOM 221  O OE1  . GLU A 1 17  ? -4.327  18.528  1.063   1.00 0.00 ? 17  GLU A OE1  1 
ATOM 222  O OE2  . GLU A 1 17  ? -5.547  17.845  2.798   1.00 0.00 ? 17  GLU A OE2  1 
ATOM 223  H H    . GLU A 1 17  ? -0.475  16.385  0.725   1.00 0.00 ? 17  GLU A H    1 
ATOM 224  H HA   . GLU A 1 17  ? 0.032   17.880  2.967   1.00 0.00 ? 17  GLU A HA   1 
ATOM 225  H HB2  . GLU A 1 17  ? -2.110  18.220  4.011   1.00 0.00 ? 17  GLU A HB2  1 
ATOM 226  H HB3  . GLU A 1 17  ? -2.215  18.913  2.404   1.00 0.00 ? 17  GLU A HB3  1 
ATOM 227  H HG2  . GLU A 1 17  ? -3.021  16.327  1.889   1.00 0.00 ? 17  GLU A HG2  1 
ATOM 228  H HG3  . GLU A 1 17  ? -3.599  16.521  3.532   1.00 0.00 ? 17  GLU A HG3  1 
ATOM 229  N N    . LEU A 1 18  ? -1.205  14.935  2.305   1.00 0.00 ? 18  LEU A N    1 
ATOM 230  C CA   . LEU A 1 18  ? -1.210  13.535  2.695   1.00 0.00 ? 18  LEU A CA   1 
ATOM 231  C C    . LEU A 1 18  ? 0.227   13.014  2.728   1.00 0.00 ? 18  LEU A C    1 
ATOM 232  O O    . LEU A 1 18  ? 1.145   13.682  2.253   1.00 0.00 ? 18  LEU A O    1 
ATOM 233  C CB   . LEU A 1 18  ? -2.137  12.728  1.783   1.00 0.00 ? 18  LEU A CB   1 
ATOM 234  C CG   . LEU A 1 18  ? -3.638  12.918  2.013   1.00 0.00 ? 18  LEU A CG   1 
ATOM 235  C CD1  . LEU A 1 18  ? -4.452  12.211  0.929   1.00 0.00 ? 18  LEU A CD1  1 
ATOM 236  C CD2  . LEU A 1 18  ? -4.038  12.464  3.418   1.00 0.00 ? 18  LEU A CD2  1 
ATOM 237  H H    . LEU A 1 18  ? -1.575  15.121  1.394   1.00 0.00 ? 18  LEU A H    1 
ATOM 238  H HA   . LEU A 1 18  ? -1.621  13.479  3.703   1.00 0.00 ? 18  LEU A HA   1 
ATOM 239  H HB2  . LEU A 1 18  ? -1.913  12.988  0.748   1.00 0.00 ? 18  LEU A HB2  1 
ATOM 240  H HB3  . LEU A 1 18  ? -1.902  11.671  1.904   1.00 0.00 ? 18  LEU A HB3  1 
ATOM 241  H HG   . LEU A 1 18  ? -3.862  13.982  1.942   1.00 0.00 ? 18  LEU A HG   1 
ATOM 242  H HD11 . LEU A 1 18  ? -4.039  12.451  -0.051  1.00 0.00 ? 18  LEU A HD11 1 
ATOM 243  H HD12 . LEU A 1 18  ? -4.410  11.133  1.087   1.00 0.00 ? 18  LEU A HD12 1 
ATOM 244  H HD13 . LEU A 1 18  ? -5.488  12.545  0.977   1.00 0.00 ? 18  LEU A HD13 1 
ATOM 245  H HD21 . LEU A 1 18  ? -3.500  11.551  3.672   1.00 0.00 ? 18  LEU A HD21 1 
ATOM 246  H HD22 . LEU A 1 18  ? -3.788  13.245  4.138   1.00 0.00 ? 18  LEU A HD22 1 
ATOM 247  H HD23 . LEU A 1 18  ? -5.111  12.274  3.446   1.00 0.00 ? 18  LEU A HD23 1 
ATOM 248  N N    . GLU A 1 19  ? 0.380   11.825  3.292   1.00 0.00 ? 19  GLU A N    1 
ATOM 249  C CA   . GLU A 1 19  ? 1.691   11.206  3.393   1.00 0.00 ? 19  GLU A CA   1 
ATOM 250  C C    . GLU A 1 19  ? 1.625   9.747   2.936   1.00 0.00 ? 19  GLU A C    1 
ATOM 251  O O    . GLU A 1 19  ? 0.554   9.142   2.931   1.00 0.00 ? 19  GLU A O    1 
ATOM 252  C CB   . GLU A 1 19  ? 2.239   11.312  4.817   1.00 0.00 ? 19  GLU A CB   1 
ATOM 253  C CG   . GLU A 1 19  ? 3.414   12.288  4.882   1.00 0.00 ? 19  GLU A CG   1 
ATOM 254  C CD   . GLU A 1 19  ? 4.517   11.759  5.801   1.00 0.00 ? 19  GLU A CD   1 
ATOM 255  O OE1  . GLU A 1 19  ? 4.634   10.518  5.890   1.00 0.00 ? 19  GLU A OE1  1 
ATOM 256  O OE2  . GLU A 1 19  ? 5.217   12.608  6.394   1.00 0.00 ? 19  GLU A OE2  1 
ATOM 257  H H    . GLU A 1 19  ? -0.372  11.287  3.675   1.00 0.00 ? 19  GLU A H    1 
ATOM 258  H HA   . GLU A 1 19  ? 2.332   11.775  2.720   1.00 0.00 ? 19  GLU A HA   1 
ATOM 259  H HB2  . GLU A 1 19  ? 1.449   11.643  5.491   1.00 0.00 ? 19  GLU A HB2  1 
ATOM 260  H HB3  . GLU A 1 19  ? 2.559   10.328  5.161   1.00 0.00 ? 19  GLU A HB3  1 
ATOM 261  H HG2  . GLU A 1 19  ? 3.815   12.447  3.881   1.00 0.00 ? 19  GLU A HG2  1 
ATOM 262  H HG3  . GLU A 1 19  ? 3.068   13.256  5.243   1.00 0.00 ? 19  GLU A HG3  1 
ATOM 263  N N    . LEU A 1 20  ? 2.784   9.224   2.565   1.00 0.00 ? 20  LEU A N    1 
ATOM 264  C CA   . LEU A 1 20  ? 2.873   7.848   2.109   1.00 0.00 ? 20  LEU A CA   1 
ATOM 265  C C    . LEU A 1 20  ? 3.666   7.027   3.128   1.00 0.00 ? 20  LEU A C    1 
ATOM 266  O O    . LEU A 1 20  ? 4.262   7.583   4.049   1.00 0.00 ? 20  LEU A O    1 
ATOM 267  C CB   . LEU A 1 20  ? 3.445   7.789   0.691   1.00 0.00 ? 20  LEU A CB   1 
ATOM 268  C CG   . LEU A 1 20  ? 2.602   8.448   -0.401  1.00 0.00 ? 20  LEU A CG   1 
ATOM 269  C CD1  . LEU A 1 20  ? 3.393   8.572   -1.705  1.00 0.00 ? 20  LEU A CD1  1 
ATOM 270  C CD2  . LEU A 1 20  ? 1.282   7.701   -0.600  1.00 0.00 ? 20  LEU A CD2  1 
ATOM 271  H H    . LEU A 1 20  ? 3.651   9.723   2.574   1.00 0.00 ? 20  LEU A H    1 
ATOM 272  H HA   . LEU A 1 20  ? 1.858   7.453   2.063   1.00 0.00 ? 20  LEU A HA   1 
ATOM 273  H HB2  . LEU A 1 20  ? 4.428   8.261   0.699   1.00 0.00 ? 20  LEU A HB2  1 
ATOM 274  H HB3  . LEU A 1 20  ? 3.596   6.743   0.425   1.00 0.00 ? 20  LEU A HB3  1 
ATOM 275  H HG   . LEU A 1 20  ? 2.353   9.459   -0.078  1.00 0.00 ? 20  LEU A HG   1 
ATOM 276  H HD11 . LEU A 1 20  ? 4.139   7.780   -1.753  1.00 0.00 ? 20  LEU A HD11 1 
ATOM 277  H HD12 . LEU A 1 20  ? 2.713   8.484   -2.552  1.00 0.00 ? 20  LEU A HD12 1 
ATOM 278  H HD13 . LEU A 1 20  ? 3.890   9.543   -1.737  1.00 0.00 ? 20  LEU A HD13 1 
ATOM 279  H HD21 . LEU A 1 20  ? 1.374   7.020   -1.447  1.00 0.00 ? 20  LEU A HD21 1 
ATOM 280  H HD22 . LEU A 1 20  ? 1.047   7.132   0.299   1.00 0.00 ? 20  LEU A HD22 1 
ATOM 281  H HD23 . LEU A 1 20  ? 0.485   8.418   -0.796  1.00 0.00 ? 20  LEU A HD23 1 
ATOM 282  N N    . GLU A 1 21  ? 3.648   5.718   2.927   1.00 0.00 ? 21  GLU A N    1 
ATOM 283  C CA   . GLU A 1 21  ? 4.359   4.815   3.817   1.00 0.00 ? 21  GLU A CA   1 
ATOM 284  C C    . GLU A 1 21  ? 4.740   3.531   3.077   1.00 0.00 ? 21  GLU A C    1 
ATOM 285  O O    . GLU A 1 21  ? 3.877   2.717   2.753   1.00 0.00 ? 21  GLU A O    1 
ATOM 286  C CB   . GLU A 1 21  ? 3.526   4.502   5.061   1.00 0.00 ? 21  GLU A CB   1 
ATOM 287  C CG   . GLU A 1 21  ? 4.376   3.815   6.132   1.00 0.00 ? 21  GLU A CG   1 
ATOM 288  C CD   . GLU A 1 21  ? 3.817   4.085   7.531   1.00 0.00 ? 21  GLU A CD   1 
ATOM 289  O OE1  . GLU A 1 21  ? 2.798   3.444   7.868   1.00 0.00 ? 21  GLU A OE1  1 
ATOM 290  O OE2  . GLU A 1 21  ? 4.422   4.924   8.233   1.00 0.00 ? 21  GLU A OE2  1 
ATOM 291  H H    . GLU A 1 21  ? 3.162   5.273   2.176   1.00 0.00 ? 21  GLU A H    1 
ATOM 292  H HA   . GLU A 1 21  ? 5.260   5.351   4.115   1.00 0.00 ? 21  GLU A HA   1 
ATOM 293  H HB2  . GLU A 1 21  ? 3.105   5.424   5.462   1.00 0.00 ? 21  GLU A HB2  1 
ATOM 294  H HB3  . GLU A 1 21  ? 2.687   3.861   4.790   1.00 0.00 ? 21  GLU A HB3  1 
ATOM 295  H HG2  . GLU A 1 21  ? 4.402   2.742   5.947   1.00 0.00 ? 21  GLU A HG2  1 
ATOM 296  H HG3  . GLU A 1 21  ? 5.403   4.175   6.072   1.00 0.00 ? 21  GLU A HG3  1 
ATOM 297  N N    . GLU A 1 22  ? 6.035   3.390   2.831   1.00 0.00 ? 22  GLU A N    1 
ATOM 298  C CA   . GLU A 1 22  ? 6.541   2.220   2.134   1.00 0.00 ? 22  GLU A CA   1 
ATOM 299  C C    . GLU A 1 22  ? 6.575   1.015   3.077   1.00 0.00 ? 22  GLU A C    1 
ATOM 300  O O    . GLU A 1 22  ? 7.351   0.989   4.030   1.00 0.00 ? 22  GLU A O    1 
ATOM 301  C CB   . GLU A 1 22  ? 7.925   2.490   1.540   1.00 0.00 ? 22  GLU A CB   1 
ATOM 302  C CG   . GLU A 1 22  ? 8.072   1.831   0.169   1.00 0.00 ? 22  GLU A CG   1 
ATOM 303  C CD   . GLU A 1 22  ? 9.508   1.351   -0.059  1.00 0.00 ? 22  GLU A CD   1 
ATOM 304  O OE1  . GLU A 1 22  ? 10.400  2.226   -0.084  1.00 0.00 ? 22  GLU A OE1  1 
ATOM 305  O OE2  . GLU A 1 22  ? 9.679   0.122   -0.202  1.00 0.00 ? 22  GLU A OE2  1 
ATOM 306  H H    . GLU A 1 22  ? 6.731   4.057   3.096   1.00 0.00 ? 22  GLU A H    1 
ATOM 307  H HA   . GLU A 1 22  ? 5.835   2.037   1.323   1.00 0.00 ? 22  GLU A HA   1 
ATOM 308  H HB2  . GLU A 1 22  ? 8.082   3.565   1.450   1.00 0.00 ? 22  GLU A HB2  1 
ATOM 309  H HB3  . GLU A 1 22  ? 8.694   2.112   2.215   1.00 0.00 ? 22  GLU A HB3  1 
ATOM 310  H HG2  . GLU A 1 22  ? 7.387   0.986   0.091   1.00 0.00 ? 22  GLU A HG2  1 
ATOM 311  H HG3  . GLU A 1 22  ? 7.794   2.539   -0.612  1.00 0.00 ? 22  GLU A HG3  1 
ATOM 312  N N    . VAL A 1 23  ? 5.722   0.046   2.777   1.00 0.00 ? 23  VAL A N    1 
ATOM 313  C CA   . VAL A 1 23  ? 5.644   -1.159  3.586   1.00 0.00 ? 23  VAL A CA   1 
ATOM 314  C C    . VAL A 1 23  ? 6.167   -2.347  2.776   1.00 0.00 ? 23  VAL A C    1 
ATOM 315  O O    . VAL A 1 23  ? 5.622   -2.673  1.723   1.00 0.00 ? 23  VAL A O    1 
ATOM 316  C CB   . VAL A 1 23  ? 4.212   -1.361  4.087   1.00 0.00 ? 23  VAL A CB   1 
ATOM 317  C CG1  . VAL A 1 23  ? 4.072   -2.697  4.819   1.00 0.00 ? 23  VAL A CG1  1 
ATOM 318  C CG2  . VAL A 1 23  ? 3.775   -0.198  4.979   1.00 0.00 ? 23  VAL A CG2  1 
ATOM 319  H H    . VAL A 1 23  ? 5.093   0.075   2.000   1.00 0.00 ? 23  VAL A H    1 
ATOM 320  H HA   . VAL A 1 23  ? 6.288   -1.015  4.453   1.00 0.00 ? 23  VAL A HA   1 
ATOM 321  H HB   . VAL A 1 23  ? 3.554   -1.384  3.219   1.00 0.00 ? 23  VAL A HB   1 
ATOM 322  H HG11 . VAL A 1 23  ? 5.061   -3.076  5.076   1.00 0.00 ? 23  VAL A HG11 1 
ATOM 323  H HG12 . VAL A 1 23  ? 3.490   -2.553  5.729   1.00 0.00 ? 23  VAL A HG12 1 
ATOM 324  H HG13 . VAL A 1 23  ? 3.565   -3.414  4.174   1.00 0.00 ? 23  VAL A HG13 1 
ATOM 325  H HG21 . VAL A 1 23  ? 3.586   -0.565  5.988   1.00 0.00 ? 23  VAL A HG21 1 
ATOM 326  H HG22 . VAL A 1 23  ? 4.562   0.555   5.008   1.00 0.00 ? 23  VAL A HG22 1 
ATOM 327  H HG23 . VAL A 1 23  ? 2.863   0.245   4.577   1.00 0.00 ? 23  VAL A HG23 1 
ATOM 328  N N    . ASP A 1 24  ? 7.219   -2.960  3.298   1.00 0.00 ? 24  ASP A N    1 
ATOM 329  C CA   . ASP A 1 24  ? 7.823   -4.104  2.636   1.00 0.00 ? 24  ASP A CA   1 
ATOM 330  C C    . ASP A 1 24  ? 7.221   -5.392  3.203   1.00 0.00 ? 24  ASP A C    1 
ATOM 331  O O    . ASP A 1 24  ? 6.862   -5.448  4.379   1.00 0.00 ? 24  ASP A O    1 
ATOM 332  C CB   . ASP A 1 24  ? 9.334   -4.144  2.872   1.00 0.00 ? 24  ASP A CB   1 
ATOM 333  C CG   . ASP A 1 24  ? 10.014  -2.775  2.939   1.00 0.00 ? 24  ASP A CG   1 
ATOM 334  O OD1  . ASP A 1 24  ? 9.735   -2.051  3.919   1.00 0.00 ? 24  ASP A OD1  1 
ATOM 335  O OD2  . ASP A 1 24  ? 10.798  -2.484  2.010   1.00 0.00 ? 24  ASP A OD2  1 
ATOM 336  H H    . ASP A 1 24  ? 7.657   -2.688  4.155   1.00 0.00 ? 24  ASP A H    1 
ATOM 337  H HA   . ASP A 1 24  ? 7.601   -3.972  1.577   1.00 0.00 ? 24  ASP A HA   1 
ATOM 338  H HB2  . ASP A 1 24  ? 9.527   -4.675  3.804   1.00 0.00 ? 24  ASP A HB2  1 
ATOM 339  H HB3  . ASP A 1 24  ? 9.796   -4.723  2.073   1.00 0.00 ? 24  ASP A HB3  1 
ATOM 340  N N    . LEU A 1 25  ? 7.130   -6.395  2.342   1.00 0.00 ? 25  LEU A N    1 
ATOM 341  C CA   . LEU A 1 25  ? 6.578   -7.678  2.743   1.00 0.00 ? 25  LEU A CA   1 
ATOM 342  C C    . LEU A 1 25  ? 7.534   -8.794  2.319   1.00 0.00 ? 25  LEU A C    1 
ATOM 343  O O    . LEU A 1 25  ? 8.563   -8.532  1.696   1.00 0.00 ? 25  LEU A O    1 
ATOM 344  C CB   . LEU A 1 25  ? 5.159   -7.844  2.198   1.00 0.00 ? 25  LEU A CB   1 
ATOM 345  C CG   . LEU A 1 25  ? 4.225   -6.644  2.380   1.00 0.00 ? 25  LEU A CG   1 
ATOM 346  C CD1  . LEU A 1 25  ? 2.975   -6.785  1.508   1.00 0.00 ? 25  LEU A CD1  1 
ATOM 347  C CD2  . LEU A 1 25  ? 3.875   -6.441  3.855   1.00 0.00 ? 25  LEU A CD2  1 
ATOM 348  H H    . LEU A 1 25  ? 7.424   -6.341  1.388   1.00 0.00 ? 25  LEU A H    1 
ATOM 349  H HA   . LEU A 1 25  ? 6.508   -7.677  3.831   1.00 0.00 ? 25  LEU A HA   1 
ATOM 350  H HB2  . LEU A 1 25  ? 5.223   -8.070  1.133   1.00 0.00 ? 25  LEU A HB2  1 
ATOM 351  H HB3  . LEU A 1 25  ? 4.704   -8.709  2.681   1.00 0.00 ? 25  LEU A HB3  1 
ATOM 352  H HG   . LEU A 1 25  ? 4.750   -5.749  2.047   1.00 0.00 ? 25  LEU A HG   1 
ATOM 353  H HD11 . LEU A 1 25  ? 3.250   -6.673  0.459   1.00 0.00 ? 25  LEU A HD11 1 
ATOM 354  H HD12 . LEU A 1 25  ? 2.532   -7.769  1.664   1.00 0.00 ? 25  LEU A HD12 1 
ATOM 355  H HD13 . LEU A 1 25  ? 2.254   -6.015  1.780   1.00 0.00 ? 25  LEU A HD13 1 
ATOM 356  H HD21 . LEU A 1 25  ? 3.606   -5.399  4.025   1.00 0.00 ? 25  LEU A HD21 1 
ATOM 357  H HD22 . LEU A 1 25  ? 3.034   -7.081  4.120   1.00 0.00 ? 25  LEU A HD22 1 
ATOM 358  H HD23 . LEU A 1 25  ? 4.736   -6.700  4.472   1.00 0.00 ? 25  LEU A HD23 1 
ATOM 359  N N    . TYR A 1 26  ? 7.161   -10.015 2.671   1.00 0.00 ? 26  TYR A N    1 
ATOM 360  C CA   . TYR A 1 26  ? 7.972   -11.172 2.335   1.00 0.00 ? 26  TYR A CA   1 
ATOM 361  C C    . TYR A 1 26  ? 7.095   -12.390 2.038   1.00 0.00 ? 26  TYR A C    1 
ATOM 362  O O    . TYR A 1 26  ? 6.067   -12.590 2.682   1.00 0.00 ? 26  TYR A O    1 
ATOM 363  C CB   . TYR A 1 26  ? 8.826   -11.463 3.572   1.00 0.00 ? 26  TYR A CB   1 
ATOM 364  C CG   . TYR A 1 26  ? 10.327  -11.539 3.288   1.00 0.00 ? 26  TYR A CG   1 
ATOM 365  C CD1  . TYR A 1 26  ? 11.070  -10.381 3.184   1.00 0.00 ? 26  TYR A CD1  1 
ATOM 366  C CD2  . TYR A 1 26  ? 10.939  -12.768 3.134   1.00 0.00 ? 26  TYR A CD2  1 
ATOM 367  C CE1  . TYR A 1 26  ? 12.483  -10.454 2.917   1.00 0.00 ? 26  TYR A CE1  1 
ATOM 368  C CE2  . TYR A 1 26  ? 12.352  -12.841 2.867   1.00 0.00 ? 26  TYR A CE2  1 
ATOM 369  C CZ   . TYR A 1 26  ? 13.055  -11.680 2.771   1.00 0.00 ? 26  TYR A CZ   1 
ATOM 370  O OH   . TYR A 1 26  ? 14.389  -11.749 2.519   1.00 0.00 ? 26  TYR A OH   1 
ATOM 371  H H    . TYR A 1 26  ? 6.323   -10.219 3.177   1.00 0.00 ? 26  TYR A H    1 
ATOM 372  H HA   . TYR A 1 26  ? 8.556   -10.928 1.446   1.00 0.00 ? 26  TYR A HA   1 
ATOM 373  H HB2  . TYR A 1 26  ? 8.647   -10.686 4.315   1.00 0.00 ? 26  TYR A HB2  1 
ATOM 374  H HB3  . TYR A 1 26  ? 8.501   -12.406 4.011   1.00 0.00 ? 26  TYR A HB3  1 
ATOM 375  H HD1  . TYR A 1 26  ? 10.588  -9.411  3.305   1.00 0.00 ? 26  TYR A HD1  1 
ATOM 376  H HD2  . TYR A 1 26  ? 10.352  -13.682 3.216   1.00 0.00 ? 26  TYR A HD2  1 
ATOM 377  H HE1  . TYR A 1 26  ? 13.082  -9.547  2.833   1.00 0.00 ? 26  TYR A HE1  1 
ATOM 378  H HE2  . TYR A 1 26  ? 12.847  -13.804 2.745   1.00 0.00 ? 26  TYR A HE2  1 
ATOM 379  H HH   . TYR A 1 26  ? 14.767  -10.828 2.426   1.00 0.00 ? 26  TYR A HH   1 
ATOM 380  N N    . ARG A 1 27  ? 7.534   -13.172 1.062   1.00 0.00 ? 27  ARG A N    1 
ATOM 381  C CA   . ARG A 1 27  ? 6.802   -14.365 0.673   1.00 0.00 ? 27  ARG A CA   1 
ATOM 382  C C    . ARG A 1 27  ? 7.706   -15.595 0.759   1.00 0.00 ? 27  ARG A C    1 
ATOM 383  O O    . ARG A 1 27  ? 8.092   -16.159 -0.264  1.00 0.00 ? 27  ARG A O    1 
ATOM 384  C CB   . ARG A 1 27  ? 6.260   -14.236 -0.753  1.00 0.00 ? 27  ARG A CB   1 
ATOM 385  C CG   . ARG A 1 27  ? 4.819   -14.742 -0.840  1.00 0.00 ? 27  ARG A CG   1 
ATOM 386  C CD   . ARG A 1 27  ? 4.321   -14.734 -2.287  1.00 0.00 ? 27  ARG A CD   1 
ATOM 387  N NE   . ARG A 1 27  ? 5.349   -15.313 -3.179  1.00 0.00 ? 27  ARG A NE   1 
ATOM 388  C CZ   . ARG A 1 27  ? 5.423   -15.074 -4.495  1.00 0.00 ? 27  ARG A CZ   1 
ATOM 389  N NH1  . ARG A 1 27  ? 4.529   -14.265 -5.080  1.00 0.00 ? 27  ARG A NH1  1 
ATOM 390  N NH2  . ARG A 1 27  ? 6.389   -15.644 -5.228  1.00 0.00 ? 27  ARG A NH2  1 
ATOM 391  H H    . ARG A 1 27  ? 8.372   -13.002 0.543   1.00 0.00 ? 27  ARG A H    1 
ATOM 392  H HA   . ARG A 1 27  ? 5.979   -14.431 1.384   1.00 0.00 ? 27  ARG A HA   1 
ATOM 393  H HB2  . ARG A 1 27  ? 6.304   -13.194 -1.070  1.00 0.00 ? 27  ARG A HB2  1 
ATOM 394  H HB3  . ARG A 1 27  ? 6.891   -14.804 -1.437  1.00 0.00 ? 27  ARG A HB3  1 
ATOM 395  H HG2  . ARG A 1 27  ? 4.760   -15.753 -0.438  1.00 0.00 ? 27  ARG A HG2  1 
ATOM 396  H HG3  . ARG A 1 27  ? 4.173   -14.116 -0.225  1.00 0.00 ? 27  ARG A HG3  1 
ATOM 397  H HD2  . ARG A 1 27  ? 3.396   -15.304 -2.365  1.00 0.00 ? 27  ARG A HD2  1 
ATOM 398  H HD3  . ARG A 1 27  ? 4.094   -13.713 -2.596  1.00 0.00 ? 27  ARG A HD3  1 
ATOM 399  H HE   . ARG A 1 27  ? 6.032   -15.922 -2.775  1.00 0.00 ? 27  ARG A HE   1 
ATOM 400  H HH11 . ARG A 1 27  ? 3.807   -13.840 -4.534  1.00 0.00 ? 27  ARG A HH11 1 
ATOM 401  H HH12 . ARG A 1 27  ? 4.584   -14.087 -6.063  1.00 0.00 ? 27  ARG A HH12 1 
ATOM 402  H HH21 . ARG A 1 27  ? 7.057   -16.247 -4.791  1.00 0.00 ? 27  ARG A HH21 1 
ATOM 403  H HH22 . ARG A 1 27  ? 6.444   -15.466 -6.210  1.00 0.00 ? 27  ARG A HH22 1 
ATOM 404  N N    . MET A 1 28  ? 8.018   -15.975 1.989   1.00 0.00 ? 28  MET A N    1 
ATOM 405  C CA   . MET A 1 28  ? 8.869   -17.129 2.223   1.00 0.00 ? 28  MET A CA   1 
ATOM 406  C C    . MET A 1 28  ? 8.385   -18.339 1.422   1.00 0.00 ? 28  MET A C    1 
ATOM 407  O O    . MET A 1 28  ? 9.153   -19.264 1.163   1.00 0.00 ? 28  MET A O    1 
ATOM 408  C CB   . MET A 1 28  ? 8.870   -17.470 3.713   1.00 0.00 ? 28  MET A CB   1 
ATOM 409  C CG   . MET A 1 28  ? 9.924   -16.650 4.464   1.00 0.00 ? 28  MET A CG   1 
ATOM 410  S SD   . MET A 1 28  ? 11.138  -17.737 5.191   1.00 0.00 ? 28  MET A SD   1 
ATOM 411  C CE   . MET A 1 28  ? 12.628  -17.059 4.478   1.00 0.00 ? 28  MET A CE   1 
ATOM 412  H H    . MET A 1 28  ? 7.700   -15.511 2.816   1.00 0.00 ? 28  MET A H    1 
ATOM 413  H HA   . MET A 1 28  ? 9.862   -16.833 1.883   1.00 0.00 ? 28  MET A HA   1 
ATOM 414  H HB2  . MET A 1 28  ? 7.885   -17.275 4.136   1.00 0.00 ? 28  MET A HB2  1 
ATOM 415  H HB3  . MET A 1 28  ? 9.069   -18.533 3.847   1.00 0.00 ? 28  MET A HB3  1 
ATOM 416  H HG2  . MET A 1 28  ? 10.409  -15.955 3.779   1.00 0.00 ? 28  MET A HG2  1 
ATOM 417  H HG3  . MET A 1 28  ? 9.446   -16.053 5.240   1.00 0.00 ? 28  MET A HG3  1 
ATOM 418  H HE1  . MET A 1 28  ? 12.390  -16.589 3.523   1.00 0.00 ? 28  MET A HE1  1 
ATOM 419  H HE2  . MET A 1 28  ? 13.050  -16.317 5.155   1.00 0.00 ? 28  MET A HE2  1 
ATOM 420  H HE3  . MET A 1 28  ? 13.350  -17.860 4.318   1.00 0.00 ? 28  MET A HE3  1 
ATOM 421  N N    . ASN A 1 29  ? 7.114   -18.294 1.053   1.00 0.00 ? 29  ASN A N    1 
ATOM 422  C CA   . ASN A 1 29  ? 6.517   -19.374 0.287   1.00 0.00 ? 29  ASN A CA   1 
ATOM 423  C C    . ASN A 1 29  ? 5.365   -18.823 -0.555  1.00 0.00 ? 29  ASN A C    1 
ATOM 424  O O    . ASN A 1 29  ? 4.413   -18.260 -0.017  1.00 0.00 ? 29  ASN A O    1 
ATOM 425  C CB   . ASN A 1 29  ? 5.953   -20.456 1.209   1.00 0.00 ? 29  ASN A CB   1 
ATOM 426  C CG   . ASN A 1 29  ? 7.020   -21.498 1.552   1.00 0.00 ? 29  ASN A CG   1 
ATOM 427  O OD1  . ASN A 1 29  ? 7.958   -21.731 0.806   1.00 0.00 ? 29  ASN A OD1  1 
ATOM 428  N ND2  . ASN A 1 29  ? 6.827   -22.109 2.717   1.00 0.00 ? 29  ASN A ND2  1 
ATOM 429  H H    . ASN A 1 29  ? 6.496   -17.538 1.268   1.00 0.00 ? 29  ASN A H    1 
ATOM 430  H HA   . ASN A 1 29  ? 7.327   -19.773 -0.325  1.00 0.00 ? 29  ASN A HA   1 
ATOM 431  H HB2  . ASN A 1 29  ? 5.579   -20.000 2.125   1.00 0.00 ? 29  ASN A HB2  1 
ATOM 432  H HB3  . ASN A 1 29  ? 5.105   -20.945 0.728   1.00 0.00 ? 29  ASN A HB3  1 
ATOM 433  H HD21 . ASN A 1 29  ? 6.036   -21.871 3.281   1.00 0.00 ? 29  ASN A HD21 1 
ATOM 434  H HD22 . ASN A 1 29  ? 7.471   -22.807 3.029   1.00 0.00 ? 29  ASN A HD22 1 
ATOM 435  N N    . SER A 1 30  ? 5.490   -19.004 -1.862  1.00 0.00 ? 30  SER A N    1 
ATOM 436  C CA   . SER A 1 30  ? 4.471   -18.531 -2.783  1.00 0.00 ? 30  SER A CA   1 
ATOM 437  C C    . SER A 1 30  ? 3.080   -18.893 -2.257  1.00 0.00 ? 30  SER A C    1 
ATOM 438  O O    . SER A 1 30  ? 2.101   -18.216 -2.565  1.00 0.00 ? 30  SER A O    1 
ATOM 439  C CB   . SER A 1 30  ? 4.678   -19.117 -4.181  1.00 0.00 ? 30  SER A CB   1 
ATOM 440  O OG   . SER A 1 30  ? 3.643   -18.730 -5.081  1.00 0.00 ? 30  SER A OG   1 
ATOM 441  H H    . SER A 1 30  ? 6.268   -19.462 -2.291  1.00 0.00 ? 30  SER A H    1 
ATOM 442  H HA   . SER A 1 30  ? 4.597   -17.449 -2.821  1.00 0.00 ? 30  SER A HA   1 
ATOM 443  H HB2  . SER A 1 30  ? 5.640   -18.788 -4.573  1.00 0.00 ? 30  SER A HB2  1 
ATOM 444  H HB3  . SER A 1 30  ? 4.715   -20.204 -4.116  1.00 0.00 ? 30  SER A HB3  1 
ATOM 445  H HG   . SER A 1 30  ? 4.035   -18.257 -5.871  1.00 0.00 ? 30  SER A HG   1 
ATOM 446  N N    . GLN A 1 31  ? 3.039   -19.958 -1.470  1.00 0.00 ? 31  GLN A N    1 
ATOM 447  C CA   . GLN A 1 31  ? 1.785   -20.417 -0.898  1.00 0.00 ? 31  GLN A CA   1 
ATOM 448  C C    . GLN A 1 31  ? 1.143   -19.306 -0.065  1.00 0.00 ? 31  GLN A C    1 
ATOM 449  O O    . GLN A 1 31  ? -0.043  -19.371 0.252   1.00 0.00 ? 31  GLN A O    1 
ATOM 450  C CB   . GLN A 1 31  ? 1.996   -21.679 -0.058  1.00 0.00 ? 31  GLN A CB   1 
ATOM 451  C CG   . GLN A 1 31  ? 0.781   -22.606 -0.149  1.00 0.00 ? 31  GLN A CG   1 
ATOM 452  C CD   . GLN A 1 31  ? 0.817   -23.665 0.955   1.00 0.00 ? 31  GLN A CD   1 
ATOM 453  O OE1  . GLN A 1 31  ? 1.487   -24.680 0.856   1.00 0.00 ? 31  GLN A OE1  1 
ATOM 454  N NE2  . GLN A 1 31  ? 0.060   -23.374 2.009   1.00 0.00 ? 31  GLN A NE2  1 
ATOM 455  H H    . GLN A 1 31  ? 3.840   -20.503 -1.224  1.00 0.00 ? 31  GLN A H    1 
ATOM 456  H HA   . GLN A 1 31  ? 1.148   -20.657 -1.749  1.00 0.00 ? 31  GLN A HA   1 
ATOM 457  H HB2  . GLN A 1 31  ? 2.886   -22.206 -0.403  1.00 0.00 ? 31  GLN A HB2  1 
ATOM 458  H HB3  . GLN A 1 31  ? 2.170   -21.405 0.981   1.00 0.00 ? 31  GLN A HB3  1 
ATOM 459  H HG2  . GLN A 1 31  ? -0.134  -22.021 -0.067  1.00 0.00 ? 31  GLN A HG2  1 
ATOM 460  H HG3  . GLN A 1 31  ? 0.763   -23.093 -1.124  1.00 0.00 ? 31  GLN A HG3  1 
ATOM 461  H HE21 . GLN A 1 31  ? -0.466  -22.523 2.026   1.00 0.00 ? 31  GLN A HE21 1 
ATOM 462  H HE22 . GLN A 1 31  ? 0.016   -24.005 2.783   1.00 0.00 ? 31  GLN A HE22 1 
ATOM 463  N N    . ASP A 1 32  ? 1.955   -18.313 0.265   1.00 0.00 ? 32  ASP A N    1 
ATOM 464  C CA   . ASP A 1 32  ? 1.482   -17.189 1.054   1.00 0.00 ? 32  ASP A CA   1 
ATOM 465  C C    . ASP A 1 32  ? 0.836   -16.157 0.127   1.00 0.00 ? 32  ASP A C    1 
ATOM 466  O O    . ASP A 1 32  ? 1.366   -15.860 -0.942  1.00 0.00 ? 32  ASP A O    1 
ATOM 467  C CB   . ASP A 1 32  ? 2.636   -16.506 1.790   1.00 0.00 ? 32  ASP A CB   1 
ATOM 468  C CG   . ASP A 1 32  ? 3.462   -17.427 2.692   1.00 0.00 ? 32  ASP A CG   1 
ATOM 469  O OD1  . ASP A 1 32  ? 3.550   -18.626 2.351   1.00 0.00 ? 32  ASP A OD1  1 
ATOM 470  O OD2  . ASP A 1 32  ? 3.985   -16.911 3.703   1.00 0.00 ? 32  ASP A OD2  1 
ATOM 471  H H    . ASP A 1 32  ? 2.919   -18.268 0.002   1.00 0.00 ? 32  ASP A H    1 
ATOM 472  H HA   . ASP A 1 32  ? 0.771   -17.616 1.762   1.00 0.00 ? 32  ASP A HA   1 
ATOM 473  H HB2  . ASP A 1 32  ? 3.301   -16.055 1.053   1.00 0.00 ? 32  ASP A HB2  1 
ATOM 474  H HB3  . ASP A 1 32  ? 2.233   -15.696 2.396   1.00 0.00 ? 32  ASP A HB3  1 
ATOM 475  N N    . LYS A 1 33  ? -0.299  -15.638 0.572   1.00 0.00 ? 33  LYS A N    1 
ATOM 476  C CA   . LYS A 1 33  ? -1.023  -14.645 -0.204  1.00 0.00 ? 33  LYS A CA   1 
ATOM 477  C C    . LYS A 1 33  ? -1.030  -13.317 0.554   1.00 0.00 ? 33  LYS A C    1 
ATOM 478  O O    . LYS A 1 33  ? -1.091  -13.300 1.784   1.00 0.00 ? 33  LYS A O    1 
ATOM 479  C CB   . LYS A 1 33  ? -2.420  -15.157 -0.560  1.00 0.00 ? 33  LYS A CB   1 
ATOM 480  C CG   . LYS A 1 33  ? -3.191  -15.567 0.696   1.00 0.00 ? 33  LYS A CG   1 
ATOM 481  C CD   . LYS A 1 33  ? -4.518  -14.814 0.795   1.00 0.00 ? 33  LYS A CD   1 
ATOM 482  C CE   . LYS A 1 33  ? -5.642  -15.742 1.261   1.00 0.00 ? 33  LYS A CE   1 
ATOM 483  N NZ   . LYS A 1 33  ? -6.932  -15.339 0.656   1.00 0.00 ? 33  LYS A NZ   1 
ATOM 484  H H    . LYS A 1 33  ? -0.724  -15.885 1.443   1.00 0.00 ? 33  LYS A H    1 
ATOM 485  H HA   . LYS A 1 33  ? -0.482  -14.505 -1.141  1.00 0.00 ? 33  LYS A HA   1 
ATOM 486  H HB2  . LYS A 1 33  ? -2.971  -14.382 -1.093  1.00 0.00 ? 33  LYS A HB2  1 
ATOM 487  H HB3  . LYS A 1 33  ? -2.338  -16.010 -1.235  1.00 0.00 ? 33  LYS A HB3  1 
ATOM 488  H HG2  . LYS A 1 33  ? -3.378  -16.641 0.678   1.00 0.00 ? 33  LYS A HG2  1 
ATOM 489  H HG3  . LYS A 1 33  ? -2.586  -15.364 1.580   1.00 0.00 ? 33  LYS A HG3  1 
ATOM 490  H HD2  . LYS A 1 33  ? -4.418  -13.981 1.491   1.00 0.00 ? 33  LYS A HD2  1 
ATOM 491  H HD3  . LYS A 1 33  ? -4.772  -14.389 -0.176  1.00 0.00 ? 33  LYS A HD3  1 
ATOM 492  H HE2  . LYS A 1 33  ? -5.409  -16.771 0.985   1.00 0.00 ? 33  LYS A HE2  1 
ATOM 493  H HE3  . LYS A 1 33  ? -5.718  -15.713 2.348   1.00 0.00 ? 33  LYS A HE3  1 
ATOM 494  H HZ1  . LYS A 1 33  ? -7.239  -16.050 0.024   1.00 0.00 ? 33  LYS A HZ1  1 
ATOM 495  H HZ2  . LYS A 1 33  ? -7.614  -15.216 1.377   1.00 0.00 ? 33  LYS A HZ2  1 
ATOM 496  H HZ3  . LYS A 1 33  ? -6.813  -14.479 0.159   1.00 0.00 ? 33  LYS A HZ3  1 
ATOM 497  N N    . LEU A 1 34  ? -0.966  -12.235 -0.208  1.00 0.00 ? 34  LEU A N    1 
ATOM 498  C CA   . LEU A 1 34  ? -0.964  -10.906 0.378   1.00 0.00 ? 34  LEU A CA   1 
ATOM 499  C C    . LEU A 1 34  ? -2.156  -10.770 1.328   1.00 0.00 ? 34  LEU A C    1 
ATOM 500  O O    . LEU A 1 34  ? -2.037  -10.173 2.397   1.00 0.00 ? 34  LEU A O    1 
ATOM 501  C CB   . LEU A 1 34  ? -0.927  -9.838  -0.718  1.00 0.00 ? 34  LEU A CB   1 
ATOM 502  C CG   . LEU A 1 34  ? 0.404   -9.683  -1.458  1.00 0.00 ? 34  LEU A CG   1 
ATOM 503  C CD1  . LEU A 1 34  ? 1.398   -8.864  -0.631  1.00 0.00 ? 34  LEU A CD1  1 
ATOM 504  C CD2  . LEU A 1 34  ? 0.973   -11.045 -1.854  1.00 0.00 ? 34  LEU A CD2  1 
ATOM 505  H H    . LEU A 1 34  ? -0.917  -12.257 -1.207  1.00 0.00 ? 34  LEU A H    1 
ATOM 506  H HA   . LEU A 1 34  ? -0.047  -10.805 0.957   1.00 0.00 ? 34  LEU A HA   1 
ATOM 507  H HB2  . LEU A 1 34  ? -1.702  -10.068 -1.449  1.00 0.00 ? 34  LEU A HB2  1 
ATOM 508  H HB3  . LEU A 1 34  ? -1.186  -8.878  -0.271  1.00 0.00 ? 34  LEU A HB3  1 
ATOM 509  H HG   . LEU A 1 34  ? 0.219   -9.131  -2.379  1.00 0.00 ? 34  LEU A HG   1 
ATOM 510  H HD11 . LEU A 1 34  ? 0.853   -8.180  0.019   1.00 0.00 ? 34  LEU A HD11 1 
ATOM 511  H HD12 . LEU A 1 34  ? 2.006   -9.535  -0.026  1.00 0.00 ? 34  LEU A HD12 1 
ATOM 512  H HD13 . LEU A 1 34  ? 2.042   -8.293  -1.300  1.00 0.00 ? 34  LEU A HD13 1 
ATOM 513  H HD21 . LEU A 1 34  ? 1.109   -11.656 -0.961  1.00 0.00 ? 34  LEU A HD21 1 
ATOM 514  H HD22 . LEU A 1 34  ? 0.283   -11.544 -2.534  1.00 0.00 ? 34  LEU A HD22 1 
ATOM 515  H HD23 . LEU A 1 34  ? 1.934   -10.907 -2.349  1.00 0.00 ? 34  LEU A HD23 1 
ATOM 516  N N    . GLY A 1 35  ? -3.277  -11.334 0.903   1.00 0.00 ? 35  GLY A N    1 
ATOM 517  C CA   . GLY A 1 35  ? -4.490  -11.283 1.704   1.00 0.00 ? 35  GLY A CA   1 
ATOM 518  C C    . GLY A 1 35  ? -5.041  -9.858  1.773   1.00 0.00 ? 35  GLY A C    1 
ATOM 519  O O    . GLY A 1 35  ? -5.603  -9.455  2.791   1.00 0.00 ? 35  GLY A O    1 
ATOM 520  H H    . GLY A 1 35  ? -3.365  -11.818 0.033   1.00 0.00 ? 35  GLY A H    1 
ATOM 521  H HA2  . GLY A 1 35  ? -5.240  -11.947 1.276   1.00 0.00 ? 35  GLY A HA2  1 
ATOM 522  H HA3  . GLY A 1 35  ? -4.280  -11.646 2.710   1.00 0.00 ? 35  GLY A HA3  1 
ATOM 523  N N    . LEU A 1 36  ? -4.862  -9.134  0.679   1.00 0.00 ? 36  LEU A N    1 
ATOM 524  C CA   . LEU A 1 36  ? -5.335  -7.762  0.603   1.00 0.00 ? 36  LEU A CA   1 
ATOM 525  C C    . LEU A 1 36  ? -6.035  -7.542  -0.740  1.00 0.00 ? 36  LEU A C    1 
ATOM 526  O O    . LEU A 1 36  ? -5.389  -7.536  -1.787  1.00 0.00 ? 36  LEU A O    1 
ATOM 527  C CB   . LEU A 1 36  ? -4.187  -6.784  0.865   1.00 0.00 ? 36  LEU A CB   1 
ATOM 528  C CG   . LEU A 1 36  ? -2.847  -7.133  0.215   1.00 0.00 ? 36  LEU A CG   1 
ATOM 529  C CD1  . LEU A 1 36  ? -2.539  -6.187  -0.947  1.00 0.00 ? 36  LEU A CD1  1 
ATOM 530  C CD2  . LEU A 1 36  ? -1.722  -7.152  1.252   1.00 0.00 ? 36  LEU A CD2  1 
ATOM 531  H H    . LEU A 1 36  ? -4.403  -9.469  -0.144  1.00 0.00 ? 36  LEU A H    1 
ATOM 532  H HA   . LEU A 1 36  ? -6.065  -7.624  1.400   1.00 0.00 ? 36  LEU A HA   1 
ATOM 533  H HB2  . LEU A 1 36  ? -4.491  -5.797  0.517   1.00 0.00 ? 36  LEU A HB2  1 
ATOM 534  H HB3  . LEU A 1 36  ? -4.038  -6.711  1.942   1.00 0.00 ? 36  LEU A HB3  1 
ATOM 535  H HG   . LEU A 1 36  ? -2.920  -8.139  -0.200  1.00 0.00 ? 36  LEU A HG   1 
ATOM 536  H HD11 . LEU A 1 36  ? -2.864  -6.641  -1.882  1.00 0.00 ? 36  LEU A HD11 1 
ATOM 537  H HD12 . LEU A 1 36  ? -3.066  -5.244  -0.799  1.00 0.00 ? 36  LEU A HD12 1 
ATOM 538  H HD13 . LEU A 1 36  ? -1.465  -6.000  -0.988  1.00 0.00 ? 36  LEU A HD13 1 
ATOM 539  H HD21 . LEU A 1 36  ? -1.832  -6.299  1.921   1.00 0.00 ? 36  LEU A HD21 1 
ATOM 540  H HD22 . LEU A 1 36  ? -1.776  -8.076  1.829   1.00 0.00 ? 36  LEU A HD22 1 
ATOM 541  H HD23 . LEU A 1 36  ? -0.759  -7.095  0.745   1.00 0.00 ? 36  LEU A HD23 1 
ATOM 542  N N    . THR A 1 37  ? -7.346  -7.368  -0.666  1.00 0.00 ? 37  THR A N    1 
ATOM 543  C CA   . THR A 1 37  ? -8.141  -7.148  -1.861  1.00 0.00 ? 37  THR A CA   1 
ATOM 544  C C    . THR A 1 37  ? -8.152  -5.664  -2.230  1.00 0.00 ? 37  THR A C    1 
ATOM 545  O O    . THR A 1 37  ? -7.963  -4.805  -1.370  1.00 0.00 ? 37  THR A O    1 
ATOM 546  C CB   . THR A 1 37  ? -9.538  -7.722  -1.613  1.00 0.00 ? 37  THR A CB   1 
ATOM 547  O OG1  . THR A 1 37  ? -9.496  -9.013  -2.217  1.00 0.00 ? 37  THR A OG1  1 
ATOM 548  C CG2  . THR A 1 37  ? -10.624 -6.980  -2.394  1.00 0.00 ? 37  THR A CG2  1 
ATOM 549  H H    . THR A 1 37  ? -7.863  -7.375  0.191   1.00 0.00 ? 37  THR A H    1 
ATOM 550  H HA   . THR A 1 37  ? -7.671  -7.680  -2.688  1.00 0.00 ? 37  THR A HA   1 
ATOM 551  H HB   . THR A 1 37  ? -9.767  -7.740  -0.548  1.00 0.00 ? 37  THR A HB   1 
ATOM 552  H HG1  . THR A 1 37  ? -9.095  -9.674  -1.584  1.00 0.00 ? 37  THR A HG1  1 
ATOM 553  H HG21 . THR A 1 37  ? -10.523 -5.908  -2.227  1.00 0.00 ? 37  THR A HG21 1 
ATOM 554  H HG22 . THR A 1 37  ? -10.516 -7.193  -3.458  1.00 0.00 ? 37  THR A HG22 1 
ATOM 555  H HG23 . THR A 1 37  ? -11.605 -7.310  -2.056  1.00 0.00 ? 37  THR A HG23 1 
ATOM 556  N N    . VAL A 1 38  ? -8.373  -5.407  -3.511  1.00 0.00 ? 38  VAL A N    1 
ATOM 557  C CA   . VAL A 1 38  ? -8.409  -4.040  -4.004  1.00 0.00 ? 38  VAL A CA   1 
ATOM 558  C C    . VAL A 1 38  ? -9.743  -3.795  -4.714  1.00 0.00 ? 38  VAL A C    1 
ATOM 559  O O    . VAL A 1 38  ? -10.444 -4.741  -5.071  1.00 0.00 ? 38  VAL A O    1 
ATOM 560  C CB   . VAL A 1 38  ? -7.198  -3.774  -4.900  1.00 0.00 ? 38  VAL A CB   1 
ATOM 561  C CG1  . VAL A 1 38  ? -6.733  -5.059  -5.590  1.00 0.00 ? 38  VAL A CG1  1 
ATOM 562  C CG2  . VAL A 1 38  ? -7.504  -2.682  -5.926  1.00 0.00 ? 38  VAL A CG2  1 
ATOM 563  H H    . VAL A 1 38  ? -8.524  -6.111  -4.205  1.00 0.00 ? 38  VAL A H    1 
ATOM 564  H HA   . VAL A 1 38  ? -8.343  -3.377  -3.142  1.00 0.00 ? 38  VAL A HA   1 
ATOM 565  H HB   . VAL A 1 38  ? -6.385  -3.421  -4.267  1.00 0.00 ? 38  VAL A HB   1 
ATOM 566  H HG11 . VAL A 1 38  ? -7.549  -5.468  -6.185  1.00 0.00 ? 38  VAL A HG11 1 
ATOM 567  H HG12 . VAL A 1 38  ? -5.886  -4.838  -6.238  1.00 0.00 ? 38  VAL A HG12 1 
ATOM 568  H HG13 . VAL A 1 38  ? -6.433  -5.787  -4.837  1.00 0.00 ? 38  VAL A HG13 1 
ATOM 569  H HG21 . VAL A 1 38  ? -8.389  -2.958  -6.499  1.00 0.00 ? 38  VAL A HG21 1 
ATOM 570  H HG22 . VAL A 1 38  ? -7.685  -1.739  -5.409  1.00 0.00 ? 38  VAL A HG22 1 
ATOM 571  H HG23 . VAL A 1 38  ? -6.655  -2.568  -6.601  1.00 0.00 ? 38  VAL A HG23 1 
ATOM 572  N N    . CYS A 1 39  ? -10.054 -2.520  -4.897  1.00 0.00 ? 39  CYS A N    1 
ATOM 573  C CA   . CYS A 1 39  ? -11.290 -2.138  -5.556  1.00 0.00 ? 39  CYS A CA   1 
ATOM 574  C C    . CYS A 1 39  ? -11.105 -0.741  -6.154  1.00 0.00 ? 39  CYS A C    1 
ATOM 575  O O    . CYS A 1 39  ? -10.189 -0.016  -5.770  1.00 0.00 ? 39  CYS A O    1 
ATOM 576  C CB   . CYS A 1 39  ? -12.483 -2.197  -4.601  1.00 0.00 ? 39  CYS A CB   1 
ATOM 577  S SG   . CYS A 1 39  ? -14.045 -2.261  -5.552  1.00 0.00 ? 39  CYS A SG   1 
ATOM 578  H H    . CYS A 1 39  ? -9.479  -1.757  -4.603  1.00 0.00 ? 39  CYS A H    1 
ATOM 579  H HA   . CYS A 1 39  ? -11.466 -2.874  -6.342  1.00 0.00 ? 39  CYS A HA   1 
ATOM 580  H HB2  . CYS A 1 39  ? -12.403 -3.074  -3.959  1.00 0.00 ? 39  CYS A HB2  1 
ATOM 581  H HB3  . CYS A 1 39  ? -12.480 -1.323  -3.949  1.00 0.00 ? 39  CYS A HB3  1 
ATOM 582  H HG   . CYS A 1 39  ? -14.690 -1.354  -4.824  1.00 0.00 ? 39  CYS A HG   1 
ATOM 583  N N    . TYR A 1 40  ? -11.989 -0.408  -7.082  1.00 0.00 ? 40  TYR A N    1 
ATOM 584  C CA   . TYR A 1 40  ? -11.935 0.889   -7.735  1.00 0.00 ? 40  TYR A CA   1 
ATOM 585  C C    . TYR A 1 40  ? -12.947 1.857   -7.118  1.00 0.00 ? 40  TYR A C    1 
ATOM 586  O O    . TYR A 1 40  ? -13.802 1.449   -6.334  1.00 0.00 ? 40  TYR A O    1 
ATOM 587  C CB   . TYR A 1 40  ? -12.310 0.641   -9.198  1.00 0.00 ? 40  TYR A CB   1 
ATOM 588  C CG   . TYR A 1 40  ? -11.173 0.908   -10.186 1.00 0.00 ? 40  TYR A CG   1 
ATOM 589  C CD1  . TYR A 1 40  ? -9.915  0.393   -9.946  1.00 0.00 ? 40  TYR A CD1  1 
ATOM 590  C CD2  . TYR A 1 40  ? -11.405 1.664   -11.317 1.00 0.00 ? 40  TYR A CD2  1 
ATOM 591  C CE1  . TYR A 1 40  ? -8.845  0.644   -10.877 1.00 0.00 ? 40  TYR A CE1  1 
ATOM 592  C CE2  . TYR A 1 40  ? -10.335 1.915   -12.247 1.00 0.00 ? 40  TYR A CE2  1 
ATOM 593  C CZ   . TYR A 1 40  ? -9.108  1.394   -11.981 1.00 0.00 ? 40  TYR A CZ   1 
ATOM 594  O OH   . TYR A 1 40  ? -8.097  1.631   -12.860 1.00 0.00 ? 40  TYR A OH   1 
ATOM 595  H H    . TYR A 1 40  ? -12.731 -1.004  -7.388  1.00 0.00 ? 40  TYR A H    1 
ATOM 596  H HA   . TYR A 1 40  ? -10.931 1.291   -7.602  1.00 0.00 ? 40  TYR A HA   1 
ATOM 597  H HB2  . TYR A 1 40  ? -12.638 -0.393  -9.308  1.00 0.00 ? 40  TYR A HB2  1 
ATOM 598  H HB3  . TYR A 1 40  ? -13.159 1.274   -9.456  1.00 0.00 ? 40  TYR A HB3  1 
ATOM 599  H HD1  . TYR A 1 40  ? -9.731  -0.204  -9.053  1.00 0.00 ? 40  TYR A HD1  1 
ATOM 600  H HD2  . TYR A 1 40  ? -12.399 2.071   -11.505 1.00 0.00 ? 40  TYR A HD2  1 
ATOM 601  H HE1  . TYR A 1 40  ? -7.847  0.243   -10.700 1.00 0.00 ? 40  TYR A HE1  1 
ATOM 602  H HE2  . TYR A 1 40  ? -10.505 2.511   -13.144 1.00 0.00 ? 40  TYR A HE2  1 
ATOM 603  H HH   . TYR A 1 40  ? -7.619  2.473   -12.611 1.00 0.00 ? 40  TYR A HH   1 
ATOM 604  N N    . ARG A 1 41  ? -12.816 3.120   -7.496  1.00 0.00 ? 41  ARG A N    1 
ATOM 605  C CA   . ARG A 1 41  ? -13.707 4.149   -6.990  1.00 0.00 ? 41  ARG A CA   1 
ATOM 606  C C    . ARG A 1 41  ? -14.074 5.130   -8.106  1.00 0.00 ? 41  ARG A C    1 
ATOM 607  O O    . ARG A 1 41  ? -15.242 5.480   -8.270  1.00 0.00 ? 41  ARG A O    1 
ATOM 608  C CB   . ARG A 1 41  ? -13.063 4.919   -5.836  1.00 0.00 ? 41  ARG A CB   1 
ATOM 609  C CG   . ARG A 1 41  ? -12.990 4.056   -4.574  1.00 0.00 ? 41  ARG A CG   1 
ATOM 610  C CD   . ARG A 1 41  ? -13.489 4.829   -3.352  1.00 0.00 ? 41  ARG A CD   1 
ATOM 611  N NE   . ARG A 1 41  ? -13.099 4.121   -2.111  1.00 0.00 ? 41  ARG A NE   1 
ATOM 612  C CZ   . ARG A 1 41  ? -13.291 4.607   -0.878  1.00 0.00 ? 41  ARG A CZ   1 
ATOM 613  N NH1  . ARG A 1 41  ? -13.871 5.804   -0.712  1.00 0.00 ? 41  ARG A NH1  1 
ATOM 614  N NH2  . ARG A 1 41  ? -12.905 3.896   0.190   1.00 0.00 ? 41  ARG A NH2  1 
ATOM 615  H H    . ARG A 1 41  ? -12.117 3.443   -8.134  1.00 0.00 ? 41  ARG A H    1 
ATOM 616  H HA   . ARG A 1 41  ? -14.586 3.608   -6.639  1.00 0.00 ? 41  ARG A HA   1 
ATOM 617  H HB2  . ARG A 1 41  ? -12.060 5.237   -6.122  1.00 0.00 ? 41  ARG A HB2  1 
ATOM 618  H HB3  . ARG A 1 41  ? -13.637 5.821   -5.630  1.00 0.00 ? 41  ARG A HB3  1 
ATOM 619  H HG2  . ARG A 1 41  ? -13.589 3.156   -4.710  1.00 0.00 ? 41  ARG A HG2  1 
ATOM 620  H HG3  . ARG A 1 41  ? -11.962 3.733   -4.410  1.00 0.00 ? 41  ARG A HG3  1 
ATOM 621  H HD2  . ARG A 1 41  ? -13.073 5.836   -3.353  1.00 0.00 ? 41  ARG A HD2  1 
ATOM 622  H HD3  . ARG A 1 41  ? -14.574 4.933   -3.395  1.00 0.00 ? 41  ARG A HD3  1 
ATOM 623  H HE   . ARG A 1 41  ? -12.664 3.226   -2.201  1.00 0.00 ? 41  ARG A HE   1 
ATOM 624  H HH11 . ARG A 1 41  ? -14.158 6.335   -1.509  1.00 0.00 ? 41  ARG A HH11 1 
ATOM 625  H HH12 . ARG A 1 41  ? -14.015 6.166   0.210   1.00 0.00 ? 41  ARG A HH12 1 
ATOM 626  H HH21 . ARG A 1 41  ? -12.473 3.002   0.066   1.00 0.00 ? 41  ARG A HH21 1 
ATOM 627  H HH22 . ARG A 1 41  ? -13.049 4.257   1.111   1.00 0.00 ? 41  ARG A HH22 1 
ATOM 628  N N    . THR A 1 42  ? -13.056 5.544   -8.844  1.00 0.00 ? 42  THR A N    1 
ATOM 629  C CA   . THR A 1 42  ? -13.256 6.477   -9.939  1.00 0.00 ? 42  THR A CA   1 
ATOM 630  C C    . THR A 1 42  ? -13.924 7.758   -9.434  1.00 0.00 ? 42  THR A C    1 
ATOM 631  O O    . THR A 1 42  ? -13.362 8.469   -8.604  1.00 0.00 ? 42  THR A O    1 
ATOM 632  C CB   . THR A 1 42  ? -14.058 5.762   -11.028 1.00 0.00 ? 42  THR A CB   1 
ATOM 633  O OG1  . THR A 1 42  ? -13.290 4.597   -11.317 1.00 0.00 ? 42  THR A OG1  1 
ATOM 634  C CG2  . THR A 1 42  ? -14.072 6.536   -12.349 1.00 0.00 ? 42  THR A CG2  1 
ATOM 635  H H    . THR A 1 42  ? -12.109 5.254   -8.704  1.00 0.00 ? 42  THR A H    1 
ATOM 636  H HA   . THR A 1 42  ? -12.280 6.760   -10.333 1.00 0.00 ? 42  THR A HA   1 
ATOM 637  H HB   . THR A 1 42  ? -15.073 5.552   -10.690 1.00 0.00 ? 42  THR A HB   1 
ATOM 638  H HG1  . THR A 1 42  ? -13.712 3.796   -10.892 1.00 0.00 ? 42  THR A HG1  1 
ATOM 639  H HG21 . THR A 1 42  ? -15.067 6.946   -12.519 1.00 0.00 ? 42  THR A HG21 1 
ATOM 640  H HG22 . THR A 1 42  ? -13.346 7.348   -12.301 1.00 0.00 ? 42  THR A HG22 1 
ATOM 641  H HG23 . THR A 1 42  ? -13.812 5.863   -13.166 1.00 0.00 ? 42  THR A HG23 1 
ATOM 642  N N    . ASP A 1 43  ? -15.115 8.011   -9.957  1.00 0.00 ? 43  ASP A N    1 
ATOM 643  C CA   . ASP A 1 43  ? -15.866 9.193   -9.569  1.00 0.00 ? 43  ASP A CA   1 
ATOM 644  C C    . ASP A 1 43  ? -14.986 10.432  -9.748  1.00 0.00 ? 43  ASP A C    1 
ATOM 645  O O    . ASP A 1 43  ? -15.211 11.455  -9.103  1.00 0.00 ? 43  ASP A O    1 
ATOM 646  C CB   . ASP A 1 43  ? -16.287 9.121   -8.100  1.00 0.00 ? 43  ASP A CB   1 
ATOM 647  C CG   . ASP A 1 43  ? -17.585 8.354   -7.837  1.00 0.00 ? 43  ASP A CG   1 
ATOM 648  O OD1  . ASP A 1 43  ? -17.883 7.449   -8.645  1.00 0.00 ? 43  ASP A OD1  1 
ATOM 649  O OD2  . ASP A 1 43  ? -18.248 8.691   -6.832  1.00 0.00 ? 43  ASP A OD2  1 
ATOM 650  H H    . ASP A 1 43  ? -15.565 7.427   -10.631 1.00 0.00 ? 43  ASP A H    1 
ATOM 651  H HA   . ASP A 1 43  ? -16.739 9.204   -10.220 1.00 0.00 ? 43  ASP A HA   1 
ATOM 652  H HB2  . ASP A 1 43  ? -15.484 8.653   -7.530  1.00 0.00 ? 43  ASP A HB2  1 
ATOM 653  H HB3  . ASP A 1 43  ? -16.399 10.136  -7.719  1.00 0.00 ? 43  ASP A HB3  1 
ATOM 654  N N    . ASP A 1 44  ? -14.003 10.300  -10.627 1.00 0.00 ? 44  ASP A N    1 
ATOM 655  C CA   . ASP A 1 44  ? -13.090 11.395  -10.899 1.00 0.00 ? 44  ASP A CA   1 
ATOM 656  C C    . ASP A 1 44  ? -12.459 11.198  -12.278 1.00 0.00 ? 44  ASP A C    1 
ATOM 657  O O    . ASP A 1 44  ? -11.940 10.124  -12.580 1.00 0.00 ? 44  ASP A O    1 
ATOM 658  C CB   . ASP A 1 44  ? -11.962 11.441  -9.866  1.00 0.00 ? 44  ASP A CB   1 
ATOM 659  C CG   . ASP A 1 44  ? -11.119 12.718  -9.883  1.00 0.00 ? 44  ASP A CG   1 
ATOM 660  O OD1  . ASP A 1 44  ? -11.437 13.596  -10.715 1.00 0.00 ? 44  ASP A OD1  1 
ATOM 661  O OD2  . ASP A 1 44  ? -10.177 12.788  -9.065  1.00 0.00 ? 44  ASP A OD2  1 
ATOM 662  H H    . ASP A 1 44  ? -13.828 9.463   -11.147 1.00 0.00 ? 44  ASP A H    1 
ATOM 663  H HA   . ASP A 1 44  ? -13.699 12.297  -10.844 1.00 0.00 ? 44  ASP A HA   1 
ATOM 664  H HB2  . ASP A 1 44  ? -12.394 11.322  -8.873  1.00 0.00 ? 44  ASP A HB2  1 
ATOM 665  H HB3  . ASP A 1 44  ? -11.304 10.587  -10.031 1.00 0.00 ? 44  ASP A HB3  1 
ATOM 666  N N    . GLU A 1 45  ? -12.525 12.250  -13.080 1.00 0.00 ? 45  GLU A N    1 
ATOM 667  C CA   . GLU A 1 45  ? -11.968 12.207  -14.421 1.00 0.00 ? 45  GLU A CA   1 
ATOM 668  C C    . GLU A 1 45  ? -10.487 12.588  -14.393 1.00 0.00 ? 45  GLU A C    1 
ATOM 669  O O    . GLU A 1 45  ? -9.772  12.393  -15.375 1.00 0.00 ? 45  GLU A O    1 
ATOM 670  C CB   . GLU A 1 45  ? -12.750 13.115  -15.370 1.00 0.00 ? 45  GLU A CB   1 
ATOM 671  C CG   . GLU A 1 45  ? -14.095 12.489  -15.745 1.00 0.00 ? 45  GLU A CG   1 
ATOM 672  C CD   . GLU A 1 45  ? -14.939 13.457  -16.577 1.00 0.00 ? 45  GLU A CD   1 
ATOM 673  O OE1  . GLU A 1 45  ? -14.356 14.072  -17.497 1.00 0.00 ? 45  GLU A OE1  1 
ATOM 674  O OE2  . GLU A 1 45  ? -16.146 13.562  -16.274 1.00 0.00 ? 45  GLU A OE2  1 
ATOM 675  H H    . GLU A 1 45  ? -12.949 13.121  -12.827 1.00 0.00 ? 45  GLU A H    1 
ATOM 676  H HA   . GLU A 1 45  ? -12.077 11.172  -14.746 1.00 0.00 ? 45  GLU A HA   1 
ATOM 677  H HB2  . GLU A 1 45  ? -12.916 14.085  -14.899 1.00 0.00 ? 45  GLU A HB2  1 
ATOM 678  H HB3  . GLU A 1 45  ? -12.165 13.295  -16.273 1.00 0.00 ? 45  GLU A HB3  1 
ATOM 679  H HG2  . GLU A 1 45  ? -13.928 11.571  -16.309 1.00 0.00 ? 45  GLU A HG2  1 
ATOM 680  H HG3  . GLU A 1 45  ? -14.637 12.214  -14.840 1.00 0.00 ? 45  GLU A HG3  1 
ATOM 681  N N    . ASP A 1 46  ? -10.069 13.127  -13.257 1.00 0.00 ? 46  ASP A N    1 
ATOM 682  C CA   . ASP A 1 46  ? -8.685  13.538  -13.088 1.00 0.00 ? 46  ASP A CA   1 
ATOM 683  C C    . ASP A 1 46  ? -7.801  12.297  -12.956 1.00 0.00 ? 46  ASP A C    1 
ATOM 684  O O    . ASP A 1 46  ? -6.774  12.189  -13.624 1.00 0.00 ? 46  ASP A O    1 
ATOM 685  C CB   . ASP A 1 46  ? -8.512  14.380  -11.821 1.00 0.00 ? 46  ASP A CB   1 
ATOM 686  C CG   . ASP A 1 46  ? -8.451  15.891  -12.052 1.00 0.00 ? 46  ASP A CG   1 
ATOM 687  O OD1  . ASP A 1 46  ? -8.014  16.279  -13.157 1.00 0.00 ? 46  ASP A OD1  1 
ATOM 688  O OD2  . ASP A 1 46  ? -8.842  16.623  -11.118 1.00 0.00 ? 46  ASP A OD2  1 
ATOM 689  H H    . ASP A 1 46  ? -10.656 13.284  -12.463 1.00 0.00 ? 46  ASP A H    1 
ATOM 690  H HA   . ASP A 1 46  ? -8.450  14.125  -13.976 1.00 0.00 ? 46  ASP A HA   1 
ATOM 691  H HB2  . ASP A 1 46  ? -9.338  14.163  -11.144 1.00 0.00 ? 46  ASP A HB2  1 
ATOM 692  H HB3  . ASP A 1 46  ? -7.596  14.066  -11.318 1.00 0.00 ? 46  ASP A HB3  1 
ATOM 693  N N    . ASP A 1 47  ? -8.232  11.392  -12.090 1.00 0.00 ? 47  ASP A N    1 
ATOM 694  C CA   . ASP A 1 47  ? -7.493  10.162  -11.862 1.00 0.00 ? 47  ASP A CA   1 
ATOM 695  C C    . ASP A 1 47  ? -8.229  9.314   -10.824 1.00 0.00 ? 47  ASP A C    1 
ATOM 696  O O    . ASP A 1 47  ? -8.548  9.795   -9.738  1.00 0.00 ? 47  ASP A O    1 
ATOM 697  C CB   . ASP A 1 47  ? -6.090  10.455  -11.325 1.00 0.00 ? 47  ASP A CB   1 
ATOM 698  C CG   . ASP A 1 47  ? -5.118  9.274   -11.378 1.00 0.00 ? 47  ASP A CG   1 
ATOM 699  O OD1  . ASP A 1 47  ? -4.754  8.890   -12.510 1.00 0.00 ? 47  ASP A OD1  1 
ATOM 700  O OD2  . ASP A 1 47  ? -4.761  8.783   -10.285 1.00 0.00 ? 47  ASP A OD2  1 
ATOM 701  H H    . ASP A 1 47  ? -9.068  11.488  -11.551 1.00 0.00 ? 47  ASP A H    1 
ATOM 702  H HA   . ASP A 1 47  ? -7.439  9.676   -12.835 1.00 0.00 ? 47  ASP A HA   1 
ATOM 703  H HB2  . ASP A 1 47  ? -5.665  11.282  -11.893 1.00 0.00 ? 47  ASP A HB2  1 
ATOM 704  H HB3  . ASP A 1 47  ? -6.176  10.789  -10.290 1.00 0.00 ? 47  ASP A HB3  1 
ATOM 705  N N    . ILE A 1 48  ? -8.479  8.067   -11.195 1.00 0.00 ? 48  ILE A N    1 
ATOM 706  C CA   . ILE A 1 48  ? -9.172  7.147   -10.308 1.00 0.00 ? 48  ILE A CA   1 
ATOM 707  C C    . ILE A 1 48  ? -8.368  6.984   -9.018  1.00 0.00 ? 48  ILE A C    1 
ATOM 708  O O    . ILE A 1 48  ? -8.223  7.934   -8.249  1.00 0.00 ? 48  ILE A O    1 
ATOM 709  C CB   . ILE A 1 48  ? -9.458  5.826   -11.025 1.00 0.00 ? 48  ILE A CB   1 
ATOM 710  C CG1  . ILE A 1 48  ? -10.193 6.065   -12.345 1.00 0.00 ? 48  ILE A CG1  1 
ATOM 711  C CG2  . ILE A 1 48  ? -10.218 4.860   -10.114 1.00 0.00 ? 48  ILE A CG2  1 
ATOM 712  C CD1  . ILE A 1 48  ? -9.394  5.514   -13.527 1.00 0.00 ? 48  ILE A CD1  1 
ATOM 713  H H    . ILE A 1 48  ? -8.216  7.683   -12.080 1.00 0.00 ? 48  ILE A H    1 
ATOM 714  H HA   . ILE A 1 48  ? -10.135 7.595   -10.062 1.00 0.00 ? 48  ILE A HA   1 
ATOM 715  H HB   . ILE A 1 48  ? -8.505  5.356   -11.269 1.00 0.00 ? 48  ILE A HB   1 
ATOM 716  H HG12 . ILE A 1 48  ? -11.174 5.589   -12.311 1.00 0.00 ? 48  ILE A HG12 1 
ATOM 717  H HG13 . ILE A 1 48  ? -10.363 7.134   -12.483 1.00 0.00 ? 48  ILE A HG13 1 
ATOM 718  H HG21 . ILE A 1 48  ? -11.258 4.803   -10.432 1.00 0.00 ? 48  ILE A HG21 1 
ATOM 719  H HG22 . ILE A 1 48  ? -9.763  3.871   -10.173 1.00 0.00 ? 48  ILE A HG22 1 
ATOM 720  H HG23 . ILE A 1 48  ? -10.170 5.219   -9.085  1.00 0.00 ? 48  ILE A HG23 1 
ATOM 721  H HD11 . ILE A 1 48  ? -9.227  4.446   -13.387 1.00 0.00 ? 48  ILE A HD11 1 
ATOM 722  H HD12 . ILE A 1 48  ? -9.950  5.677   -14.450 1.00 0.00 ? 48  ILE A HD12 1 
ATOM 723  H HD13 . ILE A 1 48  ? -8.434  6.027   -13.587 1.00 0.00 ? 48  ILE A HD13 1 
ATOM 724  N N    . GLY A 1 49  ? -7.866  5.774   -8.819  1.00 0.00 ? 49  GLY A N    1 
ATOM 725  C CA   . GLY A 1 49  ? -7.079  5.476   -7.634  1.00 0.00 ? 49  GLY A CA   1 
ATOM 726  C C    . GLY A 1 49  ? -7.448  4.106   -7.062  1.00 0.00 ? 49  GLY A C    1 
ATOM 727  O O    . GLY A 1 49  ? -8.610  3.853   -6.746  1.00 0.00 ? 49  GLY A O    1 
ATOM 728  H H    . GLY A 1 49  ? -7.989  5.008   -9.449  1.00 0.00 ? 49  GLY A H    1 
ATOM 729  H HA2  . GLY A 1 49  ? -6.019  5.497   -7.882  1.00 0.00 ? 49  GLY A HA2  1 
ATOM 730  H HA3  . GLY A 1 49  ? -7.245  6.245   -6.880  1.00 0.00 ? 49  GLY A HA3  1 
ATOM 731  N N    . ILE A 1 50  ? -6.438  3.257   -6.946  1.00 0.00 ? 50  ILE A N    1 
ATOM 732  C CA   . ILE A 1 50  ? -6.641  1.919   -6.419  1.00 0.00 ? 50  ILE A CA   1 
ATOM 733  C C    . ILE A 1 50  ? -6.616  1.969   -4.890  1.00 0.00 ? 50  ILE A C    1 
ATOM 734  O O    . ILE A 1 50  ? -5.718  2.566   -4.299  1.00 0.00 ? 50  ILE A O    1 
ATOM 735  C CB   . ILE A 1 50  ? -5.624  0.946   -7.018  1.00 0.00 ? 50  ILE A CB   1 
ATOM 736  C CG1  . ILE A 1 50  ? -6.049  0.502   -8.420  1.00 0.00 ? 50  ILE A CG1  1 
ATOM 737  C CG2  . ILE A 1 50  ? -5.389  -0.245  -6.086  1.00 0.00 ? 50  ILE A CG2  1 
ATOM 738  C CD1  . ILE A 1 50  ? -5.879  1.639   -9.429  1.00 0.00 ? 50  ILE A CD1  1 
ATOM 739  H H    . ILE A 1 50  ? -5.496  3.471   -7.206  1.00 0.00 ? 50  ILE A H    1 
ATOM 740  H HA   . ILE A 1 50  ? -7.630  1.588   -6.737  1.00 0.00 ? 50  ILE A HA   1 
ATOM 741  H HB   . ILE A 1 50  ? -4.672  1.467   -7.120  1.00 0.00 ? 50  ILE A HB   1 
ATOM 742  H HG12 . ILE A 1 50  ? -5.453  -0.357  -8.729  1.00 0.00 ? 50  ILE A HG12 1 
ATOM 743  H HG13 . ILE A 1 50  ? -7.090  0.179   -8.402  1.00 0.00 ? 50  ILE A HG13 1 
ATOM 744  H HG21 . ILE A 1 50  ? -5.267  -1.152  -6.679  1.00 0.00 ? 50  ILE A HG21 1 
ATOM 745  H HG22 . ILE A 1 50  ? -4.489  -0.073  -5.495  1.00 0.00 ? 50  ILE A HG22 1 
ATOM 746  H HG23 . ILE A 1 50  ? -6.244  -0.360  -5.421  1.00 0.00 ? 50  ILE A HG23 1 
ATOM 747  H HD11 . ILE A 1 50  ? -5.001  2.228   -9.168  1.00 0.00 ? 50  ILE A HD11 1 
ATOM 748  H HD12 . ILE A 1 50  ? -5.753  1.221   -10.428 1.00 0.00 ? 50  ILE A HD12 1 
ATOM 749  H HD13 . ILE A 1 50  ? -6.763  2.275   -9.412  1.00 0.00 ? 50  ILE A HD13 1 
ATOM 750  N N    . TYR A 1 51  ? -7.615  1.335   -4.292  1.00 0.00 ? 51  TYR A N    1 
ATOM 751  C CA   . TYR A 1 51  ? -7.719  1.300   -2.844  1.00 0.00 ? 51  TYR A CA   1 
ATOM 752  C C    . TYR A 1 51  ? -7.956  -0.127  -2.345  1.00 0.00 ? 51  TYR A C    1 
ATOM 753  O O    . TYR A 1 51  ? -8.383  -0.992  -3.108  1.00 0.00 ? 51  TYR A O    1 
ATOM 754  C CB   . TYR A 1 51  ? -8.933  2.160   -2.487  1.00 0.00 ? 51  TYR A CB   1 
ATOM 755  C CG   . TYR A 1 51  ? -8.849  3.599   -3.001  1.00 0.00 ? 51  TYR A CG   1 
ATOM 756  C CD1  . TYR A 1 51  ? -9.339  3.915   -4.252  1.00 0.00 ? 51  TYR A CD1  1 
ATOM 757  C CD2  . TYR A 1 51  ? -8.283  4.581   -2.214  1.00 0.00 ? 51  TYR A CD2  1 
ATOM 758  C CE1  . TYR A 1 51  ? -9.259  5.269   -4.736  1.00 0.00 ? 51  TYR A CE1  1 
ATOM 759  C CE2  . TYR A 1 51  ? -8.203  5.935   -2.697  1.00 0.00 ? 51  TYR A CE2  1 
ATOM 760  C CZ   . TYR A 1 51  ? -8.696  6.212   -3.934  1.00 0.00 ? 51  TYR A CZ   1 
ATOM 761  O OH   . TYR A 1 51  ? -8.620  7.491   -4.391  1.00 0.00 ? 51  TYR A OH   1 
ATOM 762  H H    . TYR A 1 51  ? -8.342  0.852   -4.780  1.00 0.00 ? 51  TYR A H    1 
ATOM 763  H HA   . TYR A 1 51  ? -6.781  1.671   -2.430  1.00 0.00 ? 51  TYR A HA   1 
ATOM 764  H HB2  . TYR A 1 51  ? -9.830  1.692   -2.895  1.00 0.00 ? 51  TYR A HB2  1 
ATOM 765  H HB3  . TYR A 1 51  ? -9.048  2.178   -1.403  1.00 0.00 ? 51  TYR A HB3  1 
ATOM 766  H HD1  . TYR A 1 51  ? -9.786  3.140   -4.874  1.00 0.00 ? 51  TYR A HD1  1 
ATOM 767  H HD2  . TYR A 1 51  ? -7.896  4.331   -1.225  1.00 0.00 ? 51  TYR A HD2  1 
ATOM 768  H HE1  . TYR A 1 51  ? -9.642  5.532   -5.721  1.00 0.00 ? 51  TYR A HE1  1 
ATOM 769  H HE2  . TYR A 1 51  ? -7.759  6.720   -2.085  1.00 0.00 ? 51  TYR A HE2  1 
ATOM 770  H HH   . TYR A 1 51  ? -7.974  7.545   -5.152  1.00 0.00 ? 51  TYR A HH   1 
ATOM 771  N N    . ILE A 1 52  ? -7.669  -0.328  -1.067  1.00 0.00 ? 52  ILE A N    1 
ATOM 772  C CA   . ILE A 1 52  ? -7.846  -1.635  -0.457  1.00 0.00 ? 52  ILE A CA   1 
ATOM 773  C C    . ILE A 1 52  ? -9.317  -1.823  -0.081  1.00 0.00 ? 52  ILE A C    1 
ATOM 774  O O    . ILE A 1 52  ? -9.868  -1.040  0.691   1.00 0.00 ? 52  ILE A O    1 
ATOM 775  C CB   . ILE A 1 52  ? -6.882  -1.813  0.717   1.00 0.00 ? 52  ILE A CB   1 
ATOM 776  C CG1  . ILE A 1 52  ? -5.449  -1.464  0.309   1.00 0.00 ? 52  ILE A CG1  1 
ATOM 777  C CG2  . ILE A 1 52  ? -6.984  -3.223  1.302   1.00 0.00 ? 52  ILE A CG2  1 
ATOM 778  C CD1  . ILE A 1 52  ? -4.674  -2.718  -0.100  1.00 0.00 ? 52  ILE A CD1  1 
ATOM 779  H H    . ILE A 1 52  ? -7.323  0.381   -0.454  1.00 0.00 ? 52  ILE A H    1 
ATOM 780  H HA   . ILE A 1 52  ? -7.582  -2.384  -1.206  1.00 0.00 ? 52  ILE A HA   1 
ATOM 781  H HB   . ILE A 1 52  ? -7.171  -1.117  1.505   1.00 0.00 ? 52  ILE A HB   1 
ATOM 782  H HG12 . ILE A 1 52  ? -5.465  -0.756  -0.519  1.00 0.00 ? 52  ILE A HG12 1 
ATOM 783  H HG13 . ILE A 1 52  ? -4.941  -0.973  1.138   1.00 0.00 ? 52  ILE A HG13 1 
ATOM 784  H HG21 . ILE A 1 52  ? -7.746  -3.241  2.080   1.00 0.00 ? 52  ILE A HG21 1 
ATOM 785  H HG22 . ILE A 1 52  ? -7.256  -3.925  0.513   1.00 0.00 ? 52  ILE A HG22 1 
ATOM 786  H HG23 . ILE A 1 52  ? -6.023  -3.511  1.728   1.00 0.00 ? 52  ILE A HG23 1 
ATOM 787  H HD11 . ILE A 1 52  ? -3.859  -2.440  -0.767  1.00 0.00 ? 52  ILE A HD11 1 
ATOM 788  H HD12 . ILE A 1 52  ? -4.268  -3.201  0.790   1.00 0.00 ? 52  ILE A HD12 1 
ATOM 789  H HD13 . ILE A 1 52  ? -5.344  -3.408  -0.613  1.00 0.00 ? 52  ILE A HD13 1 
ATOM 790  N N    . SER A 1 53  ? -9.910  -2.866  -0.642  1.00 0.00 ? 53  SER A N    1 
ATOM 791  C CA   . SER A 1 53  ? -11.306 -3.166  -0.375  1.00 0.00 ? 53  SER A CA   1 
ATOM 792  C C    . SER A 1 53  ? -11.423 -4.034  0.880   1.00 0.00 ? 53  SER A C    1 
ATOM 793  O O    . SER A 1 53  ? -12.266 -3.780  1.739   1.00 0.00 ? 53  SER A O    1 
ATOM 794  C CB   . SER A 1 53  ? -11.957 -3.868  -1.569  1.00 0.00 ? 53  SER A CB   1 
ATOM 795  O OG   . SER A 1 53  ? -12.551 -5.110  -1.199  1.00 0.00 ? 53  SER A OG   1 
ATOM 796  H H    . SER A 1 53  ? -9.454  -3.498  -1.269  1.00 0.00 ? 53  SER A H    1 
ATOM 797  H HA   . SER A 1 53  ? -11.784 -2.200  -0.218  1.00 0.00 ? 53  SER A HA   1 
ATOM 798  H HB2  . SER A 1 53  ? -12.718 -3.218  -2.001  1.00 0.00 ? 53  SER A HB2  1 
ATOM 799  H HB3  . SER A 1 53  ? -11.208 -4.040  -2.341  1.00 0.00 ? 53  SER A HB3  1 
ATOM 800  H HG   . SER A 1 53  ? -11.867 -5.703  -0.776  1.00 0.00 ? 53  SER A HG   1 
ATOM 801  N N    . GLU A 1 54  ? -10.566 -5.042  0.945   1.00 0.00 ? 54  GLU A N    1 
ATOM 802  C CA   . GLU A 1 54  ? -10.562 -5.949  2.080   1.00 0.00 ? 54  GLU A CA   1 
ATOM 803  C C    . GLU A 1 54  ? -9.127  -6.297  2.478   1.00 0.00 ? 54  GLU A C    1 
ATOM 804  O O    . GLU A 1 54  ? -8.230  -6.305  1.636   1.00 0.00 ? 54  GLU A O    1 
ATOM 805  C CB   . GLU A 1 54  ? -11.368 -7.214  1.774   1.00 0.00 ? 54  GLU A CB   1 
ATOM 806  C CG   . GLU A 1 54  ? -12.868 -6.963  1.942   1.00 0.00 ? 54  GLU A CG   1 
ATOM 807  C CD   . GLU A 1 54  ? -13.618 -8.271  2.201   1.00 0.00 ? 54  GLU A CD   1 
ATOM 808  O OE1  . GLU A 1 54  ? -13.081 -9.087  2.982   1.00 0.00 ? 54  GLU A OE1  1 
ATOM 809  O OE2  . GLU A 1 54  ? -14.709 -8.427  1.611   1.00 0.00 ? 54  GLU A OE2  1 
ATOM 810  H H    . GLU A 1 54  ? -9.884  -5.243  0.243   1.00 0.00 ? 54  GLU A H    1 
ATOM 811  H HA   . GLU A 1 54  ? -11.049 -5.403  2.889   1.00 0.00 ? 54  GLU A HA   1 
ATOM 812  H HB2  . GLU A 1 54  ? -11.162 -7.542  0.756   1.00 0.00 ? 54  GLU A HB2  1 
ATOM 813  H HB3  . GLU A 1 54  ? -11.054 -8.019  2.437   1.00 0.00 ? 54  GLU A HB3  1 
ATOM 814  H HG2  . GLU A 1 54  ? -13.035 -6.274  2.770   1.00 0.00 ? 54  GLU A HG2  1 
ATOM 815  H HG3  . GLU A 1 54  ? -13.263 -6.485  1.045   1.00 0.00 ? 54  GLU A HG3  1 
ATOM 816  N N    . ILE A 1 55  ? -8.953  -6.576  3.761   1.00 0.00 ? 55  ILE A N    1 
ATOM 817  C CA   . ILE A 1 55  ? -7.642  -6.924  4.281   1.00 0.00 ? 55  ILE A CA   1 
ATOM 818  C C    . ILE A 1 55  ? -7.788  -8.035  5.323   1.00 0.00 ? 55  ILE A C    1 
ATOM 819  O O    . ILE A 1 55  ? -8.350  -7.815  6.396   1.00 0.00 ? 55  ILE A O    1 
ATOM 820  C CB   . ILE A 1 55  ? -6.927  -5.678  4.809   1.00 0.00 ? 55  ILE A CB   1 
ATOM 821  C CG1  . ILE A 1 55  ? -5.425  -5.747  4.526   1.00 0.00 ? 55  ILE A CG1  1 
ATOM 822  C CG2  . ILE A 1 55  ? -7.221  -5.463  6.294   1.00 0.00 ? 55  ILE A CG2  1 
ATOM 823  C CD1  . ILE A 1 55  ? -4.755  -6.824  5.381   1.00 0.00 ? 55  ILE A CD1  1 
ATOM 824  H H    . ILE A 1 55  ? -9.688  -6.568  4.440   1.00 0.00 ? 55  ILE A H    1 
ATOM 825  H HA   . ILE A 1 55  ? -7.052  -7.306  3.449   1.00 0.00 ? 55  ILE A HA   1 
ATOM 826  H HB   . ILE A 1 55  ? -7.315  -4.810  4.274   1.00 0.00 ? 55  ILE A HB   1 
ATOM 827  H HG12 . ILE A 1 55  ? -5.259  -5.961  3.470   1.00 0.00 ? 55  ILE A HG12 1 
ATOM 828  H HG13 . ILE A 1 55  ? -4.967  -4.779  4.730   1.00 0.00 ? 55  ILE A HG13 1 
ATOM 829  H HG21 . ILE A 1 55  ? -6.869  -4.477  6.596   1.00 0.00 ? 55  ILE A HG21 1 
ATOM 830  H HG22 . ILE A 1 55  ? -8.296  -5.534  6.465   1.00 0.00 ? 55  ILE A HG22 1 
ATOM 831  H HG23 . ILE A 1 55  ? -6.710  -6.227  6.879   1.00 0.00 ? 55  ILE A HG23 1 
ATOM 832  H HD11 . ILE A 1 55  ? -4.468  -6.397  6.342   1.00 0.00 ? 55  ILE A HD11 1 
ATOM 833  H HD12 . ILE A 1 55  ? -5.453  -7.646  5.543   1.00 0.00 ? 55  ILE A HD12 1 
ATOM 834  H HD13 . ILE A 1 55  ? -3.868  -7.196  4.870   1.00 0.00 ? 55  ILE A HD13 1 
ATOM 835  N N    . ASP A 1 56  ? -7.275  -9.204  4.971   1.00 0.00 ? 56  ASP A N    1 
ATOM 836  C CA   . ASP A 1 56  ? -7.341  -10.349 5.862   1.00 0.00 ? 56  ASP A CA   1 
ATOM 837  C C    . ASP A 1 56  ? -6.443  -10.101 7.075   1.00 0.00 ? 56  ASP A C    1 
ATOM 838  O O    . ASP A 1 56  ? -5.345  -9.562  6.939   1.00 0.00 ? 56  ASP A O    1 
ATOM 839  C CB   . ASP A 1 56  ? -6.851  -11.620 5.164   1.00 0.00 ? 56  ASP A CB   1 
ATOM 840  C CG   . ASP A 1 56  ? -7.957  -12.570 4.698   1.00 0.00 ? 56  ASP A CG   1 
ATOM 841  O OD1  . ASP A 1 56  ? -9.130  -12.141 4.743   1.00 0.00 ? 56  ASP A OD1  1 
ATOM 842  O OD2  . ASP A 1 56  ? -7.603  -13.703 4.308   1.00 0.00 ? 56  ASP A OD2  1 
ATOM 843  H H    . ASP A 1 56  ? -6.819  -9.374  4.096   1.00 0.00 ? 56  ASP A H    1 
ATOM 844  H HA   . ASP A 1 56  ? -8.393  -10.441 6.133   1.00 0.00 ? 56  ASP A HA   1 
ATOM 845  H HB2  . ASP A 1 56  ? -6.251  -11.334 4.300   1.00 0.00 ? 56  ASP A HB2  1 
ATOM 846  H HB3  . ASP A 1 56  ? -6.192  -12.159 5.844   1.00 0.00 ? 56  ASP A HB3  1 
ATOM 847  N N    . PRO A 1 57  ? -6.956  -10.514 8.265   1.00 0.00 ? 57  PRO A N    1 
ATOM 848  C CA   . PRO A 1 57  ? -6.212  -10.341 9.501   1.00 0.00 ? 57  PRO A CA   1 
ATOM 849  C C    . PRO A 1 57  ? -5.070  -11.355 9.600   1.00 0.00 ? 57  PRO A C    1 
ATOM 850  O O    . PRO A 1 57  ? -4.115  -11.149 10.349  1.00 0.00 ? 57  PRO A O    1 
ATOM 851  C CB   . PRO A 1 57  ? -7.243  -10.498 10.606  1.00 0.00 ? 57  PRO A CB   1 
ATOM 852  C CG   . PRO A 1 57  ? -8.427  -11.210 9.973   1.00 0.00 ? 57  PRO A CG   1 
ATOM 853  C CD   . PRO A 1 57  ? -8.251  -11.155 8.464   1.00 0.00 ? 57  PRO A CD   1 
ATOM 854  H HA   . PRO A 1 57  ? -5.779  -9.439  9.522   1.00 0.00 ? 57  PRO A HA   1 
ATOM 855  H HB2  . PRO A 1 57  ? -6.839  -11.075 11.438  1.00 0.00 ? 57  PRO A HB2  1 
ATOM 856  H HB3  . PRO A 1 57  ? -7.539  -9.527  11.005  1.00 0.00 ? 57  PRO A HB3  1 
ATOM 857  H HG2  . PRO A 1 57  ? -8.478  -12.244 10.314  1.00 0.00 ? 57  PRO A HG2  1 
ATOM 858  H HG3  . PRO A 1 57  ? -9.361  -10.731 10.266  1.00 0.00 ? 57  PRO A HG3  1 
ATOM 859  H HD2  . PRO A 1 57  ? -8.271  -12.154 8.026   1.00 0.00 ? 57  PRO A HD2  1 
ATOM 860  H HD3  . PRO A 1 57  ? -9.052  -10.586 7.992   1.00 0.00 ? 57  PRO A HD3  1 
ATOM 861  N N    . ASN A 1 58  ? -5.206  -12.428 8.835   1.00 0.00 ? 58  ASN A N    1 
ATOM 862  C CA   . ASN A 1 58  ? -4.197  -13.475 8.828   1.00 0.00 ? 58  ASN A CA   1 
ATOM 863  C C    . ASN A 1 58  ? -3.620  -13.610 7.417   1.00 0.00 ? 58  ASN A C    1 
ATOM 864  O O    . ASN A 1 58  ? -3.945  -14.554 6.698   1.00 0.00 ? 58  ASN A O    1 
ATOM 865  C CB   . ASN A 1 58  ? -4.801  -14.824 9.224   1.00 0.00 ? 58  ASN A CB   1 
ATOM 866  C CG   . ASN A 1 58  ? -4.494  -15.153 10.686  1.00 0.00 ? 58  ASN A CG   1 
ATOM 867  O OD1  . ASN A 1 58  ? -3.354  -15.328 11.084  1.00 0.00 ? 58  ASN A OD1  1 
ATOM 868  N ND2  . ASN A 1 58  ? -5.572  -15.228 11.462  1.00 0.00 ? 58  ASN A ND2  1 
ATOM 869  H H    . ASN A 1 58  ? -5.985  -12.588 8.229   1.00 0.00 ? 58  ASN A H    1 
ATOM 870  H HA   . ASN A 1 58  ? -3.450  -13.157 9.555   1.00 0.00 ? 58  ASN A HA   1 
ATOM 871  H HB2  . ASN A 1 58  ? -5.880  -14.802 9.071   1.00 0.00 ? 58  ASN A HB2  1 
ATOM 872  H HB3  . ASN A 1 58  ? -4.403  -15.607 8.579   1.00 0.00 ? 58  ASN A HB3  1 
ATOM 873  H HD21 . ASN A 1 58  ? -6.479  -15.074 11.072  1.00 0.00 ? 58  ASN A HD21 1 
ATOM 874  H HD22 . ASN A 1 58  ? -5.474  -15.439 12.434  1.00 0.00 ? 58  ASN A HD22 1 
ATOM 875  N N    . SER A 1 59  ? -2.774  -12.654 7.064   1.00 0.00 ? 59  SER A N    1 
ATOM 876  C CA   . SER A 1 59  ? -2.150  -12.655 5.752   1.00 0.00 ? 59  SER A CA   1 
ATOM 877  C C    . SER A 1 59  ? -0.770  -11.998 5.829   1.00 0.00 ? 59  SER A C    1 
ATOM 878  O O    . SER A 1 59  ? -0.471  -11.282 6.785   1.00 0.00 ? 59  SER A O    1 
ATOM 879  C CB   . SER A 1 59  ? -3.024  -11.934 4.724   1.00 0.00 ? 59  SER A CB   1 
ATOM 880  O OG   . SER A 1 59  ? -3.015  -10.522 4.913   1.00 0.00 ? 59  SER A OG   1 
ATOM 881  H H    . SER A 1 59  ? -2.516  -11.889 7.655   1.00 0.00 ? 59  SER A H    1 
ATOM 882  H HA   . SER A 1 59  ? -2.058  -13.705 5.477   1.00 0.00 ? 59  SER A HA   1 
ATOM 883  H HB2  . SER A 1 59  ? -2.670  -12.168 3.720   1.00 0.00 ? 59  SER A HB2  1 
ATOM 884  H HB3  . SER A 1 59  ? -4.046  -12.302 4.796   1.00 0.00 ? 59  SER A HB3  1 
ATOM 885  H HG   . SER A 1 59  ? -2.365  -10.097 4.282   1.00 0.00 ? 59  SER A HG   1 
ATOM 886  N N    . ILE A 1 60  ? 0.035   -12.265 4.812   1.00 0.00 ? 60  ILE A N    1 
ATOM 887  C CA   . ILE A 1 60  ? 1.376   -11.709 4.752   1.00 0.00 ? 60  ILE A CA   1 
ATOM 888  C C    . ILE A 1 60  ? 1.350   -10.268 5.268   1.00 0.00 ? 60  ILE A C    1 
ATOM 889  O O    . ILE A 1 60  ? 2.104   -9.915  6.173   1.00 0.00 ? 60  ILE A O    1 
ATOM 890  C CB   . ILE A 1 60  ? 1.951   -11.846 3.342   1.00 0.00 ? 60  ILE A CB   1 
ATOM 891  C CG1  . ILE A 1 60  ? 1.936   -13.305 2.882   1.00 0.00 ? 60  ILE A CG1  1 
ATOM 892  C CG2  . ILE A 1 60  ? 3.351   -11.234 3.258   1.00 0.00 ? 60  ILE A CG2  1 
ATOM 893  C CD1  . ILE A 1 60  ? 2.906   -13.526 1.720   1.00 0.00 ? 60  ILE A CD1  1 
ATOM 894  H H    . ILE A 1 60  ? -0.214  -12.848 4.038   1.00 0.00 ? 60  ILE A H    1 
ATOM 895  H HA   . ILE A 1 60  ? 2.006   -12.301 5.416   1.00 0.00 ? 60  ILE A HA   1 
ATOM 896  H HB   . ILE A 1 60  ? 1.315   -11.286 2.657   1.00 0.00 ? 60  ILE A HB   1 
ATOM 897  H HG12 . ILE A 1 60  ? 2.206   -13.955 3.714   1.00 0.00 ? 60  ILE A HG12 1 
ATOM 898  H HG13 . ILE A 1 60  ? 0.927   -13.583 2.576   1.00 0.00 ? 60  ILE A HG13 1 
ATOM 899  H HG21 . ILE A 1 60  ? 4.094   -11.990 3.514   1.00 0.00 ? 60  ILE A HG21 1 
ATOM 900  H HG22 . ILE A 1 60  ? 3.533   -10.877 2.244   1.00 0.00 ? 60  ILE A HG22 1 
ATOM 901  H HG23 . ILE A 1 60  ? 3.426   -10.400 3.956   1.00 0.00 ? 60  ILE A HG23 1 
ATOM 902  H HD11 . ILE A 1 60  ? 3.836   -13.949 2.098   1.00 0.00 ? 60  ILE A HD11 1 
ATOM 903  H HD12 . ILE A 1 60  ? 2.460   -14.212 0.999   1.00 0.00 ? 60  ILE A HD12 1 
ATOM 904  H HD13 . ILE A 1 60  ? 3.112   -12.572 1.233   1.00 0.00 ? 60  ILE A HD13 1 
ATOM 905  N N    . ALA A 1 61  ? 0.472   -9.476  4.670   1.00 0.00 ? 61  ALA A N    1 
ATOM 906  C CA   . ALA A 1 61  ? 0.337   -8.082  5.057   1.00 0.00 ? 61  ALA A CA   1 
ATOM 907  C C    . ALA A 1 61  ? -0.112  -8.004  6.518   1.00 0.00 ? 61  ALA A C    1 
ATOM 908  O O    . ALA A 1 61  ? 0.605   -7.472  7.364   1.00 0.00 ? 61  ALA A O    1 
ATOM 909  C CB   . ALA A 1 61  ? -0.637  -7.381  4.109   1.00 0.00 ? 61  ALA A CB   1 
ATOM 910  H H    . ALA A 1 61  ? -0.138  -9.771  3.935   1.00 0.00 ? 61  ALA A H    1 
ATOM 911  H HA   . ALA A 1 61  ? 1.318   -7.614  4.962   1.00 0.00 ? 61  ALA A HA   1 
ATOM 912  H HB1  . ALA A 1 61  ? -0.796  -6.355  4.445   1.00 0.00 ? 61  ALA A HB1  1 
ATOM 913  H HB2  . ALA A 1 61  ? -0.223  -7.374  3.101   1.00 0.00 ? 61  ALA A HB2  1 
ATOM 914  H HB3  . ALA A 1 61  ? -1.589  -7.913  4.108   1.00 0.00 ? 61  ALA A HB3  1 
ATOM 915  N N    . ALA A 1 62  ? -1.296  -8.543  6.769   1.00 0.00 ? 62  ALA A N    1 
ATOM 916  C CA   . ALA A 1 62  ? -1.849  -8.541  8.113   1.00 0.00 ? 62  ALA A CA   1 
ATOM 917  C C    . ALA A 1 62  ? -0.735  -8.841  9.118   1.00 0.00 ? 62  ALA A C    1 
ATOM 918  O O    . ALA A 1 62  ? -0.596  -8.145  10.123  1.00 0.00 ? 62  ALA A O    1 
ATOM 919  C CB   . ALA A 1 62  ? -2.996  -9.551  8.194   1.00 0.00 ? 62  ALA A CB   1 
ATOM 920  H H    . ALA A 1 62  ? -1.873  -8.974  6.075   1.00 0.00 ? 62  ALA A H    1 
ATOM 921  H HA   . ALA A 1 62  ? -2.244  -7.544  8.308   1.00 0.00 ? 62  ALA A HA   1 
ATOM 922  H HB1  . ALA A 1 62  ? -2.716  -10.366 8.861   1.00 0.00 ? 62  ALA A HB1  1 
ATOM 923  H HB2  . ALA A 1 62  ? -3.888  -9.056  8.579   1.00 0.00 ? 62  ALA A HB2  1 
ATOM 924  H HB3  . ALA A 1 62  ? -3.200  -9.948  7.201   1.00 0.00 ? 62  ALA A HB3  1 
ATOM 925  N N    . LYS A 1 63  ? 0.030   -9.878  8.814   1.00 0.00 ? 63  LYS A N    1 
ATOM 926  C CA   . LYS A 1 63  ? 1.126   -10.280 9.678   1.00 0.00 ? 63  LYS A CA   1 
ATOM 927  C C    . LYS A 1 63  ? 2.117   -9.121  9.807   1.00 0.00 ? 63  LYS A C    1 
ATOM 928  O O    . LYS A 1 63  ? 2.469   -8.722  10.917  1.00 0.00 ? 63  LYS A O    1 
ATOM 929  C CB   . LYS A 1 63  ? 1.761   -11.577 9.173   1.00 0.00 ? 63  LYS A CB   1 
ATOM 930  C CG   . LYS A 1 63  ? 0.725   -12.702 9.102   1.00 0.00 ? 63  LYS A CG   1 
ATOM 931  C CD   . LYS A 1 63  ? 1.306   -14.016 9.628   1.00 0.00 ? 63  LYS A CD   1 
ATOM 932  C CE   . LYS A 1 63  ? 0.440   -15.206 9.210   1.00 0.00 ? 63  LYS A CE   1 
ATOM 933  N NZ   . LYS A 1 63  ? 1.275   -16.410 9.010   1.00 0.00 ? 63  LYS A NZ   1 
ATOM 934  H H    . LYS A 1 63  ? -0.089  -10.440 7.994   1.00 0.00 ? 63  LYS A H    1 
ATOM 935  H HA   . LYS A 1 63  ? 0.707   -10.488 10.662  1.00 0.00 ? 63  LYS A HA   1 
ATOM 936  H HB2  . LYS A 1 63  ? 2.193   -11.415 8.186   1.00 0.00 ? 63  LYS A HB2  1 
ATOM 937  H HB3  . LYS A 1 63  ? 2.576   -11.870 9.834   1.00 0.00 ? 63  LYS A HB3  1 
ATOM 938  H HG2  . LYS A 1 63  ? -0.153  -12.430 9.687   1.00 0.00 ? 63  LYS A HG2  1 
ATOM 939  H HG3  . LYS A 1 63  ? 0.395   -12.833 8.072   1.00 0.00 ? 63  LYS A HG3  1 
ATOM 940  H HD2  . LYS A 1 63  ? 2.320   -14.147 9.247   1.00 0.00 ? 63  LYS A HD2  1 
ATOM 941  H HD3  . LYS A 1 63  ? 1.377   -13.977 10.715  1.00 0.00 ? 63  LYS A HD3  1 
ATOM 942  H HE2  . LYS A 1 63  ? -0.313  -15.400 9.973   1.00 0.00 ? 63  LYS A HE2  1 
ATOM 943  H HE3  . LYS A 1 63  ? -0.093  -14.968 8.289   1.00 0.00 ? 63  LYS A HE3  1 
ATOM 944  H HZ1  . LYS A 1 63  ? 1.000   -16.871 8.166   1.00 0.00 ? 63  LYS A HZ1  1 
ATOM 945  H HZ2  . LYS A 1 63  ? 2.237   -16.143 8.944   1.00 0.00 ? 63  LYS A HZ2  1 
ATOM 946  H HZ3  . LYS A 1 63  ? 1.155   -17.032 9.784   1.00 0.00 ? 63  LYS A HZ3  1 
ATOM 947  N N    . ASP A 1 64  ? 2.539   -8.614  8.659   1.00 0.00 ? 64  ASP A N    1 
ATOM 948  C CA   . ASP A 1 64  ? 3.482   -7.509  8.630   1.00 0.00 ? 64  ASP A CA   1 
ATOM 949  C C    . ASP A 1 64  ? 2.814   -6.290  7.992   1.00 0.00 ? 64  ASP A C    1 
ATOM 950  O O    . ASP A 1 64  ? 2.451   -5.341  8.686   1.00 0.00 ? 64  ASP A O    1 
ATOM 951  C CB   . ASP A 1 64  ? 4.718   -7.861  7.800   1.00 0.00 ? 64  ASP A CB   1 
ATOM 952  C CG   . ASP A 1 64  ? 6.043   -7.827  8.563   1.00 0.00 ? 64  ASP A CG   1 
ATOM 953  O OD1  . ASP A 1 64  ? 6.113   -8.511  9.608   1.00 0.00 ? 64  ASP A OD1  1 
ATOM 954  O OD2  . ASP A 1 64  ? 6.955   -7.117  8.088   1.00 0.00 ? 64  ASP A OD2  1 
ATOM 955  H H    . ASP A 1 64  ? 2.247   -8.943  7.761   1.00 0.00 ? 64  ASP A H    1 
ATOM 956  H HA   . ASP A 1 64  ? 3.754   -7.337  9.672   1.00 0.00 ? 64  ASP A HA   1 
ATOM 957  H HB2  . ASP A 1 64  ? 4.583   -8.857  7.380   1.00 0.00 ? 64  ASP A HB2  1 
ATOM 958  H HB3  . ASP A 1 64  ? 4.782   -7.168  6.960   1.00 0.00 ? 64  ASP A HB3  1 
ATOM 959  N N    . GLY A 1 65  ? 2.672   -6.355  6.676   1.00 0.00 ? 65  GLY A N    1 
ATOM 960  C CA   . GLY A 1 65  ? 2.054   -5.268  5.935   1.00 0.00 ? 65  GLY A CA   1 
ATOM 961  C C    . GLY A 1 65  ? 0.985   -4.569  6.777   1.00 0.00 ? 65  GLY A C    1 
ATOM 962  O O    . GLY A 1 65  ? -0.157  -5.021  6.838   1.00 0.00 ? 65  GLY A O    1 
ATOM 963  H H    . GLY A 1 65  ? 2.970   -7.130  6.119   1.00 0.00 ? 65  GLY A H    1 
ATOM 964  H HA2  . GLY A 1 65  ? 2.815   -4.548  5.636   1.00 0.00 ? 65  GLY A HA2  1 
ATOM 965  H HA3  . GLY A 1 65  ? 1.605   -5.656  5.020   1.00 0.00 ? 65  GLY A HA3  1 
ATOM 966  N N    . ARG A 1 66  ? 1.395   -3.477  7.407   1.00 0.00 ? 66  ARG A N    1 
ATOM 967  C CA   . ARG A 1 66  ? 0.487   -2.710  8.244   1.00 0.00 ? 66  ARG A CA   1 
ATOM 968  C C    . ARG A 1 66  ? -0.756  -2.308  7.447   1.00 0.00 ? 66  ARG A C    1 
ATOM 969  O O    . ARG A 1 66  ? -1.770  -1.923  8.026   1.00 0.00 ? 66  ARG A O    1 
ATOM 970  C CB   . ARG A 1 66  ? 1.166   -1.452  8.786   1.00 0.00 ? 66  ARG A CB   1 
ATOM 971  C CG   . ARG A 1 66  ? 2.026   -1.777  10.009  1.00 0.00 ? 66  ARG A CG   1 
ATOM 972  C CD   . ARG A 1 66  ? 3.477   -1.341  9.792   1.00 0.00 ? 66  ARG A CD   1 
ATOM 973  N NE   . ARG A 1 66  ? 4.163   -2.299  8.896   1.00 0.00 ? 66  ARG A NE   1 
ATOM 974  C CZ   . ARG A 1 66  ? 5.242   -1.998  8.160   1.00 0.00 ? 66  ARG A CZ   1 
ATOM 975  N NH1  . ARG A 1 66  ? 5.764   -0.764  8.208   1.00 0.00 ? 66  ARG A NH1  1 
ATOM 976  N NH2  . ARG A 1 66  ? 5.799   -2.930  7.375   1.00 0.00 ? 66  ARG A NH2  1 
ATOM 977  H H    . ARG A 1 66  ? 2.326   -3.115  7.352   1.00 0.00 ? 66  ARG A H    1 
ATOM 978  H HA   . ARG A 1 66  ? 0.228   -3.382  9.062   1.00 0.00 ? 66  ARG A HA   1 
ATOM 979  H HB2  . ARG A 1 66  ? 1.788   -1.007  8.009   1.00 0.00 ? 66  ARG A HB2  1 
ATOM 980  H HB3  . ARG A 1 66  ? 0.412   -0.713  9.052   1.00 0.00 ? 66  ARG A HB3  1 
ATOM 981  H HG2  . ARG A 1 66  ? 1.619   -1.274  10.887  1.00 0.00 ? 66  ARG A HG2  1 
ATOM 982  H HG3  . ARG A 1 66  ? 1.990   -2.847  10.209  1.00 0.00 ? 66  ARG A HG3  1 
ATOM 983  H HD2  . ARG A 1 66  ? 3.505   -0.342  9.358   1.00 0.00 ? 66  ARG A HD2  1 
ATOM 984  H HD3  . ARG A 1 66  ? 3.997   -1.288  10.748  1.00 0.00 ? 66  ARG A HD3  1 
ATOM 985  H HE   . ARG A 1 66  ? 3.800   -3.229  8.836   1.00 0.00 ? 66  ARG A HE   1 
ATOM 986  H HH11 . ARG A 1 66  ? 5.348   -0.068  8.793   1.00 0.00 ? 66  ARG A HH11 1 
ATOM 987  H HH12 . ARG A 1 66  ? 6.568   -0.539  7.659   1.00 0.00 ? 66  ARG A HH12 1 
ATOM 988  H HH21 . ARG A 1 66  ? 5.410   -3.850  7.339   1.00 0.00 ? 66  ARG A HH21 1 
ATOM 989  H HH22 . ARG A 1 66  ? 6.604   -2.705  6.826   1.00 0.00 ? 66  ARG A HH22 1 
ATOM 990  N N    . ILE A 1 67  ? -0.636  -2.410  6.131   1.00 0.00 ? 67  ILE A N    1 
ATOM 991  C CA   . ILE A 1 67  ? -1.737  -2.061  5.250   1.00 0.00 ? 67  ILE A CA   1 
ATOM 992  C C    . ILE A 1 67  ? -3.058  -2.478  5.900   1.00 0.00 ? 67  ILE A C    1 
ATOM 993  O O    . ILE A 1 67  ? -3.093  -3.418  6.692   1.00 0.00 ? 67  ILE A O    1 
ATOM 994  C CB   . ILE A 1 67  ? -1.520  -2.660  3.859   1.00 0.00 ? 67  ILE A CB   1 
ATOM 995  C CG1  . ILE A 1 67  ? -0.284  -2.057  3.189   1.00 0.00 ? 67  ILE A CG1  1 
ATOM 996  C CG2  . ILE A 1 67  ? -2.774  -2.507  2.995   1.00 0.00 ? 67  ILE A CG2  1 
ATOM 997  C CD1  . ILE A 1 67  ? 0.135   -2.881  1.969   1.00 0.00 ? 67  ILE A CD1  1 
ATOM 998  H H    . ILE A 1 67  ? 0.193   -2.724  5.669   1.00 0.00 ? 67  ILE A H    1 
ATOM 999  H HA   . ILE A 1 67  ? -1.734  -0.976  5.137   1.00 0.00 ? 67  ILE A HA   1 
ATOM 1000 H HB   . ILE A 1 67  ? -1.336  -3.729  3.973   1.00 0.00 ? 67  ILE A HB   1 
ATOM 1001 H HG12 . ILE A 1 67  ? -0.495  -1.032  2.885   1.00 0.00 ? 67  ILE A HG12 1 
ATOM 1002 H HG13 . ILE A 1 67  ? 0.538   -2.016  3.903   1.00 0.00 ? 67  ILE A HG13 1 
ATOM 1003 H HG21 . ILE A 1 67  ? -2.493  -2.524  1.942   1.00 0.00 ? 67  ILE A HG21 1 
ATOM 1004 H HG22 . ILE A 1 67  ? -3.460  -3.328  3.201   1.00 0.00 ? 67  ILE A HG22 1 
ATOM 1005 H HG23 . ILE A 1 67  ? -3.261  -1.560  3.226   1.00 0.00 ? 67  ILE A HG23 1 
ATOM 1006 H HD11 . ILE A 1 67  ? 1.018   -2.434  1.515   1.00 0.00 ? 67  ILE A HD11 1 
ATOM 1007 H HD12 . ILE A 1 67  ? 0.364   -3.900  2.281   1.00 0.00 ? 67  ILE A HD12 1 
ATOM 1008 H HD13 . ILE A 1 67  ? -0.679  -2.896  1.244   1.00 0.00 ? 67  ILE A HD13 1 
ATOM 1009 N N    . ARG A 1 68  ? -4.110  -1.758  5.543   1.00 0.00 ? 68  ARG A N    1 
ATOM 1010 C CA   . ARG A 1 68  ? -5.429  -2.041  6.081   1.00 0.00 ? 68  ARG A CA   1 
ATOM 1011 C C    . ARG A 1 68  ? -6.506  -1.733  5.039   1.00 0.00 ? 68  ARG A C    1 
ATOM 1012 O O    . ARG A 1 68  ? -6.193  -1.395  3.898   1.00 0.00 ? 68  ARG A O    1 
ATOM 1013 C CB   . ARG A 1 68  ? -5.698  -1.216  7.342   1.00 0.00 ? 68  ARG A CB   1 
ATOM 1014 C CG   . ARG A 1 68  ? -5.144  -1.917  8.584   1.00 0.00 ? 68  ARG A CG   1 
ATOM 1015 C CD   . ARG A 1 68  ? -4.590  -0.900  9.585   1.00 0.00 ? 68  ARG A CD   1 
ATOM 1016 N NE   . ARG A 1 68  ? -4.631  -1.465  10.953  1.00 0.00 ? 68  ARG A NE   1 
ATOM 1017 C CZ   . ARG A 1 68  ? -4.051  -0.894  12.018  1.00 0.00 ? 68  ARG A CZ   1 
ATOM 1018 N NH1  . ARG A 1 68  ? -3.384  0.260   11.880  1.00 0.00 ? 68  ARG A NH1  1 
ATOM 1019 N NH2  . ARG A 1 68  ? -4.140  -1.477  13.221  1.00 0.00 ? 68  ARG A NH2  1 
ATOM 1020 H H    . ARG A 1 68  ? -4.072  -0.994  4.898   1.00 0.00 ? 68  ARG A H    1 
ATOM 1021 H HA   . ARG A 1 68  ? -5.409  -3.103  6.322   1.00 0.00 ? 68  ARG A HA   1 
ATOM 1022 H HB2  . ARG A 1 68  ? -5.241  -0.231  7.241   1.00 0.00 ? 68  ARG A HB2  1 
ATOM 1023 H HB3  . ARG A 1 68  ? -6.771  -1.059  7.456   1.00 0.00 ? 68  ARG A HB3  1 
ATOM 1024 H HG2  . ARG A 1 68  ? -5.931  -2.505  9.056   1.00 0.00 ? 68  ARG A HG2  1 
ATOM 1025 H HG3  . ARG A 1 68  ? -4.357  -2.612  8.293   1.00 0.00 ? 68  ARG A HG3  1 
ATOM 1026 H HD2  . ARG A 1 68  ? -3.566  -0.640  9.321   1.00 0.00 ? 68  ARG A HD2  1 
ATOM 1027 H HD3  . ARG A 1 68  ? -5.174  0.018   9.544   1.00 0.00 ? 68  ARG A HD3  1 
ATOM 1028 H HE   . ARG A 1 68  ? -5.121  -2.325  11.092  1.00 0.00 ? 68  ARG A HE   1 
ATOM 1029 H HH11 . ARG A 1 68  ? -3.318  0.695   10.982  1.00 0.00 ? 68  ARG A HH11 1 
ATOM 1030 H HH12 . ARG A 1 68  ? -2.951  0.685   12.675  1.00 0.00 ? 68  ARG A HH12 1 
ATOM 1031 H HH21 . ARG A 1 68  ? -4.638  -2.338  13.324  1.00 0.00 ? 68  ARG A HH21 1 
ATOM 1032 H HH22 . ARG A 1 68  ? -3.707  -1.052  14.016  1.00 0.00 ? 68  ARG A HH22 1 
ATOM 1033 N N    . GLU A 1 69  ? -7.754  -1.859  5.469   1.00 0.00 ? 69  GLU A N    1 
ATOM 1034 C CA   . GLU A 1 69  ? -8.878  -1.598  4.586   1.00 0.00 ? 69  GLU A CA   1 
ATOM 1035 C C    . GLU A 1 69  ? -9.106  -0.092  4.448   1.00 0.00 ? 69  GLU A C    1 
ATOM 1036 O O    . GLU A 1 69  ? -9.344  0.597   5.440   1.00 0.00 ? 69  GLU A O    1 
ATOM 1037 C CB   . GLU A 1 69  ? -10.142 -2.300  5.087   1.00 0.00 ? 69  GLU A CB   1 
ATOM 1038 C CG   . GLU A 1 69  ? -9.906  -3.804  5.246   1.00 0.00 ? 69  GLU A CG   1 
ATOM 1039 C CD   . GLU A 1 69  ? -10.607 -4.339  6.497   1.00 0.00 ? 69  GLU A CD   1 
ATOM 1040 O OE1  . GLU A 1 69  ? -10.039 -4.143  7.593   1.00 0.00 ? 69  GLU A OE1  1 
ATOM 1041 O OE2  . GLU A 1 69  ? -11.694 -4.932  6.328   1.00 0.00 ? 69  GLU A OE2  1 
ATOM 1042 H H    . GLU A 1 69  ? -7.999  -2.134  6.397   1.00 0.00 ? 69  GLU A H    1 
ATOM 1043 H HA   . GLU A 1 69  ? -8.594  -2.019  3.622   1.00 0.00 ? 69  GLU A HA   1 
ATOM 1044 H HB2  . GLU A 1 69  ? -10.445 -1.873  6.043   1.00 0.00 ? 69  GLU A HB2  1 
ATOM 1045 H HB3  . GLU A 1 69  ? -10.960 -2.128  4.386   1.00 0.00 ? 69  GLU A HB3  1 
ATOM 1046 H HG2  . GLU A 1 69  ? -10.277 -4.328  4.365   1.00 0.00 ? 69  GLU A HG2  1 
ATOM 1047 H HG3  . GLU A 1 69  ? -8.837  -4.004  5.311   1.00 0.00 ? 69  GLU A HG3  1 
ATOM 1048 N N    . GLY A 1 70  ? -9.026  0.377   3.212   1.00 0.00 ? 70  GLY A N    1 
ATOM 1049 C CA   . GLY A 1 70  ? -9.221  1.788   2.931   1.00 0.00 ? 70  GLY A CA   1 
ATOM 1050 C C    . GLY A 1 70  ? -7.881  2.494   2.706   1.00 0.00 ? 70  GLY A C    1 
ATOM 1051 O O    . GLY A 1 70  ? -7.740  3.677   3.008   1.00 0.00 ? 70  GLY A O    1 
ATOM 1052 H H    . GLY A 1 70  ? -8.832  -0.190  2.411   1.00 0.00 ? 70  GLY A H    1 
ATOM 1053 H HA2  . GLY A 1 70  ? -9.850  1.905   2.049   1.00 0.00 ? 70  GLY A HA2  1 
ATOM 1054 H HA3  . GLY A 1 70  ? -9.747  2.259   3.761   1.00 0.00 ? 70  GLY A HA3  1 
ATOM 1055 N N    . ASP A 1 71  ? -6.932  1.735   2.177   1.00 0.00 ? 71  ASP A N    1 
ATOM 1056 C CA   . ASP A 1 71  ? -5.609  2.271   1.909   1.00 0.00 ? 71  ASP A CA   1 
ATOM 1057 C C    . ASP A 1 71  ? -5.455  2.508   0.405   1.00 0.00 ? 71  ASP A C    1 
ATOM 1058 O O    . ASP A 1 71  ? -5.681  1.603   -0.397  1.00 0.00 ? 71  ASP A O    1 
ATOM 1059 C CB   . ASP A 1 71  ? -4.517  1.292   2.346   1.00 0.00 ? 71  ASP A CB   1 
ATOM 1060 C CG   . ASP A 1 71  ? -3.657  1.765   3.519   1.00 0.00 ? 71  ASP A CG   1 
ATOM 1061 O OD1  . ASP A 1 71  ? -3.797  2.952   3.884   1.00 0.00 ? 71  ASP A OD1  1 
ATOM 1062 O OD2  . ASP A 1 71  ? -2.878  0.927   4.024   1.00 0.00 ? 71  ASP A OD2  1 
ATOM 1063 H H    . ASP A 1 71  ? -7.055  0.772   1.935   1.00 0.00 ? 71  ASP A H    1 
ATOM 1064 H HA   . ASP A 1 71  ? -5.551  3.195   2.485   1.00 0.00 ? 71  ASP A HA   1 
ATOM 1065 H HB2  . ASP A 1 71  ? -4.987  0.346   2.616   1.00 0.00 ? 71  ASP A HB2  1 
ATOM 1066 H HB3  . ASP A 1 71  ? -3.867  1.092   1.495   1.00 0.00 ? 71  ASP A HB3  1 
ATOM 1067 N N    . ARG A 1 72  ? -5.073  3.732   0.067   1.00 0.00 ? 72  ARG A N    1 
ATOM 1068 C CA   . ARG A 1 72  ? -4.887  4.100   -1.326  1.00 0.00 ? 72  ARG A CA   1 
ATOM 1069 C C    . ARG A 1 72  ? -3.476  3.730   -1.789  1.00 0.00 ? 72  ARG A C    1 
ATOM 1070 O O    . ARG A 1 72  ? -2.498  4.337   -1.355  1.00 0.00 ? 72  ARG A O    1 
ATOM 1071 C CB   . ARG A 1 72  ? -5.107  5.600   -1.533  1.00 0.00 ? 72  ARG A CB   1 
ATOM 1072 C CG   . ARG A 1 72  ? -5.153  5.946   -3.023  1.00 0.00 ? 72  ARG A CG   1 
ATOM 1073 C CD   . ARG A 1 72  ? -5.239  7.459   -3.231  1.00 0.00 ? 72  ARG A CD   1 
ATOM 1074 N NE   . ARG A 1 72  ? -4.363  7.866   -4.354  1.00 0.00 ? 72  ARG A NE   1 
ATOM 1075 C CZ   . ARG A 1 72  ? -3.997  9.132   -4.601  1.00 0.00 ? 72  ARG A CZ   1 
ATOM 1076 N NH1  . ARG A 1 72  ? -4.428  10.120  -3.806  1.00 0.00 ? 72  ARG A NH1  1 
ATOM 1077 N NH2  . ARG A 1 72  ? -3.200  9.407   -5.642  1.00 0.00 ? 72  ARG A NH2  1 
ATOM 1078 H H    . ARG A 1 72  ? -4.892  4.463   0.726   1.00 0.00 ? 72  ARG A H    1 
ATOM 1079 H HA   . ARG A 1 72  ? -5.640  3.528   -1.868  1.00 0.00 ? 72  ARG A HA   1 
ATOM 1080 H HB2  . ARG A 1 72  ? -6.040  5.903   -1.058  1.00 0.00 ? 72  ARG A HB2  1 
ATOM 1081 H HB3  . ARG A 1 72  ? -4.307  6.159   -1.050  1.00 0.00 ? 72  ARG A HB3  1 
ATOM 1082 H HG2  . ARG A 1 72  ? -4.262  5.557   -3.517  1.00 0.00 ? 72  ARG A HG2  1 
ATOM 1083 H HG3  . ARG A 1 72  ? -6.012  5.463   -3.487  1.00 0.00 ? 72  ARG A HG3  1 
ATOM 1084 H HD2  . ARG A 1 72  ? -6.268  7.748   -3.439  1.00 0.00 ? 72  ARG A HD2  1 
ATOM 1085 H HD3  . ARG A 1 72  ? -4.940  7.978   -2.320  1.00 0.00 ? 72  ARG A HD3  1 
ATOM 1086 H HE   . ARG A 1 72  ? -4.024  7.152   -4.966  1.00 0.00 ? 72  ARG A HE   1 
ATOM 1087 H HH11 . ARG A 1 72  ? -5.022  9.915   -3.028  1.00 0.00 ? 72  ARG A HH11 1 
ATOM 1088 H HH12 . ARG A 1 72  ? -4.154  11.065  -3.989  1.00 0.00 ? 72  ARG A HH12 1 
ATOM 1089 H HH21 . ARG A 1 72  ? -2.879  8.669   -6.235  1.00 0.00 ? 72  ARG A HH21 1 
ATOM 1090 H HH22 . ARG A 1 72  ? -2.927  10.351  -5.826  1.00 0.00 ? 72  ARG A HH22 1 
ATOM 1091 N N    . ILE A 1 73  ? -3.416  2.736   -2.662  1.00 0.00 ? 73  ILE A N    1 
ATOM 1092 C CA   . ILE A 1 73  ? -2.142  2.278   -3.189  1.00 0.00 ? 73  ILE A CA   1 
ATOM 1093 C C    . ILE A 1 73  ? -1.634  3.281   -4.227  1.00 0.00 ? 73  ILE A C    1 
ATOM 1094 O O    . ILE A 1 73  ? -2.393  3.730   -5.085  1.00 0.00 ? 73  ILE A O    1 
ATOM 1095 C CB   . ILE A 1 73  ? -2.264  0.850   -3.723  1.00 0.00 ? 73  ILE A CB   1 
ATOM 1096 C CG1  . ILE A 1 73  ? -2.169  -0.170  -2.586  1.00 0.00 ? 73  ILE A CG1  1 
ATOM 1097 C CG2  . ILE A 1 73  ? -1.231  0.584   -4.819  1.00 0.00 ? 73  ILE A CG2  1 
ATOM 1098 C CD1  . ILE A 1 73  ? -3.516  -0.329  -1.877  1.00 0.00 ? 73  ILE A CD1  1 
ATOM 1099 H H    . ILE A 1 73  ? -4.217  2.248   -3.010  1.00 0.00 ? 73  ILE A H    1 
ATOM 1100 H HA   . ILE A 1 73  ? -1.436  2.254   -2.359  1.00 0.00 ? 73  ILE A HA   1 
ATOM 1101 H HB   . ILE A 1 73  ? -3.249  0.737   -4.174  1.00 0.00 ? 73  ILE A HB   1 
ATOM 1102 H HG12 . ILE A 1 73  ? -1.847  -1.133  -2.982  1.00 0.00 ? 73  ILE A HG12 1 
ATOM 1103 H HG13 . ILE A 1 73  ? -1.413  0.149   -1.868  1.00 0.00 ? 73  ILE A HG13 1 
ATOM 1104 H HG21 . ILE A 1 73  ? -0.395  1.274   -4.707  1.00 0.00 ? 73  ILE A HG21 1 
ATOM 1105 H HG22 . ILE A 1 73  ? -0.868  -0.441  -4.735  1.00 0.00 ? 73  ILE A HG22 1 
ATOM 1106 H HG23 . ILE A 1 73  ? -1.693  0.727   -5.795  1.00 0.00 ? 73  ILE A HG23 1 
ATOM 1107 H HD11 . ILE A 1 73  ? -4.051  -1.179  -2.301  1.00 0.00 ? 73  ILE A HD11 1 
ATOM 1108 H HD12 . ILE A 1 73  ? -3.350  -0.497  -0.813  1.00 0.00 ? 73  ILE A HD12 1 
ATOM 1109 H HD13 . ILE A 1 73  ? -4.107  0.577   -2.014  1.00 0.00 ? 73  ILE A HD13 1 
ATOM 1110 N N    . ILE A 1 74  ? -0.353  3.602   -4.116  1.00 0.00 ? 74  ILE A N    1 
ATOM 1111 C CA   . ILE A 1 74  ? 0.265   4.544   -5.034  1.00 0.00 ? 74  ILE A CA   1 
ATOM 1112 C C    . ILE A 1 74  ? 1.197   3.787   -5.982  1.00 0.00 ? 74  ILE A C    1 
ATOM 1113 O O    . ILE A 1 74  ? 1.109   3.941   -7.200  1.00 0.00 ? 74  ILE A O    1 
ATOM 1114 C CB   . ILE A 1 74  ? 0.953   5.671   -4.263  1.00 0.00 ? 74  ILE A CB   1 
ATOM 1115 C CG1  . ILE A 1 74  ? -0.047  6.428   -3.387  1.00 0.00 ? 74  ILE A CG1  1 
ATOM 1116 C CG2  . ILE A 1 74  ? 1.706   6.605   -5.213  1.00 0.00 ? 74  ILE A CG2  1 
ATOM 1117 C CD1  . ILE A 1 74  ? -1.392  6.582   -4.099  1.00 0.00 ? 74  ILE A CD1  1 
ATOM 1118 H H    . ILE A 1 74  ? 0.257   3.232   -3.416  1.00 0.00 ? 74  ILE A H    1 
ATOM 1119 H HA   . ILE A 1 74  ? -0.533  4.997   -5.623  1.00 0.00 ? 74  ILE A HA   1 
ATOM 1120 H HB   . ILE A 1 74  ? 1.694   5.227   -3.597  1.00 0.00 ? 74  ILE A HB   1 
ATOM 1121 H HG12 . ILE A 1 74  ? -0.188  5.895   -2.447  1.00 0.00 ? 74  ILE A HG12 1 
ATOM 1122 H HG13 . ILE A 1 74  ? 0.353   7.411   -3.139  1.00 0.00 ? 74  ILE A HG13 1 
ATOM 1123 H HG21 . ILE A 1 74  ? 2.534   7.074   -4.682  1.00 0.00 ? 74  ILE A HG21 1 
ATOM 1124 H HG22 . ILE A 1 74  ? 2.091   6.033   -6.057  1.00 0.00 ? 74  ILE A HG22 1 
ATOM 1125 H HG23 . ILE A 1 74  ? 1.026   7.376   -5.577  1.00 0.00 ? 74  ILE A HG23 1 
ATOM 1126 H HD11 . ILE A 1 74  ? -1.222  6.834   -5.146  1.00 0.00 ? 74  ILE A HD11 1 
ATOM 1127 H HD12 . ILE A 1 74  ? -1.946  5.646   -4.036  1.00 0.00 ? 74  ILE A HD12 1 
ATOM 1128 H HD13 . ILE A 1 74  ? -1.966  7.377   -3.623  1.00 0.00 ? 74  ILE A HD13 1 
ATOM 1129 N N    . GLN A 1 75  ? 2.070   2.986   -5.388  1.00 0.00 ? 75  GLN A N    1 
ATOM 1130 C CA   . GLN A 1 75  ? 3.018   2.206   -6.164  1.00 0.00 ? 75  GLN A CA   1 
ATOM 1131 C C    . GLN A 1 75  ? 3.208   0.824   -5.535  1.00 0.00 ? 75  GLN A C    1 
ATOM 1132 O O    . GLN A 1 75  ? 2.936   0.634   -4.350  1.00 0.00 ? 75  GLN A O    1 
ATOM 1133 C CB   . GLN A 1 75  ? 4.356   2.938   -6.293  1.00 0.00 ? 75  GLN A CB   1 
ATOM 1134 C CG   . GLN A 1 75  ? 4.203   4.216   -7.119  1.00 0.00 ? 75  GLN A CG   1 
ATOM 1135 C CD   . GLN A 1 75  ? 5.295   5.230   -6.770  1.00 0.00 ? 75  GLN A CD   1 
ATOM 1136 O OE1  . GLN A 1 75  ? 6.439   4.887   -6.520  1.00 0.00 ? 75  GLN A OE1  1 
ATOM 1137 N NE2  . GLN A 1 75  ? 4.879   6.493   -6.765  1.00 0.00 ? 75  GLN A NE2  1 
ATOM 1138 H H    . GLN A 1 75  ? 2.135   2.868   -4.397  1.00 0.00 ? 75  GLN A H    1 
ATOM 1139 H HA   . GLN A 1 75  ? 2.570   2.104   -7.152  1.00 0.00 ? 75  GLN A HA   1 
ATOM 1140 H HB2  . GLN A 1 75  ? 4.737   3.185   -5.303  1.00 0.00 ? 75  GLN A HB2  1 
ATOM 1141 H HB3  . GLN A 1 75  ? 5.089   2.282   -6.763  1.00 0.00 ? 75  GLN A HB3  1 
ATOM 1142 H HG2  . GLN A 1 75  ? 4.252   3.976   -8.181  1.00 0.00 ? 75  GLN A HG2  1 
ATOM 1143 H HG3  . GLN A 1 75  ? 3.222   4.656   -6.938  1.00 0.00 ? 75  GLN A HG3  1 
ATOM 1144 H HE21 . GLN A 1 75  ? 3.926   6.706   -6.978  1.00 0.00 ? 75  GLN A HE21 1 
ATOM 1145 H HE22 . GLN A 1 75  ? 5.520   7.229   -6.548  1.00 0.00 ? 75  GLN A HE22 1 
ATOM 1146 N N    . ILE A 1 76  ? 3.676   -0.105  -6.356  1.00 0.00 ? 76  ILE A N    1 
ATOM 1147 C CA   . ILE A 1 76  ? 3.905   -1.464  -5.895  1.00 0.00 ? 76  ILE A CA   1 
ATOM 1148 C C    . ILE A 1 76  ? 5.364   -1.846  -6.155  1.00 0.00 ? 76  ILE A C    1 
ATOM 1149 O O    . ILE A 1 76  ? 5.744   -2.120  -7.293  1.00 0.00 ? 76  ILE A O    1 
ATOM 1150 C CB   . ILE A 1 76  ? 2.896   -2.423  -6.529  1.00 0.00 ? 76  ILE A CB   1 
ATOM 1151 C CG1  . ILE A 1 76  ? 1.465   -2.060  -6.125  1.00 0.00 ? 76  ILE A CG1  1 
ATOM 1152 C CG2  . ILE A 1 76  ? 3.235   -3.876  -6.193  1.00 0.00 ? 76  ILE A CG2  1 
ATOM 1153 C CD1  . ILE A 1 76  ? 0.454   -3.002  -6.779  1.00 0.00 ? 76  ILE A CD1  1 
ATOM 1154 H H    . ILE A 1 76  ? 3.895   0.058   -7.318  1.00 0.00 ? 76  ILE A H    1 
ATOM 1155 H HA   . ILE A 1 76  ? 3.731   -1.478  -4.818  1.00 0.00 ? 76  ILE A HA   1 
ATOM 1156 H HB   . ILE A 1 76  ? 2.960   -2.319  -7.611  1.00 0.00 ? 76  ILE A HB   1 
ATOM 1157 H HG12 . ILE A 1 76  ? 1.366   -2.110  -5.040  1.00 0.00 ? 76  ILE A HG12 1 
ATOM 1158 H HG13 . ILE A 1 76  ? 1.252   -1.031  -6.416  1.00 0.00 ? 76  ILE A HG13 1 
ATOM 1159 H HG21 . ILE A 1 76  ? 4.230   -3.924  -5.751  1.00 0.00 ? 76  ILE A HG21 1 
ATOM 1160 H HG22 . ILE A 1 76  ? 2.503   -4.266  -5.484  1.00 0.00 ? 76  ILE A HG22 1 
ATOM 1161 H HG23 . ILE A 1 76  ? 3.212   -4.475  -7.104  1.00 0.00 ? 76  ILE A HG23 1 
ATOM 1162 H HD11 . ILE A 1 76  ? 0.947   -3.938  -7.043  1.00 0.00 ? 76  ILE A HD11 1 
ATOM 1163 H HD12 . ILE A 1 76  ? -0.359  -3.204  -6.081  1.00 0.00 ? 76  ILE A HD12 1 
ATOM 1164 H HD13 . ILE A 1 76  ? 0.053   -2.536  -7.679  1.00 0.00 ? 76  ILE A HD13 1 
ATOM 1165 N N    . ASN A 1 77  ? 6.141   -1.852  -5.082  1.00 0.00 ? 77  ASN A N    1 
ATOM 1166 C CA   . ASN A 1 77  ? 7.550   -2.197  -5.180  1.00 0.00 ? 77  ASN A CA   1 
ATOM 1167 C C    . ASN A 1 77  ? 8.314   -1.028  -5.808  1.00 0.00 ? 77  ASN A C    1 
ATOM 1168 O O    . ASN A 1 77  ? 9.520   -1.120  -6.031  1.00 0.00 ? 77  ASN A O    1 
ATOM 1169 C CB   . ASN A 1 77  ? 7.756   -3.427  -6.066  1.00 0.00 ? 77  ASN A CB   1 
ATOM 1170 C CG   . ASN A 1 77  ? 8.488   -4.534  -5.305  1.00 0.00 ? 77  ASN A CG   1 
ATOM 1171 O OD1  . ASN A 1 77  ? 9.701   -4.531  -5.169  1.00 0.00 ? 77  ASN A OD1  1 
ATOM 1172 N ND2  . ASN A 1 77  ? 7.687   -5.477  -4.818  1.00 0.00 ? 77  ASN A ND2  1 
ATOM 1173 H H    . ASN A 1 77  ? 5.824   -1.628  -4.160  1.00 0.00 ? 77  ASN A H    1 
ATOM 1174 H HA   . ASN A 1 77  ? 7.866   -2.400  -4.157  1.00 0.00 ? 77  ASN A HA   1 
ATOM 1175 H HB2  . ASN A 1 77  ? 6.790   -3.796  -6.412  1.00 0.00 ? 77  ASN A HB2  1 
ATOM 1176 H HB3  . ASN A 1 77  ? 8.327   -3.149  -6.952  1.00 0.00 ? 77  ASN A HB3  1 
ATOM 1177 H HD21 . ASN A 1 77  ? 6.700   -5.419  -4.966  1.00 0.00 ? 77  ASN A HD21 1 
ATOM 1178 H HD22 . ASN A 1 77  ? 8.073   -6.245  -4.305  1.00 0.00 ? 77  ASN A HD22 1 
ATOM 1179 N N    . GLY A 1 78  ? 7.578   0.041   -6.075  1.00 0.00 ? 78  GLY A N    1 
ATOM 1180 C CA   . GLY A 1 78  ? 8.172   1.226   -6.673  1.00 0.00 ? 78  GLY A CA   1 
ATOM 1181 C C    . GLY A 1 78  ? 7.678   1.421   -8.108  1.00 0.00 ? 78  GLY A C    1 
ATOM 1182 O O    . GLY A 1 78  ? 8.296   2.145   -8.887  1.00 0.00 ? 78  GLY A O    1 
ATOM 1183 H H    . GLY A 1 78  ? 6.598   0.107   -5.891  1.00 0.00 ? 78  GLY A H    1 
ATOM 1184 H HA2  . GLY A 1 78  ? 7.921   2.103   -6.076  1.00 0.00 ? 78  GLY A HA2  1 
ATOM 1185 H HA3  . GLY A 1 78  ? 9.258   1.135   -6.668  1.00 0.00 ? 78  GLY A HA3  1 
ATOM 1186 N N    . ILE A 1 79  ? 6.569   0.763   -8.413  1.00 0.00 ? 79  ILE A N    1 
ATOM 1187 C CA   . ILE A 1 79  ? 5.985   0.856   -9.741  1.00 0.00 ? 79  ILE A CA   1 
ATOM 1188 C C    . ILE A 1 79  ? 4.704   1.689   -9.673  1.00 0.00 ? 79  ILE A C    1 
ATOM 1189 O O    . ILE A 1 79  ? 3.994   1.662   -8.668  1.00 0.00 ? 79  ILE A O    1 
ATOM 1190 C CB   . ILE A 1 79  ? 5.781   -0.539  -10.335 1.00 0.00 ? 79  ILE A CB   1 
ATOM 1191 C CG1  . ILE A 1 79  ? 7.123   -1.205  -10.645 1.00 0.00 ? 79  ILE A CG1  1 
ATOM 1192 C CG2  . ILE A 1 79  ? 4.871   -0.485  -11.563 1.00 0.00 ? 79  ILE A CG2  1 
ATOM 1193 C CD1  . ILE A 1 79  ? 7.005   -2.147  -11.844 1.00 0.00 ? 79  ILE A CD1  1 
ATOM 1194 H H    . ILE A 1 79  ? 6.072   0.178   -7.773  1.00 0.00 ? 79  ILE A H    1 
ATOM 1195 H HA   . ILE A 1 79  ? 6.701   1.375   -10.377 1.00 0.00 ? 79  ILE A HA   1 
ATOM 1196 H HB   . ILE A 1 79  ? 5.281   -1.158  -9.590  1.00 0.00 ? 79  ILE A HB   1 
ATOM 1197 H HG12 . ILE A 1 79  ? 7.873   -0.440  -10.852 1.00 0.00 ? 79  ILE A HG12 1 
ATOM 1198 H HG13 . ILE A 1 79  ? 7.468   -1.761  -9.773  1.00 0.00 ? 79  ILE A HG13 1 
ATOM 1199 H HG21 . ILE A 1 79  ? 4.523   -1.489  -11.802 1.00 0.00 ? 79  ILE A HG21 1 
ATOM 1200 H HG22 . ILE A 1 79  ? 4.015   0.156   -11.352 1.00 0.00 ? 79  ILE A HG22 1 
ATOM 1201 H HG23 . ILE A 1 79  ? 5.427   -0.082  -12.409 1.00 0.00 ? 79  ILE A HG23 1 
ATOM 1202 H HD11 . ILE A 1 79  ? 7.966   -2.626  -12.027 1.00 0.00 ? 79  ILE A HD11 1 
ATOM 1203 H HD12 . ILE A 1 79  ? 6.254   -2.909  -11.634 1.00 0.00 ? 79  ILE A HD12 1 
ATOM 1204 H HD13 . ILE A 1 79  ? 6.708   -1.577  -12.726 1.00 0.00 ? 79  ILE A HD13 1 
ATOM 1205 N N    . GLU A 1 80  ? 4.446   2.409   -10.754 1.00 0.00 ? 80  GLU A N    1 
ATOM 1206 C CA   . GLU A 1 80  ? 3.263   3.248   -10.830 1.00 0.00 ? 80  GLU A CA   1 
ATOM 1207 C C    . GLU A 1 80  ? 2.118   2.492   -11.509 1.00 0.00 ? 80  GLU A C    1 
ATOM 1208 O O    . GLU A 1 80  ? 2.093   2.366   -12.732 1.00 0.00 ? 80  GLU A O    1 
ATOM 1209 C CB   . GLU A 1 80  ? 3.564   4.558   -11.562 1.00 0.00 ? 80  GLU A CB   1 
ATOM 1210 C CG   . GLU A 1 80  ? 3.884   5.679   -10.571 1.00 0.00 ? 80  GLU A CG   1 
ATOM 1211 C CD   . GLU A 1 80  ? 2.621   6.459   -10.199 1.00 0.00 ? 80  GLU A CD   1 
ATOM 1212 O OE1  . GLU A 1 80  ? 1.897   6.848   -11.140 1.00 0.00 ? 80  GLU A OE1  1 
ATOM 1213 O OE2  . GLU A 1 80  ? 2.409   6.649   -8.982  1.00 0.00 ? 80  GLU A OE2  1 
ATOM 1214 H H    . GLU A 1 80  ? 5.029   2.426   -11.567 1.00 0.00 ? 80  GLU A H    1 
ATOM 1215 H HA   . GLU A 1 80  ? 2.997   3.470   -9.796  1.00 0.00 ? 80  GLU A HA   1 
ATOM 1216 H HB2  . GLU A 1 80  ? 4.407   4.414   -12.238 1.00 0.00 ? 80  GLU A HB2  1 
ATOM 1217 H HB3  . GLU A 1 80  ? 2.708   4.842   -12.174 1.00 0.00 ? 80  GLU A HB3  1 
ATOM 1218 H HG2  . GLU A 1 80  ? 4.333   5.256   -9.671  1.00 0.00 ? 80  GLU A HG2  1 
ATOM 1219 H HG3  . GLU A 1 80  ? 4.620   6.355   -11.005 1.00 0.00 ? 80  GLU A HG3  1 
ATOM 1220 N N    . VAL A 1 81  ? 1.200   2.010   -10.685 1.00 0.00 ? 81  VAL A N    1 
ATOM 1221 C CA   . VAL A 1 81  ? 0.056   1.270   -11.191 1.00 0.00 ? 81  VAL A CA   1 
ATOM 1222 C C    . VAL A 1 81  ? -0.898  2.234   -11.900 1.00 0.00 ? 81  VAL A C    1 
ATOM 1223 O O    . VAL A 1 81  ? -0.907  3.429   -11.608 1.00 0.00 ? 81  VAL A O    1 
ATOM 1224 C CB   . VAL A 1 81  ? -0.612  0.498   -10.052 1.00 0.00 ? 81  VAL A CB   1 
ATOM 1225 C CG1  . VAL A 1 81  ? 0.162   -0.782  -9.728  1.00 0.00 ? 81  VAL A CG1  1 
ATOM 1226 C CG2  . VAL A 1 81  ? -0.764  1.376   -8.809  1.00 0.00 ? 81  VAL A CG2  1 
ATOM 1227 H H    . VAL A 1 81  ? 1.228   2.118   -9.692  1.00 0.00 ? 81  VAL A H    1 
ATOM 1228 H HA   . VAL A 1 81  ? 0.427   0.546   -11.917 1.00 0.00 ? 81  VAL A HA   1 
ATOM 1229 H HB   . VAL A 1 81  ? -1.610  0.210   -10.383 1.00 0.00 ? 81  VAL A HB   1 
ATOM 1230 H HG11 . VAL A 1 81  ? 1.039   -0.848  -10.373 1.00 0.00 ? 81  VAL A HG11 1 
ATOM 1231 H HG12 . VAL A 1 81  ? 0.480   -0.760  -8.686  1.00 0.00 ? 81  VAL A HG12 1 
ATOM 1232 H HG13 . VAL A 1 81  ? -0.479  -1.647  -9.895  1.00 0.00 ? 81  VAL A HG13 1 
ATOM 1233 H HG21 . VAL A 1 81  ? -1.597  1.012   -8.206  1.00 0.00 ? 81  VAL A HG21 1 
ATOM 1234 H HG22 . VAL A 1 81  ? 0.153   1.337   -8.221  1.00 0.00 ? 81  VAL A HG22 1 
ATOM 1235 H HG23 . VAL A 1 81  ? -0.958  2.405   -9.112  1.00 0.00 ? 81  VAL A HG23 1 
ATOM 1236 N N    . GLN A 1 82  ? -1.677  1.679   -12.816 1.00 0.00 ? 82  GLN A N    1 
ATOM 1237 C CA   . GLN A 1 82  ? -2.631  2.475   -13.568 1.00 0.00 ? 82  GLN A CA   1 
ATOM 1238 C C    . GLN A 1 82  ? -3.874  1.645   -13.895 1.00 0.00 ? 82  GLN A C    1 
ATOM 1239 O O    . GLN A 1 82  ? -4.647  2.000   -14.783 1.00 0.00 ? 82  GLN A O    1 
ATOM 1240 C CB   . GLN A 1 82  ? -1.996  3.034   -14.843 1.00 0.00 ? 82  GLN A CB   1 
ATOM 1241 C CG   . GLN A 1 82  ? -0.975  4.125   -14.513 1.00 0.00 ? 82  GLN A CG   1 
ATOM 1242 C CD   . GLN A 1 82  ? -0.281  4.628   -15.781 1.00 0.00 ? 82  GLN A CD   1 
ATOM 1243 O OE1  . GLN A 1 82  ? -0.586  4.221   -16.889 1.00 0.00 ? 82  GLN A OE1  1 
ATOM 1244 N NE2  . GLN A 1 82  ? 0.667   5.533   -15.555 1.00 0.00 ? 82  GLN A NE2  1 
ATOM 1245 H H    . GLN A 1 82  ? -1.663  0.707   -13.047 1.00 0.00 ? 82  GLN A H    1 
ATOM 1246 H HA   . GLN A 1 82  ? -2.901  3.302   -12.911 1.00 0.00 ? 82  GLN A HA   1 
ATOM 1247 H HB2  . GLN A 1 82  ? -1.507  2.230   -15.393 1.00 0.00 ? 82  GLN A HB2  1 
ATOM 1248 H HB3  . GLN A 1 82  ? -2.770  3.440   -15.493 1.00 0.00 ? 82  GLN A HB3  1 
ATOM 1249 H HG2  . GLN A 1 82  ? -1.474  4.956   -14.013 1.00 0.00 ? 82  GLN A HG2  1 
ATOM 1250 H HG3  . GLN A 1 82  ? -0.232  3.735   -13.818 1.00 0.00 ? 82  GLN A HG3  1 
ATOM 1251 H HE21 . GLN A 1 82  ? 0.868   5.825   -14.620 1.00 0.00 ? 82  GLN A HE21 1 
ATOM 1252 H HE22 . GLN A 1 82  ? 1.178   5.923   -16.322 1.00 0.00 ? 82  GLN A HE22 1 
ATOM 1253 N N    . ASN A 1 83  ? -4.028  0.554   -13.157 1.00 0.00 ? 83  ASN A N    1 
ATOM 1254 C CA   . ASN A 1 83  ? -5.164  -0.330  -13.357 1.00 0.00 ? 83  ASN A CA   1 
ATOM 1255 C C    . ASN A 1 83  ? -5.329  -1.227  -12.130 1.00 0.00 ? 83  ASN A C    1 
ATOM 1256 O O    . ASN A 1 83  ? -4.347  -1.576  -11.476 1.00 0.00 ? 83  ASN A O    1 
ATOM 1257 C CB   . ASN A 1 83  ? -4.954  -1.230  -14.577 1.00 0.00 ? 83  ASN A CB   1 
ATOM 1258 C CG   . ASN A 1 83  ? -4.009  -0.574  -15.586 1.00 0.00 ? 83  ASN A CG   1 
ATOM 1259 O OD1  . ASN A 1 83  ? -4.423  0.077   -16.531 1.00 0.00 ? 83  ASN A OD1  1 
ATOM 1260 N ND2  . ASN A 1 83  ? -2.720  -0.782  -15.335 1.00 0.00 ? 83  ASN A ND2  1 
ATOM 1261 H H    . ASN A 1 83  ? -3.395  0.273   -12.437 1.00 0.00 ? 83  ASN A H    1 
ATOM 1262 H HA   . ASN A 1 83  ? -6.018  0.331   -13.508 1.00 0.00 ? 83  ASN A HA   1 
ATOM 1263 H HB2  . ASN A 1 83  ? -4.544  -2.188  -14.260 1.00 0.00 ? 83  ASN A HB2  1 
ATOM 1264 H HB3  . ASN A 1 83  ? -5.914  -1.435  -15.052 1.00 0.00 ? 83  ASN A HB3  1 
ATOM 1265 H HD21 . ASN A 1 83  ? -2.447  -1.326  -14.541 1.00 0.00 ? 83  ASN A HD21 1 
ATOM 1266 H HD22 . ASN A 1 83  ? -2.024  -0.393  -15.938 1.00 0.00 ? 83  ASN A HD22 1 
ATOM 1267 N N    . ARG A 1 84  ? -6.577  -1.576  -11.854 1.00 0.00 ? 84  ARG A N    1 
ATOM 1268 C CA   . ARG A 1 84  ? -6.883  -2.426  -10.716 1.00 0.00 ? 84  ARG A CA   1 
ATOM 1269 C C    . ARG A 1 84  ? -6.207  -3.790  -10.877 1.00 0.00 ? 84  ARG A C    1 
ATOM 1270 O O    . ARG A 1 84  ? -5.407  -4.193  -10.034 1.00 0.00 ? 84  ARG A O    1 
ATOM 1271 C CB   . ARG A 1 84  ? -8.392  -2.627  -10.568 1.00 0.00 ? 84  ARG A CB   1 
ATOM 1272 C CG   . ARG A 1 84  ? -8.700  -3.803  -9.640  1.00 0.00 ? 84  ARG A CG   1 
ATOM 1273 C CD   . ARG A 1 84  ? -9.934  -3.516  -8.782  1.00 0.00 ? 84  ARG A CD   1 
ATOM 1274 N NE   . ARG A 1 84  ? -10.430 -4.770  -8.172  1.00 0.00 ? 84  ARG A NE   1 
ATOM 1275 C CZ   . ARG A 1 84  ? -10.966 -5.782  -8.867  1.00 0.00 ? 84  ARG A CZ   1 
ATOM 1276 N NH1  . ARG A 1 84  ? -11.077 -5.695  -10.200 1.00 0.00 ? 84  ARG A NH1  1 
ATOM 1277 N NH2  . ARG A 1 84  ? -11.389 -6.882  -8.230  1.00 0.00 ? 84  ARG A NH2  1 
ATOM 1278 H H    . ARG A 1 84  ? -7.370  -1.288  -12.391 1.00 0.00 ? 84  ARG A H    1 
ATOM 1279 H HA   . ARG A 1 84  ? -6.486  -1.891  -9.853  1.00 0.00 ? 84  ARG A HA   1 
ATOM 1280 H HB2  . ARG A 1 84  ? -8.846  -1.718  -10.173 1.00 0.00 ? 84  ARG A HB2  1 
ATOM 1281 H HB3  . ARG A 1 84  ? -8.836  -2.806  -11.548 1.00 0.00 ? 84  ARG A HB3  1 
ATOM 1282 H HG2  . ARG A 1 84  ? -8.865  -4.704  -10.230 1.00 0.00 ? 84  ARG A HG2  1 
ATOM 1283 H HG3  . ARG A 1 84  ? -7.843  -3.997  -8.996  1.00 0.00 ? 84  ARG A HG3  1 
ATOM 1284 H HD2  . ARG A 1 84  ? -9.685  -2.796  -8.002  1.00 0.00 ? 84  ARG A HD2  1 
ATOM 1285 H HD3  . ARG A 1 84  ? -10.715 -3.065  -9.394  1.00 0.00 ? 84  ARG A HD3  1 
ATOM 1286 H HE   . ARG A 1 84  ? -10.362 -4.867  -7.179  1.00 0.00 ? 84  ARG A HE   1 
ATOM 1287 H HH11 . ARG A 1 84  ? -10.761 -4.874  -10.676 1.00 0.00 ? 84  ARG A HH11 1 
ATOM 1288 H HH12 . ARG A 1 84  ? -11.477 -6.451  -10.718 1.00 0.00 ? 84  ARG A HH12 1 
ATOM 1289 H HH21 . ARG A 1 84  ? -11.306 -6.947  -7.236  1.00 0.00 ? 84  ARG A HH21 1 
ATOM 1290 H HH22 . ARG A 1 84  ? -11.788 -7.639  -8.749  1.00 0.00 ? 84  ARG A HH22 1 
ATOM 1291 N N    . GLU A 1 85  ? -6.554  -4.463  -11.964 1.00 0.00 ? 85  GLU A N    1 
ATOM 1292 C CA   . GLU A 1 85  ? -5.991  -5.772  -12.245 1.00 0.00 ? 85  GLU A CA   1 
ATOM 1293 C C    . GLU A 1 85  ? -4.487  -5.774  -11.966 1.00 0.00 ? 85  GLU A C    1 
ATOM 1294 O O    . GLU A 1 85  ? -3.995  -6.604  -11.202 1.00 0.00 ? 85  GLU A O    1 
ATOM 1295 C CB   . GLU A 1 85  ? -6.282  -6.197  -13.686 1.00 0.00 ? 85  GLU A CB   1 
ATOM 1296 C CG   . GLU A 1 85  ? -7.774  -6.471  -13.886 1.00 0.00 ? 85  GLU A CG   1 
ATOM 1297 C CD   . GLU A 1 85  ? -8.010  -7.910  -14.347 1.00 0.00 ? 85  GLU A CD   1 
ATOM 1298 O OE1  . GLU A 1 85  ? -7.778  -8.817  -13.519 1.00 0.00 ? 85  GLU A OE1  1 
ATOM 1299 O OE2  . GLU A 1 85  ? -8.416  -8.072  -15.519 1.00 0.00 ? 85  GLU A OE2  1 
ATOM 1300 H H    . GLU A 1 85  ? -7.205  -4.128  -12.645 1.00 0.00 ? 85  GLU A H    1 
ATOM 1301 H HA   . GLU A 1 85  ? -6.494  -6.456  -11.563 1.00 0.00 ? 85  GLU A HA   1 
ATOM 1302 H HB2  . GLU A 1 85  ? -5.958  -5.413  -14.372 1.00 0.00 ? 85  GLU A HB2  1 
ATOM 1303 H HB3  . GLU A 1 85  ? -5.708  -7.091  -13.929 1.00 0.00 ? 85  GLU A HB3  1 
ATOM 1304 H HG2  . GLU A 1 85  ? -8.308  -6.292  -12.953 1.00 0.00 ? 85  GLU A HG2  1 
ATOM 1305 H HG3  . GLU A 1 85  ? -8.179  -5.778  -14.624 1.00 0.00 ? 85  GLU A HG3  1 
ATOM 1306 N N    . GLU A 1 86  ? -3.798  -4.838  -12.600 1.00 0.00 ? 86  GLU A N    1 
ATOM 1307 C CA   . GLU A 1 86  ? -2.360  -4.720  -12.431 1.00 0.00 ? 86  GLU A CA   1 
ATOM 1308 C C    . GLU A 1 86  ? -2.006  -4.640  -10.945 1.00 0.00 ? 86  GLU A C    1 
ATOM 1309 O O    . GLU A 1 86  ? -1.089  -5.318  -10.483 1.00 0.00 ? 86  GLU A O    1 
ATOM 1310 C CB   . GLU A 1 86  ? -1.813  -3.511  -13.191 1.00 0.00 ? 86  GLU A CB   1 
ATOM 1311 C CG   . GLU A 1 86  ? -0.511  -3.859  -13.914 1.00 0.00 ? 86  GLU A CG   1 
ATOM 1312 C CD   . GLU A 1 86  ? -0.675  -5.124  -14.759 1.00 0.00 ? 86  GLU A CD   1 
ATOM 1313 O OE1  . GLU A 1 86  ? -1.412  -5.043  -15.765 1.00 0.00 ? 86  GLU A OE1  1 
ATOM 1314 O OE2  . GLU A 1 86  ? -0.059  -6.143  -14.381 1.00 0.00 ? 86  GLU A OE2  1 
ATOM 1315 H H    . GLU A 1 86  ? -4.206  -4.167  -13.221 1.00 0.00 ? 86  GLU A H    1 
ATOM 1316 H HA   . GLU A 1 86  ? -1.942  -5.632  -12.862 1.00 0.00 ? 86  GLU A HA   1 
ATOM 1317 H HB2  . GLU A 1 86  ? -2.554  -3.166  -13.914 1.00 0.00 ? 86  GLU A HB2  1 
ATOM 1318 H HB3  . GLU A 1 86  ? -1.640  -2.689  -12.497 1.00 0.00 ? 86  GLU A HB3  1 
ATOM 1319 H HG2  . GLU A 1 86  ? -0.211  -3.028  -14.552 1.00 0.00 ? 86  GLU A HG2  1 
ATOM 1320 H HG3  . GLU A 1 86  ? 0.286   -4.006  -13.184 1.00 0.00 ? 86  GLU A HG3  1 
ATOM 1321 N N    . ALA A 1 87  ? -2.752  -3.805  -10.236 1.00 0.00 ? 87  ALA A N    1 
ATOM 1322 C CA   . ALA A 1 87  ? -2.529  -3.626  -8.812  1.00 0.00 ? 87  ALA A CA   1 
ATOM 1323 C C    . ALA A 1 87  ? -2.493  -4.995  -8.130  1.00 0.00 ? 87  ALA A C    1 
ATOM 1324 O O    . ALA A 1 87  ? -1.776  -5.185  -7.149  1.00 0.00 ? 87  ALA A O    1 
ATOM 1325 C CB   . ALA A 1 87  ? -3.614  -2.715  -8.234  1.00 0.00 ? 87  ALA A CB   1 
ATOM 1326 H H    . ALA A 1 87  ? -3.496  -3.257  -10.619 1.00 0.00 ? 87  ALA A H    1 
ATOM 1327 H HA   . ALA A 1 87  ? -1.560  -3.142  -8.686  1.00 0.00 ? 87  ALA A HA   1 
ATOM 1328 H HB1  . ALA A 1 87  ? -3.171  -1.764  -7.940  1.00 0.00 ? 87  ALA A HB1  1 
ATOM 1329 H HB2  . ALA A 1 87  ? -4.382  -2.542  -8.990  1.00 0.00 ? 87  ALA A HB2  1 
ATOM 1330 H HB3  . ALA A 1 87  ? -4.063  -3.192  -7.364  1.00 0.00 ? 87  ALA A HB3  1 
ATOM 1331 N N    . VAL A 1 88  ? -3.276  -5.913  -8.676  1.00 0.00 ? 88  VAL A N    1 
ATOM 1332 C CA   . VAL A 1 88  ? -3.343  -7.260  -8.133  1.00 0.00 ? 88  VAL A CA   1 
ATOM 1333 C C    . VAL A 1 88  ? -2.317  -8.144  -8.846  1.00 0.00 ? 88  VAL A C    1 
ATOM 1334 O O    . VAL A 1 88  ? -1.564  -8.870  -8.200  1.00 0.00 ? 88  VAL A O    1 
ATOM 1335 C CB   . VAL A 1 88  ? -4.772  -7.796  -8.240  1.00 0.00 ? 88  VAL A CB   1 
ATOM 1336 C CG1  . VAL A 1 88  ? -4.807  -9.309  -8.018  1.00 0.00 ? 88  VAL A CG1  1 
ATOM 1337 C CG2  . VAL A 1 88  ? -5.701  -7.076  -7.261  1.00 0.00 ? 88  VAL A CG2  1 
ATOM 1338 H H    . VAL A 1 88  ? -3.855  -5.750  -9.474  1.00 0.00 ? 88  VAL A H    1 
ATOM 1339 H HA   . VAL A 1 88  ? -3.081  -7.201  -7.077  1.00 0.00 ? 88  VAL A HA   1 
ATOM 1340 H HB   . VAL A 1 88  ? -5.130  -7.598  -9.249  1.00 0.00 ? 88  VAL A HB   1 
ATOM 1341 H HG11 . VAL A 1 88  ? -4.800  -9.818  -8.981  1.00 0.00 ? 88  VAL A HG11 1 
ATOM 1342 H HG12 . VAL A 1 88  ? -3.933  -9.612  -7.440  1.00 0.00 ? 88  VAL A HG12 1 
ATOM 1343 H HG13 . VAL A 1 88  ? -5.713  -9.575  -7.472  1.00 0.00 ? 88  VAL A HG13 1 
ATOM 1344 H HG21 . VAL A 1 88  ? -6.152  -6.215  -7.754  1.00 0.00 ? 88  VAL A HG21 1 
ATOM 1345 H HG22 . VAL A 1 88  ? -6.486  -7.760  -6.935  1.00 0.00 ? 88  VAL A HG22 1 
ATOM 1346 H HG23 . VAL A 1 88  ? -5.129  -6.741  -6.396  1.00 0.00 ? 88  VAL A HG23 1 
ATOM 1347 N N    . ALA A 1 89  ? -2.323  -8.054  -10.168 1.00 0.00 ? 89  ALA A N    1 
ATOM 1348 C CA   . ALA A 1 89  ? -1.403  -8.837  -10.976 1.00 0.00 ? 89  ALA A CA   1 
ATOM 1349 C C    . ALA A 1 89  ? 0.006   -8.720  -10.392 1.00 0.00 ? 89  ALA A C    1 
ATOM 1350 O O    . ALA A 1 89  ? 0.671   -9.728  -10.158 1.00 0.00 ? 89  ALA A O    1 
ATOM 1351 C CB   . ALA A 1 89  ? -1.474  -8.368  -12.430 1.00 0.00 ? 89  ALA A CB   1 
ATOM 1352 H H    . ALA A 1 89  ? -2.940  -7.461  -10.685 1.00 0.00 ? 89  ALA A H    1 
ATOM 1353 H HA   . ALA A 1 89  ? -1.722  -9.879  -10.927 1.00 0.00 ? 89  ALA A HA   1 
ATOM 1354 H HB1  . ALA A 1 89  ? -0.935  -7.425  -12.534 1.00 0.00 ? 89  ALA A HB1  1 
ATOM 1355 H HB2  . ALA A 1 89  ? -1.019  -9.119  -13.076 1.00 0.00 ? 89  ALA A HB2  1 
ATOM 1356 H HB3  . ALA A 1 89  ? -2.515  -8.225  -12.715 1.00 0.00 ? 89  ALA A HB3  1 
ATOM 1357 N N    . LEU A 1 90  ? 0.421   -7.481  -10.175 1.00 0.00 ? 90  LEU A N    1 
ATOM 1358 C CA   . LEU A 1 90  ? 1.740   -7.219  -9.624  1.00 0.00 ? 90  LEU A CA   1 
ATOM 1359 C C    . LEU A 1 90  ? 1.902   -7.989  -8.312  1.00 0.00 ? 90  LEU A C    1 
ATOM 1360 O O    . LEU A 1 90  ? 2.935   -8.615  -8.079  1.00 0.00 ? 90  LEU A O    1 
ATOM 1361 C CB   . LEU A 1 90  ? 1.975   -5.713  -9.488  1.00 0.00 ? 90  LEU A CB   1 
ATOM 1362 C CG   . LEU A 1 90  ? 3.112   -5.132  -10.330 1.00 0.00 ? 90  LEU A CG   1 
ATOM 1363 C CD1  . LEU A 1 90  ? 2.889   -3.642  -10.597 1.00 0.00 ? 90  LEU A CD1  1 
ATOM 1364 C CD2  . LEU A 1 90  ? 4.470   -5.401  -9.678  1.00 0.00 ? 90  LEU A CD2  1 
ATOM 1365 H H    . LEU A 1 90  ? -0.124  -6.666  -10.369 1.00 0.00 ? 90  LEU A H    1 
ATOM 1366 H HA   . LEU A 1 90  ? 2.473   -7.596  -10.339 1.00 0.00 ? 90  LEU A HA   1 
ATOM 1367 H HB2  . LEU A 1 90  ? 1.052   -5.196  -9.752  1.00 0.00 ? 90  LEU A HB2  1 
ATOM 1368 H HB3  . LEU A 1 90  ? 2.175   -5.490  -8.439  1.00 0.00 ? 90  LEU A HB3  1 
ATOM 1369 H HG   . LEU A 1 90  ? 3.112   -5.635  -11.296 1.00 0.00 ? 90  LEU A HG   1 
ATOM 1370 H HD11 . LEU A 1 90  ? 1.871   -3.485  -10.955 1.00 0.00 ? 90  LEU A HD11 1 
ATOM 1371 H HD12 . LEU A 1 90  ? 3.041   -3.080  -9.675  1.00 0.00 ? 90  LEU A HD12 1 
ATOM 1372 H HD13 . LEU A 1 90  ? 3.597   -3.298  -11.351 1.00 0.00 ? 90  LEU A HD13 1 
ATOM 1373 H HD21 . LEU A 1 90  ? 5.265   -5.148  -10.379 1.00 0.00 ? 90  LEU A HD21 1 
ATOM 1374 H HD22 . LEU A 1 90  ? 4.569   -4.791  -8.780  1.00 0.00 ? 90  LEU A HD22 1 
ATOM 1375 H HD23 . LEU A 1 90  ? 4.542   -6.456  -9.411  1.00 0.00 ? 90  LEU A HD23 1 
ATOM 1376 N N    . LEU A 1 91  ? 0.867   -7.916  -7.489  1.00 0.00 ? 91  LEU A N    1 
ATOM 1377 C CA   . LEU A 1 91  ? 0.880   -8.598  -6.206  1.00 0.00 ? 91  LEU A CA   1 
ATOM 1378 C C    . LEU A 1 91  ? 0.880   -10.110 -6.438  1.00 0.00 ? 91  LEU A C    1 
ATOM 1379 O O    . LEU A 1 91  ? 1.142   -10.883 -5.517  1.00 0.00 ? 91  LEU A O    1 
ATOM 1380 C CB   . LEU A 1 91  ? -0.273  -8.110  -5.327  1.00 0.00 ? 91  LEU A CB   1 
ATOM 1381 C CG   . LEU A 1 91  ? -0.086  -6.737  -4.677  1.00 0.00 ? 91  LEU A CG   1 
ATOM 1382 C CD1  . LEU A 1 91  ? 0.598   -6.864  -3.315  1.00 0.00 ? 91  LEU A CD1  1 
ATOM 1383 C CD2  . LEU A 1 91  ? 0.667   -5.787  -5.611  1.00 0.00 ? 91  LEU A CD2  1 
ATOM 1384 H H    . LEU A 1 91  ? 0.031   -7.404  -7.687  1.00 0.00 ? 91  LEU A H    1 
ATOM 1385 H HA   . LEU A 1 91  ? 1.808   -8.326  -5.702  1.00 0.00 ? 91  LEU A HA   1 
ATOM 1386 H HB2  . LEU A 1 91  ? -1.179  -8.083  -5.932  1.00 0.00 ? 91  LEU A HB2  1 
ATOM 1387 H HB3  . LEU A 1 91  ? -0.438  -8.844  -4.538  1.00 0.00 ? 91  LEU A HB3  1 
ATOM 1388 H HG   . LEU A 1 91  ? -1.071  -6.305  -4.504  1.00 0.00 ? 91  LEU A HG   1 
ATOM 1389 H HD11 . LEU A 1 91  ? -0.159  -6.968  -2.537  1.00 0.00 ? 91  LEU A HD11 1 
ATOM 1390 H HD12 . LEU A 1 91  ? 1.244   -7.741  -3.313  1.00 0.00 ? 91  LEU A HD12 1 
ATOM 1391 H HD13 . LEU A 1 91  ? 1.195   -5.972  -3.123  1.00 0.00 ? 91  LEU A HD13 1 
ATOM 1392 H HD21 . LEU A 1 91  ? 0.230   -5.834  -6.608  1.00 0.00 ? 91  LEU A HD21 1 
ATOM 1393 H HD22 . LEU A 1 91  ? 0.592   -4.768  -5.229  1.00 0.00 ? 91  LEU A HD22 1 
ATOM 1394 H HD23 . LEU A 1 91  ? 1.715   -6.080  -5.659  1.00 0.00 ? 91  LEU A HD23 1 
ATOM 1395 N N    . THR A 1 92  ? 0.583   -10.488 -7.672  1.00 0.00 ? 92  THR A N    1 
ATOM 1396 C CA   . THR A 1 92  ? 0.545   -11.894 -8.036  1.00 0.00 ? 92  THR A CA   1 
ATOM 1397 C C    . THR A 1 92  ? 1.665   -12.219 -9.026  1.00 0.00 ? 92  THR A C    1 
ATOM 1398 O O    . THR A 1 92  ? 1.439   -12.905 -10.022 1.00 0.00 ? 92  THR A O    1 
ATOM 1399 C CB   . THR A 1 92  ? -0.853  -12.206 -8.576  1.00 0.00 ? 92  THR A CB   1 
ATOM 1400 O OG1  . THR A 1 92  ? -0.841  -11.672 -9.897  1.00 0.00 ? 92  THR A OG1  1 
ATOM 1401 C CG2  . THR A 1 92  ? -1.947  -11.408 -7.863  1.00 0.00 ? 92  THR A CG2  1 
ATOM 1402 H H    . THR A 1 92  ? 0.371   -9.853  -8.415  1.00 0.00 ? 92  THR A H    1 
ATOM 1403 H HA   . THR A 1 92  ? 0.728   -12.486 -7.140  1.00 0.00 ? 92  THR A HA   1 
ATOM 1404 H HB   . THR A 1 92  ? -1.058  -13.275 -8.532  1.00 0.00 ? 92  THR A HB   1 
ATOM 1405 H HG1  . THR A 1 92  ? -1.227  -12.337 -10.538 1.00 0.00 ? 92  THR A HG1  1 
ATOM 1406 H HG21 . THR A 1 92  ? -2.484  -10.798 -8.589  1.00 0.00 ? 92  THR A HG21 1 
ATOM 1407 H HG22 . THR A 1 92  ? -2.642  -12.096 -7.380  1.00 0.00 ? 92  THR A HG22 1 
ATOM 1408 H HG23 . THR A 1 92  ? -1.495  -10.762 -7.111  1.00 0.00 ? 92  THR A HG23 1 
ATOM 1409 N N    . SER A 1 93  ? 2.849   -11.712 -8.719  1.00 0.00 ? 93  SER A N    1 
ATOM 1410 C CA   . SER A 1 93  ? 4.005   -11.938 -9.569  1.00 0.00 ? 93  SER A CA   1 
ATOM 1411 C C    . SER A 1 93  ? 4.858   -13.074 -8.999  1.00 0.00 ? 93  SER A C    1 
ATOM 1412 O O    . SER A 1 93  ? 5.257   -13.032 -7.836  1.00 0.00 ? 93  SER A O    1 
ATOM 1413 C CB   . SER A 1 93  ? 4.843   -10.666 -9.712  1.00 0.00 ? 93  SER A CB   1 
ATOM 1414 O OG   . SER A 1 93  ? 4.733   -10.099 -11.015 1.00 0.00 ? 93  SER A OG   1 
ATOM 1415 H H    . SER A 1 93  ? 3.024   -11.153 -7.907  1.00 0.00 ? 93  SER A H    1 
ATOM 1416 H HA   . SER A 1 93  ? 3.598   -12.217 -10.541 1.00 0.00 ? 93  SER A HA   1 
ATOM 1417 H HB2  . SER A 1 93  ? 4.522   -9.935  -8.970  1.00 0.00 ? 93  SER A HB2  1 
ATOM 1418 H HB3  . SER A 1 93  ? 5.888   -10.895 -9.504  1.00 0.00 ? 93  SER A HB3  1 
ATOM 1419 H HG   . SER A 1 93  ? 4.197   -9.255  -10.976 1.00 0.00 ? 93  SER A HG   1 
ATOM 1420 N N    . GLU A 1 94  ? 5.113   -14.062 -9.845  1.00 0.00 ? 94  GLU A N    1 
ATOM 1421 C CA   . GLU A 1 94  ? 5.911   -15.206 -9.440  1.00 0.00 ? 94  GLU A CA   1 
ATOM 1422 C C    . GLU A 1 94  ? 7.400   -14.904 -9.617  1.00 0.00 ? 94  GLU A C    1 
ATOM 1423 O O    . GLU A 1 94  ? 8.142   -15.717 -10.165 1.00 0.00 ? 94  GLU A O    1 
ATOM 1424 C CB   . GLU A 1 94  ? 5.511   -16.458 -10.222 1.00 0.00 ? 94  GLU A CB   1 
ATOM 1425 C CG   . GLU A 1 94  ? 4.927   -17.523 -9.291  1.00 0.00 ? 94  GLU A CG   1 
ATOM 1426 C CD   . GLU A 1 94  ? 5.493   -18.907 -9.617  1.00 0.00 ? 94  GLU A CD   1 
ATOM 1427 O OE1  . GLU A 1 94  ? 6.733   -18.997 -9.745  1.00 0.00 ? 94  GLU A OE1  1 
ATOM 1428 O OE2  . GLU A 1 94  ? 4.673   -19.843 -9.731  1.00 0.00 ? 94  GLU A OE2  1 
ATOM 1429 H H    . GLU A 1 94  ? 4.785   -14.088 -10.790 1.00 0.00 ? 94  GLU A H    1 
ATOM 1430 H HA   . GLU A 1 94  ? 5.687   -15.357 -8.385  1.00 0.00 ? 94  GLU A HA   1 
ATOM 1431 H HB2  . GLU A 1 94  ? 4.777   -16.197 -10.985 1.00 0.00 ? 94  GLU A HB2  1 
ATOM 1432 H HB3  . GLU A 1 94  ? 6.379   -16.861 -10.741 1.00 0.00 ? 94  GLU A HB3  1 
ATOM 1433 H HG2  . GLU A 1 94  ? 5.153   -17.269 -8.256  1.00 0.00 ? 94  GLU A HG2  1 
ATOM 1434 H HG3  . GLU A 1 94  ? 3.841   -17.539 -9.386  1.00 0.00 ? 94  GLU A HG3  1 
ATOM 1435 N N    . GLU A 1 95  ? 7.794   -13.731 -9.141  1.00 0.00 ? 95  GLU A N    1 
ATOM 1436 C CA   . GLU A 1 95  ? 9.182   -13.311 -9.239  1.00 0.00 ? 95  GLU A CA   1 
ATOM 1437 C C    . GLU A 1 95  ? 9.529   -12.356 -8.095  1.00 0.00 ? 95  GLU A C    1 
ATOM 1438 O O    . GLU A 1 95  ? 10.577  -12.492 -7.464  1.00 0.00 ? 95  GLU A O    1 
ATOM 1439 C CB   . GLU A 1 95  ? 9.464   -12.666 -10.597 1.00 0.00 ? 95  GLU A CB   1 
ATOM 1440 C CG   . GLU A 1 95  ? 9.961   -13.705 -11.604 1.00 0.00 ? 95  GLU A CG   1 
ATOM 1441 C CD   . GLU A 1 95  ? 11.453  -13.518 -11.892 1.00 0.00 ? 95  GLU A CD   1 
ATOM 1442 O OE1  . GLU A 1 95  ? 12.236  -13.627 -10.925 1.00 0.00 ? 95  GLU A OE1  1 
ATOM 1443 O OE2  . GLU A 1 95  ? 11.775  -13.270 -13.074 1.00 0.00 ? 95  GLU A OE2  1 
ATOM 1444 H H    . GLU A 1 95  ? 7.184   -13.075 -8.696  1.00 0.00 ? 95  GLU A H    1 
ATOM 1445 H HA   . GLU A 1 95  ? 9.768   -14.226 -9.149  1.00 0.00 ? 95  GLU A HA   1 
ATOM 1446 H HB2  . GLU A 1 95  ? 8.558   -12.192 -10.975 1.00 0.00 ? 95  GLU A HB2  1 
ATOM 1447 H HB3  . GLU A 1 95  ? 10.210  -11.879 -10.482 1.00 0.00 ? 95  GLU A HB3  1 
ATOM 1448 H HG2  . GLU A 1 95  ? 9.785   -14.707 -11.215 1.00 0.00 ? 95  GLU A HG2  1 
ATOM 1449 H HG3  . GLU A 1 95  ? 9.395   -13.617 -12.531 1.00 0.00 ? 95  GLU A HG3  1 
ATOM 1450 N N    . ASN A 1 96  ? 8.630   -11.411 -7.862  1.00 0.00 ? 96  ASN A N    1 
ATOM 1451 C CA   . ASN A 1 96  ? 8.829   -10.434 -6.804  1.00 0.00 ? 96  ASN A CA   1 
ATOM 1452 C C    . ASN A 1 96  ? 8.563   -11.094 -5.450  1.00 0.00 ? 96  ASN A C    1 
ATOM 1453 O O    . ASN A 1 96  ? 7.443   -11.521 -5.172  1.00 0.00 ? 96  ASN A O    1 
ATOM 1454 C CB   . ASN A 1 96  ? 7.864   -9.256  -6.955  1.00 0.00 ? 96  ASN A CB   1 
ATOM 1455 C CG   . ASN A 1 96  ? 8.261   -8.369  -8.136  1.00 0.00 ? 96  ASN A CG   1 
ATOM 1456 O OD1  . ASN A 1 96  ? 9.395   -7.939  -8.269  1.00 0.00 ? 96  ASN A OD1  1 
ATOM 1457 N ND2  . ASN A 1 96  ? 7.267   -8.121  -8.984  1.00 0.00 ? 96  ASN A ND2  1 
ATOM 1458 H H    . ASN A 1 96  ? 7.781   -11.307 -8.379  1.00 0.00 ? 96  ASN A H    1 
ATOM 1459 H HA   . ASN A 1 96  ? 9.861   -10.102 -6.911  1.00 0.00 ? 96  ASN A HA   1 
ATOM 1460 H HB2  . ASN A 1 96  ? 6.850   -9.629  -7.101  1.00 0.00 ? 96  ASN A HB2  1 
ATOM 1461 H HB3  . ASN A 1 96  ? 7.859   -8.667  -6.039  1.00 0.00 ? 96  ASN A HB3  1 
ATOM 1462 H HD21 . ASN A 1 96  ? 6.359   -8.505  -8.817  1.00 0.00 ? 96  ASN A HD21 1 
ATOM 1463 H HD22 . ASN A 1 96  ? 7.428   -7.549  -9.789  1.00 0.00 ? 96  ASN A HD22 1 
ATOM 1464 N N    . LYS A 1 97  ? 9.611   -11.155 -4.643  1.00 0.00 ? 97  LYS A N    1 
ATOM 1465 C CA   . LYS A 1 97  ? 9.505   -11.755 -3.323  1.00 0.00 ? 97  LYS A CA   1 
ATOM 1466 C C    . LYS A 1 97  ? 9.120   -10.678 -2.307  1.00 0.00 ? 97  LYS A C    1 
ATOM 1467 O O    . LYS A 1 97  ? 8.119   -10.811 -1.606  1.00 0.00 ? 97  LYS A O    1 
ATOM 1468 C CB   . LYS A 1 97  ? 10.793  -12.502 -2.969  1.00 0.00 ? 97  LYS A CB   1 
ATOM 1469 C CG   . LYS A 1 97  ? 10.482  -13.860 -2.334  1.00 0.00 ? 97  LYS A CG   1 
ATOM 1470 C CD   . LYS A 1 97  ? 11.139  -13.985 -0.958  1.00 0.00 ? 97  LYS A CD   1 
ATOM 1471 C CE   . LYS A 1 97  ? 12.348  -14.920 -1.010  1.00 0.00 ? 97  LYS A CE   1 
ATOM 1472 N NZ   . LYS A 1 97  ? 13.573  -14.166 -1.358  1.00 0.00 ? 97  LYS A NZ   1 
ATOM 1473 H H    . LYS A 1 97  ? 10.519  -10.805 -4.875  1.00 0.00 ? 97  LYS A H    1 
ATOM 1474 H HA   . LYS A 1 97  ? 8.705   -12.495 -3.364  1.00 0.00 ? 97  LYS A HA   1 
ATOM 1475 H HB2  . LYS A 1 97  ? 11.393  -12.646 -3.867  1.00 0.00 ? 97  LYS A HB2  1 
ATOM 1476 H HB3  . LYS A 1 97  ? 11.388  -11.903 -2.281  1.00 0.00 ? 97  LYS A HB3  1 
ATOM 1477 H HG2  . LYS A 1 97  ? 9.403   -13.982 -2.239  1.00 0.00 ? 97  LYS A HG2  1 
ATOM 1478 H HG3  . LYS A 1 97  ? 10.837  -14.660 -2.985  1.00 0.00 ? 97  LYS A HG3  1 
ATOM 1479 H HD2  . LYS A 1 97  ? 11.452  -13.000 -0.610  1.00 0.00 ? 97  LYS A HD2  1 
ATOM 1480 H HD3  . LYS A 1 97  ? 10.413  -14.362 -0.238  1.00 0.00 ? 97  LYS A HD3  1 
ATOM 1481 H HE2  . LYS A 1 97  ? 12.478  -15.411 -0.046  1.00 0.00 ? 97  LYS A HE2  1 
ATOM 1482 H HE3  . LYS A 1 97  ? 12.176  -15.705 -1.747  1.00 0.00 ? 97  LYS A HE3  1 
ATOM 1483 H HZ1  . LYS A 1 97  ? 13.470  -13.765 -2.268  1.00 0.00 ? 97  LYS A HZ1  1 
ATOM 1484 H HZ2  . LYS A 1 97  ? 13.718  -13.438 -0.687  1.00 0.00 ? 97  LYS A HZ2  1 
ATOM 1485 H HZ3  . LYS A 1 97  ? 14.358  -14.785 -1.353  1.00 0.00 ? 97  LYS A HZ3  1 
ATOM 1486 N N    . ASN A 1 98  ? 9.937   -9.636  -2.261  1.00 0.00 ? 98  ASN A N    1 
ATOM 1487 C CA   . ASN A 1 98  ? 9.694   -8.537  -1.342  1.00 0.00 ? 98  ASN A CA   1 
ATOM 1488 C C    . ASN A 1 98  ? 8.687   -7.568  -1.966  1.00 0.00 ? 98  ASN A C    1 
ATOM 1489 O O    . ASN A 1 98  ? 9.042   -6.772  -2.834  1.00 0.00 ? 98  ASN A O    1 
ATOM 1490 C CB   . ASN A 1 98  ? 10.982  -7.761  -1.058  1.00 0.00 ? 98  ASN A CB   1 
ATOM 1491 C CG   . ASN A 1 98  ? 11.744  -7.470  -2.353  1.00 0.00 ? 98  ASN A CG   1 
ATOM 1492 O OD1  . ASN A 1 98  ? 11.536  -6.466  -3.014  1.00 0.00 ? 98  ASN A OD1  1 
ATOM 1493 N ND2  . ASN A 1 98  ? 12.633  -8.404  -2.678  1.00 0.00 ? 98  ASN A ND2  1 
ATOM 1494 H H    . ASN A 1 98  ? 10.749  -9.535  -2.835  1.00 0.00 ? 98  ASN A H    1 
ATOM 1495 H HA   . ASN A 1 98  ? 9.316   -9.001  -0.431  1.00 0.00 ? 98  ASN A HA   1 
ATOM 1496 H HB2  . ASN A 1 98  ? 10.744  -6.824  -0.554  1.00 0.00 ? 98  ASN A HB2  1 
ATOM 1497 H HB3  . ASN A 1 98  ? 11.615  -8.335  -0.380  1.00 0.00 ? 98  ASN A HB3  1 
ATOM 1498 H HD21 . ASN A 1 98  ? 12.755  -9.205  -2.092  1.00 0.00 ? 98  ASN A HD21 1 
ATOM 1499 H HD22 . ASN A 1 98  ? 13.182  -8.305  -3.508  1.00 0.00 ? 98  ASN A HD22 1 
ATOM 1500 N N    . PHE A 1 99  ? 7.451   -7.668  -1.501  1.00 0.00 ? 99  PHE A N    1 
ATOM 1501 C CA   . PHE A 1 99  ? 6.390   -6.812  -2.002  1.00 0.00 ? 99  PHE A CA   1 
ATOM 1502 C C    . PHE A 1 99  ? 6.301   -5.517  -1.192  1.00 0.00 ? 99  PHE A C    1 
ATOM 1503 O O    . PHE A 1 99  ? 5.736   -5.502  -0.099  1.00 0.00 ? 99  PHE A O    1 
ATOM 1504 C CB   . PHE A 1 99  ? 5.079   -7.586  -1.850  1.00 0.00 ? 99  PHE A CB   1 
ATOM 1505 C CG   . PHE A 1 99  ? 4.885   -8.691  -2.890  1.00 0.00 ? 99  PHE A CG   1 
ATOM 1506 C CD1  . PHE A 1 99  ? 4.550   -8.371  -4.169  1.00 0.00 ? 99  PHE A CD1  1 
ATOM 1507 C CD2  . PHE A 1 99  ? 5.047   -9.995  -2.536  1.00 0.00 ? 99  PHE A CD2  1 
ATOM 1508 C CE1  . PHE A 1 99  ? 4.369   -9.396  -5.133  1.00 0.00 ? 99  PHE A CE1  1 
ATOM 1509 C CE2  . PHE A 1 99  ? 4.866   -11.019 -3.501  1.00 0.00 ? 99  PHE A CE2  1 
ATOM 1510 C CZ   . PHE A 1 99  ? 4.531   -10.699 -4.780  1.00 0.00 ? 99  PHE A CZ   1 
ATOM 1511 H H    . PHE A 1 99  ? 7.170   -8.319  -0.794  1.00 0.00 ? 99  PHE A H    1 
ATOM 1512 H HA   . PHE A 1 99  ? 6.630   -6.574  -3.039  1.00 0.00 ? 99  PHE A HA   1 
ATOM 1513 H HB2  . PHE A 1 99  ? 5.044   -8.028  -0.854  1.00 0.00 ? 99  PHE A HB2  1 
ATOM 1514 H HB3  . PHE A 1 99  ? 4.246   -6.887  -1.917  1.00 0.00 ? 99  PHE A HB3  1 
ATOM 1515 H HD1  . PHE A 1 99  ? 4.420   -7.326  -4.452  1.00 0.00 ? 99  PHE A HD1  1 
ATOM 1516 H HD2  . PHE A 1 99  ? 5.315   -10.251 -1.511  1.00 0.00 ? 99  PHE A HD2  1 
ATOM 1517 H HE1  . PHE A 1 99  ? 4.101   -9.139  -6.158  1.00 0.00 ? 99  PHE A HE1  1 
ATOM 1518 H HE2  . PHE A 1 99  ? 4.996   -12.064 -3.218  1.00 0.00 ? 99  PHE A HE2  1 
ATOM 1519 H HZ   . PHE A 1 99  ? 4.393   -11.486 -5.520  1.00 0.00 ? 99  PHE A HZ   1 
ATOM 1520 N N    . SER A 1 100 ? 6.867   -4.462  -1.758  1.00 0.00 ? 100 SER A N    1 
ATOM 1521 C CA   . SER A 1 100 ? 6.859   -3.166  -1.102  1.00 0.00 ? 100 SER A CA   1 
ATOM 1522 C C    . SER A 1 100 ? 5.761   -2.283  -1.700  1.00 0.00 ? 100 SER A C    1 
ATOM 1523 O O    . SER A 1 100 ? 6.007   -1.532  -2.642  1.00 0.00 ? 100 SER A O    1 
ATOM 1524 C CB   . SER A 1 100 ? 8.219   -2.476  -1.226  1.00 0.00 ? 100 SER A CB   1 
ATOM 1525 O OG   . SER A 1 100 ? 9.048   -2.723  -0.093  1.00 0.00 ? 100 SER A OG   1 
ATOM 1526 H H    . SER A 1 100 ? 7.325   -4.482  -2.648  1.00 0.00 ? 100 SER A H    1 
ATOM 1527 H HA   . SER A 1 100 ? 6.653   -3.375  -0.052  1.00 0.00 ? 100 SER A HA   1 
ATOM 1528 H HB2  . SER A 1 100 ? 8.724   -2.828  -2.127  1.00 0.00 ? 100 SER A HB2  1 
ATOM 1529 H HB3  . SER A 1 100 ? 8.073   -1.403  -1.342  1.00 0.00 ? 100 SER A HB3  1 
ATOM 1530 H HG   . SER A 1 100 ? 9.046   -3.697  0.127   1.00 0.00 ? 100 SER A HG   1 
ATOM 1531 N N    . LEU A 1 101 ? 4.572   -2.404  -1.126  1.00 0.00 ? 101 LEU A N    1 
ATOM 1532 C CA   . LEU A 1 101 ? 3.435   -1.627  -1.590  1.00 0.00 ? 101 LEU A CA   1 
ATOM 1533 C C    . LEU A 1 101 ? 3.433   -0.267  -0.889  1.00 0.00 ? 101 LEU A C    1 
ATOM 1534 O O    . LEU A 1 101 ? 3.991   -0.123  0.198   1.00 0.00 ? 101 LEU A O    1 
ATOM 1535 C CB   . LEU A 1 101 ? 2.137   -2.416  -1.406  1.00 0.00 ? 101 LEU A CB   1 
ATOM 1536 C CG   . LEU A 1 101 ? 2.133   -3.840  -1.964  1.00 0.00 ? 101 LEU A CG   1 
ATOM 1537 C CD1  . LEU A 1 101 ? 3.111   -3.974  -3.132  1.00 0.00 ? 101 LEU A CD1  1 
ATOM 1538 C CD2  . LEU A 1 101 ? 2.415   -4.861  -0.860  1.00 0.00 ? 101 LEU A CD2  1 
ATOM 1539 H H    . LEU A 1 101 ? 4.381   -3.017  -0.359  1.00 0.00 ? 101 LEU A H    1 
ATOM 1540 H HA   . LEU A 1 101 ? 3.566   -1.464  -2.660  1.00 0.00 ? 101 LEU A HA   1 
ATOM 1541 H HB2  . LEU A 1 101 ? 1.911   -2.462  -0.341  1.00 0.00 ? 101 LEU A HB2  1 
ATOM 1542 H HB3  . LEU A 1 101 ? 1.328   -1.859  -1.879  1.00 0.00 ? 101 LEU A HB3  1 
ATOM 1543 H HG   . LEU A 1 101 ? 1.136   -4.052  -2.351  1.00 0.00 ? 101 LEU A HG   1 
ATOM 1544 H HD11 . LEU A 1 101 ? 2.941   -4.923  -3.641  1.00 0.00 ? 101 LEU A HD11 1 
ATOM 1545 H HD12 . LEU A 1 101 ? 2.955   -3.154  -3.833  1.00 0.00 ? 101 LEU A HD12 1 
ATOM 1546 H HD13 . LEU A 1 101 ? 4.133   -3.941  -2.757  1.00 0.00 ? 101 LEU A HD13 1 
ATOM 1547 H HD21 . LEU A 1 101 ? 3.478   -5.108  -0.857  1.00 0.00 ? 101 LEU A HD21 1 
ATOM 1548 H HD22 . LEU A 1 101 ? 2.137   -4.440  0.106   1.00 0.00 ? 101 LEU A HD22 1 
ATOM 1549 H HD23 . LEU A 1 101 ? 1.833   -5.765  -1.044  1.00 0.00 ? 101 LEU A HD23 1 
ATOM 1550 N N    . LEU A 1 102 ? 2.800   0.698   -1.541  1.00 0.00 ? 102 LEU A N    1 
ATOM 1551 C CA   . LEU A 1 102 ? 2.717   2.042   -0.995  1.00 0.00 ? 102 LEU A CA   1 
ATOM 1552 C C    . LEU A 1 102 ? 1.263   2.354   -0.638  1.00 0.00 ? 102 LEU A C    1 
ATOM 1553 O O    . LEU A 1 102 ? 0.341   1.823   -1.255  1.00 0.00 ? 102 LEU A O    1 
ATOM 1554 C CB   . LEU A 1 102 ? 3.346   3.051   -1.957  1.00 0.00 ? 102 LEU A CB   1 
ATOM 1555 C CG   . LEU A 1 102 ? 4.680   3.658   -1.518  1.00 0.00 ? 102 LEU A CG   1 
ATOM 1556 C CD1  . LEU A 1 102 ? 5.272   4.537   -2.620  1.00 0.00 ? 102 LEU A CD1  1 
ATOM 1557 C CD2  . LEU A 1 102 ? 4.528   4.417   -0.198  1.00 0.00 ? 102 LEU A CD2  1 
ATOM 1558 H H    . LEU A 1 102 ? 2.349   0.572   -2.425  1.00 0.00 ? 102 LEU A H    1 
ATOM 1559 H HA   . LEU A 1 102 ? 3.309   2.059   -0.079  1.00 0.00 ? 102 LEU A HA   1 
ATOM 1560 H HB2  . LEU A 1 102 ? 3.491   2.562   -2.920  1.00 0.00 ? 102 LEU A HB2  1 
ATOM 1561 H HB3  . LEU A 1 102 ? 2.635   3.862   -2.117  1.00 0.00 ? 102 LEU A HB3  1 
ATOM 1562 H HG   . LEU A 1 102 ? 5.384   2.844   -1.342  1.00 0.00 ? 102 LEU A HG   1 
ATOM 1563 H HD11 . LEU A 1 102 ? 5.433   5.544   -2.235  1.00 0.00 ? 102 LEU A HD11 1 
ATOM 1564 H HD12 . LEU A 1 102 ? 6.223   4.118   -2.949  1.00 0.00 ? 102 LEU A HD12 1 
ATOM 1565 H HD13 . LEU A 1 102 ? 4.582   4.577   -3.464  1.00 0.00 ? 102 LEU A HD13 1 
ATOM 1566 H HD21 . LEU A 1 102 ? 5.085   5.352   -0.251  1.00 0.00 ? 102 LEU A HD21 1 
ATOM 1567 H HD22 . LEU A 1 102 ? 3.474   4.632   -0.022  1.00 0.00 ? 102 LEU A HD22 1 
ATOM 1568 H HD23 . LEU A 1 102 ? 4.916   3.807   0.618   1.00 0.00 ? 102 LEU A HD23 1 
ATOM 1569 N N    . ILE A 1 103 ? 1.103   3.215   0.356   1.00 0.00 ? 103 ILE A N    1 
ATOM 1570 C CA   . ILE A 1 103 ? -0.224  3.605   0.802   1.00 0.00 ? 103 ILE A CA   1 
ATOM 1571 C C    . ILE A 1 103 ? -0.190  5.058   1.280   1.00 0.00 ? 103 ILE A C    1 
ATOM 1572 O O    . ILE A 1 103 ? 0.839   5.534   1.757   1.00 0.00 ? 103 ILE A O    1 
ATOM 1573 C CB   . ILE A 1 103 ? -0.746  2.624   1.853   1.00 0.00 ? 103 ILE A CB   1 
ATOM 1574 C CG1  . ILE A 1 103 ? 0.282   2.417   2.968   1.00 0.00 ? 103 ILE A CG1  1 
ATOM 1575 C CG2  . ILE A 1 103 ? -1.166  1.302   1.209   1.00 0.00 ? 103 ILE A CG2  1 
ATOM 1576 C CD1  . ILE A 1 103 ? -0.301  2.802   4.329   1.00 0.00 ? 103 ILE A CD1  1 
ATOM 1577 H H    . ILE A 1 103 ? 1.858   3.643   0.852   1.00 0.00 ? 103 ILE A H    1 
ATOM 1578 H HA   . ILE A 1 103 ? -0.890  3.540   -0.058  1.00 0.00 ? 103 ILE A HA   1 
ATOM 1579 H HB   . ILE A 1 103 ? -1.635  3.055   2.312   1.00 0.00 ? 103 ILE A HB   1 
ATOM 1580 H HG12 . ILE A 1 103 ? 0.598   1.374   2.986   1.00 0.00 ? 103 ILE A HG12 1 
ATOM 1581 H HG13 . ILE A 1 103 ? 1.169   3.016   2.765   1.00 0.00 ? 103 ILE A HG13 1 
ATOM 1582 H HG21 . ILE A 1 103 ? -0.302  0.838   0.733   1.00 0.00 ? 103 ILE A HG21 1 
ATOM 1583 H HG22 . ILE A 1 103 ? -1.561  0.633   1.974   1.00 0.00 ? 103 ILE A HG22 1 
ATOM 1584 H HG23 . ILE A 1 103 ? -1.935  1.491   0.460   1.00 0.00 ? 103 ILE A HG23 1 
ATOM 1585 H HD11 . ILE A 1 103 ? -0.285  3.887   4.436   1.00 0.00 ? 103 ILE A HD11 1 
ATOM 1586 H HD12 . ILE A 1 103 ? -1.328  2.445   4.400   1.00 0.00 ? 103 ILE A HD12 1 
ATOM 1587 H HD13 . ILE A 1 103 ? 0.296   2.350   5.121   1.00 0.00 ? 103 ILE A HD13 1 
ATOM 1588 N N    . ALA A 1 104 ? -1.328  5.722   1.135   1.00 0.00 ? 104 ALA A N    1 
ATOM 1589 C CA   . ALA A 1 104 ? -1.441  7.111   1.547   1.00 0.00 ? 104 ALA A CA   1 
ATOM 1590 C C    . ALA A 1 104 ? -1.999  7.173   2.970   1.00 0.00 ? 104 ALA A C    1 
ATOM 1591 O O    . ALA A 1 104 ? -3.155  6.822   3.203   1.00 0.00 ? 104 ALA A O    1 
ATOM 1592 C CB   . ALA A 1 104 ? -2.313  7.870   0.545   1.00 0.00 ? 104 ALA A CB   1 
ATOM 1593 H H    . ALA A 1 104 ? -2.160  5.327   0.747   1.00 0.00 ? 104 ALA A H    1 
ATOM 1594 H HA   . ALA A 1 104 ? -0.441  7.542   1.538   1.00 0.00 ? 104 ALA A HA   1 
ATOM 1595 H HB1  . ALA A 1 104 ? -2.465  8.891   0.896   1.00 0.00 ? 104 ALA A HB1  1 
ATOM 1596 H HB2  . ALA A 1 104 ? -1.818  7.889   -0.426  1.00 0.00 ? 104 ALA A HB2  1 
ATOM 1597 H HB3  . ALA A 1 104 ? -3.278  7.371   0.451   1.00 0.00 ? 104 ALA A HB3  1 
ATOM 1598 N N    . ARG A 1 105 ? -1.152  7.623   3.884   1.00 0.00 ? 105 ARG A N    1 
ATOM 1599 C CA   . ARG A 1 105 ? -1.546  7.735   5.278   1.00 0.00 ? 105 ARG A CA   1 
ATOM 1600 C C    . ARG A 1 105 ? -1.457  9.191   5.739   1.00 0.00 ? 105 ARG A C    1 
ATOM 1601 O O    . ARG A 1 105 ? -0.476  9.877   5.455   1.00 0.00 ? 105 ARG A O    1 
ATOM 1602 C CB   . ARG A 1 105 ? -0.659  6.869   6.173   1.00 0.00 ? 105 ARG A CB   1 
ATOM 1603 C CG   . ARG A 1 105 ? -0.563  7.455   7.583   1.00 0.00 ? 105 ARG A CG   1 
ATOM 1604 C CD   . ARG A 1 105 ? -0.141  6.387   8.594   1.00 0.00 ? 105 ARG A CD   1 
ATOM 1605 N NE   . ARG A 1 105 ? 0.312   7.027   9.848   1.00 0.00 ? 105 ARG A NE   1 
ATOM 1606 C CZ   . ARG A 1 105 ? 0.988   6.392   10.815  1.00 0.00 ? 105 ARG A CZ   1 
ATOM 1607 N NH1  . ARG A 1 105 ? 1.292   5.095   10.678  1.00 0.00 ? 105 ARG A NH1  1 
ATOM 1608 N NH2  . ARG A 1 105 ? 1.359   7.053   11.920  1.00 0.00 ? 105 ARG A NH2  1 
ATOM 1609 H H    . ARG A 1 105 ? -0.214  7.906   3.686   1.00 0.00 ? 105 ARG A H    1 
ATOM 1610 H HA   . ARG A 1 105 ? -2.576  7.378   5.306   1.00 0.00 ? 105 ARG A HA   1 
ATOM 1611 H HB2  . ARG A 1 105 ? -1.063  5.857   6.223   1.00 0.00 ? 105 ARG A HB2  1 
ATOM 1612 H HB3  . ARG A 1 105 ? 0.338   6.791   5.739   1.00 0.00 ? 105 ARG A HB3  1 
ATOM 1613 H HG2  . ARG A 1 105 ? 0.157   8.273   7.592   1.00 0.00 ? 105 ARG A HG2  1 
ATOM 1614 H HG3  . ARG A 1 105 ? -1.526  7.875   7.873   1.00 0.00 ? 105 ARG A HG3  1 
ATOM 1615 H HD2  . ARG A 1 105 ? -0.977  5.718   8.799   1.00 0.00 ? 105 ARG A HD2  1 
ATOM 1616 H HD3  . ARG A 1 105 ? 0.660   5.776   8.178   1.00 0.00 ? 105 ARG A HD3  1 
ATOM 1617 H HE   . ARG A 1 105 ? 0.101   7.996   9.984   1.00 0.00 ? 105 ARG A HE   1 
ATOM 1618 H HH11 . ARG A 1 105 ? 1.015   4.601   9.854   1.00 0.00 ? 105 ARG A HH11 1 
ATOM 1619 H HH12 . ARG A 1 105 ? 1.796   4.620   11.400  1.00 0.00 ? 105 ARG A HH12 1 
ATOM 1620 H HH21 . ARG A 1 105 ? 1.131   8.022   12.023  1.00 0.00 ? 105 ARG A HH21 1 
ATOM 1621 H HH22 . ARG A 1 105 ? 1.863   6.579   12.641  1.00 0.00 ? 105 ARG A HH22 1 
ATOM 1622 N N    . PRO A 1 106 ? -2.521  9.632   6.462   1.00 0.00 ? 106 PRO A N    1 
ATOM 1623 C CA   . PRO A 1 106 ? -2.572  10.995  6.965   1.00 0.00 ? 106 PRO A CA   1 
ATOM 1624 C C    . PRO A 1 106 ? -1.639  11.170  8.166   1.00 0.00 ? 106 PRO A C    1 
ATOM 1625 O O    . PRO A 1 106 ? -1.405  10.225  8.918   1.00 0.00 ? 106 PRO A O    1 
ATOM 1626 C CB   . PRO A 1 106 ? -4.033  11.233  7.308   1.00 0.00 ? 106 PRO A CB   1 
ATOM 1627 C CG   . PRO A 1 106 ? -4.665  9.856   7.423   1.00 0.00 ? 106 PRO A CG   1 
ATOM 1628 C CD   . PRO A 1 106 ? -3.701  8.849   6.817   1.00 0.00 ? 106 PRO A CD   1 
ATOM 1629 H HA   . PRO A 1 106 ? -2.244  11.633  6.269   1.00 0.00 ? 106 PRO A HA   1 
ATOM 1630 H HB2  . PRO A 1 106 ? -4.130  11.787  8.241   1.00 0.00 ? 106 PRO A HB2  1 
ATOM 1631 H HB3  . PRO A 1 106 ? -4.524  11.825  6.534   1.00 0.00 ? 106 PRO A HB3  1 
ATOM 1632 H HG2  . PRO A 1 106 ? -4.864  9.614   8.466   1.00 0.00 ? 106 PRO A HG2  1 
ATOM 1633 H HG3  . PRO A 1 106 ? -5.621  9.830   6.901   1.00 0.00 ? 106 PRO A HG3  1 
ATOM 1634 H HD2  . PRO A 1 106 ? -3.453  8.061   7.529   1.00 0.00 ? 106 PRO A HD2  1 
ATOM 1635 H HD3  . PRO A 1 106 ? -4.132  8.363   5.943   1.00 0.00 ? 106 PRO A HD3  1 
ATOM 1636 N N    . GLU A 1 107 ? -1.133  12.387  8.308   1.00 0.00 ? 107 GLU A N    1 
ATOM 1637 C CA   . GLU A 1 107 ? -0.232  12.698  9.404   1.00 0.00 ? 107 GLU A CA   1 
ATOM 1638 C C    . GLU A 1 107 ? -0.937  13.579  10.437  1.00 0.00 ? 107 GLU A C    1 
ATOM 1639 O O    . GLU A 1 107 ? -1.811  14.371  10.088  1.00 0.00 ? 107 GLU A O    1 
ATOM 1640 C CB   . GLU A 1 107 ? 1.044   13.369  8.892   1.00 0.00 ? 107 GLU A CB   1 
ATOM 1641 C CG   . GLU A 1 107 ? 2.140   13.351  9.959   1.00 0.00 ? 107 GLU A CG   1 
ATOM 1642 C CD   . GLU A 1 107 ? 2.868   12.006  9.977   1.00 0.00 ? 107 GLU A CD   1 
ATOM 1643 O OE1  . GLU A 1 107 ? 2.196   11.002  10.300  1.00 0.00 ? 107 GLU A OE1  1 
ATOM 1644 O OE2  . GLU A 1 107 ? 4.078   12.012  9.667   1.00 0.00 ? 107 GLU A OE2  1 
ATOM 1645 H H    . GLU A 1 107 ? -1.328  13.149  7.691   1.00 0.00 ? 107 GLU A H    1 
ATOM 1646 H HA   . GLU A 1 107 ? 0.024   11.738  9.851   1.00 0.00 ? 107 GLU A HA   1 
ATOM 1647 H HB2  . GLU A 1 107 ? 1.395   12.855  7.997   1.00 0.00 ? 107 GLU A HB2  1 
ATOM 1648 H HB3  . GLU A 1 107 ? 0.828   14.397  8.603   1.00 0.00 ? 107 GLU A HB3  1 
ATOM 1649 H HG2  . GLU A 1 107 ? 2.853   14.152  9.765   1.00 0.00 ? 107 GLU A HG2  1 
ATOM 1650 H HG3  . GLU A 1 107 ? 1.701   13.545  10.938  1.00 0.00 ? 107 GLU A HG3  1 
ATOM 1651 N N    . LEU A 1 108 ? -0.531  13.412  11.687  1.00 0.00 ? 108 LEU A N    1 
ATOM 1652 C CA   . LEU A 1 108 ? -1.114  14.182  12.773  1.00 0.00 ? 108 LEU A CA   1 
ATOM 1653 C C    . LEU A 1 108 ? -2.568  13.751  12.975  1.00 0.00 ? 108 LEU A C    1 
ATOM 1654 O O    . LEU A 1 108 ? -2.892  13.095  13.963  1.00 0.00 ? 108 LEU A O    1 
ATOM 1655 C CB   . LEU A 1 108 ? -0.947  15.681  12.515  1.00 0.00 ? 108 LEU A CB   1 
ATOM 1656 C CG   . LEU A 1 108 ? 0.255   16.348  13.188  1.00 0.00 ? 108 LEU A CG   1 
ATOM 1657 C CD1  . LEU A 1 108 ? 0.860   17.426  12.285  1.00 0.00 ? 108 LEU A CD1  1 
ATOM 1658 C CD2  . LEU A 1 108 ? -0.122  16.898  14.564  1.00 0.00 ? 108 LEU A CD2  1 
ATOM 1659 H H    . LEU A 1 108 ? 0.181   12.766  11.962  1.00 0.00 ? 108 LEU A H    1 
ATOM 1660 H HA   . LEU A 1 108 ? -0.554  13.946  13.677  1.00 0.00 ? 108 LEU A HA   1 
ATOM 1661 H HB2  . LEU A 1 108 ? -0.870  15.839  11.439  1.00 0.00 ? 108 LEU A HB2  1 
ATOM 1662 H HB3  . LEU A 1 108 ? -1.852  16.189  12.848  1.00 0.00 ? 108 LEU A HB3  1 
ATOM 1663 H HG   . LEU A 1 108 ? 1.023   15.590  13.343  1.00 0.00 ? 108 LEU A HG   1 
ATOM 1664 H HD11 . LEU A 1 108 ? 0.265   18.336  12.359  1.00 0.00 ? 108 LEU A HD11 1 
ATOM 1665 H HD12 . LEU A 1 108 ? 1.882   17.633  12.602  1.00 0.00 ? 108 LEU A HD12 1 
ATOM 1666 H HD13 . LEU A 1 108 ? 0.863   17.076  11.253  1.00 0.00 ? 108 LEU A HD13 1 
ATOM 1667 H HD21 . LEU A 1 108 ? -1.178  16.708  14.755  1.00 0.00 ? 108 LEU A HD21 1 
ATOM 1668 H HD22 . LEU A 1 108 ? 0.480   16.407  15.329  1.00 0.00 ? 108 LEU A HD22 1 
ATOM 1669 H HD23 . LEU A 1 108 ? 0.065   17.971  14.590  1.00 0.00 ? 108 LEU A HD23 1 
ATOM 1670 N N    . GLN A 1 109 ? -3.404  14.138  12.023  1.00 0.00 ? 109 GLN A N    1 
ATOM 1671 C CA   . GLN A 1 109 ? -4.816  13.799  12.085  1.00 0.00 ? 109 GLN A CA   1 
ATOM 1672 C C    . GLN A 1 109 ? -5.456  14.420  13.329  1.00 0.00 ? 109 GLN A C    1 
ATOM 1673 O O    . GLN A 1 109 ? -4.779  14.658  14.328  1.00 0.00 ? 109 GLN A O    1 
ATOM 1674 C CB   . GLN A 1 109 ? -5.018  12.283  12.065  1.00 0.00 ? 109 GLN A CB   1 
ATOM 1675 C CG   . GLN A 1 109 ? -6.359  11.917  11.427  1.00 0.00 ? 109 GLN A CG   1 
ATOM 1676 C CD   . GLN A 1 109 ? -6.535  10.398  11.353  1.00 0.00 ? 109 GLN A CD   1 
ATOM 1677 O OE1  . GLN A 1 109 ? -5.584  9.636   11.382  1.00 0.00 ? 109 GLN A OE1  1 
ATOM 1678 N NE2  . GLN A 1 109 ? -7.802  10.005  11.255  1.00 0.00 ? 109 GLN A NE2  1 
ATOM 1679 H H    . GLN A 1 109 ? -3.132  14.672  11.223  1.00 0.00 ? 109 GLN A H    1 
ATOM 1680 H HA   . GLN A 1 109 ? -5.257  14.231  11.187  1.00 0.00 ? 109 GLN A HA   1 
ATOM 1681 H HB2  . GLN A 1 109 ? -4.207  11.812  11.509  1.00 0.00 ? 109 GLN A HB2  1 
ATOM 1682 H HB3  . GLN A 1 109 ? -4.975  11.893  13.081  1.00 0.00 ? 109 GLN A HB3  1 
ATOM 1683 H HG2  . GLN A 1 109 ? -7.172  12.353  12.008  1.00 0.00 ? 109 GLN A HG2  1 
ATOM 1684 H HG3  . GLN A 1 109 ? -6.419  12.343  10.426  1.00 0.00 ? 109 GLN A HG3  1 
ATOM 1685 H HE21 . GLN A 1 109 ? -8.537  10.684  11.237  1.00 0.00 ? 109 GLN A HE21 1 
ATOM 1686 H HE22 . GLN A 1 109 ? -8.019  9.031   11.200  1.00 0.00 ? 109 GLN A HE22 1 
ATOM 1687 N N    . LEU A 1 110 ? -6.754  14.666  13.226  1.00 0.00 ? 110 LEU A N    1 
ATOM 1688 C CA   . LEU A 1 110 ? -7.494  15.255  14.329  1.00 0.00 ? 110 LEU A CA   1 
ATOM 1689 C C    . LEU A 1 110 ? -7.266  14.423  15.593  1.00 0.00 ? 110 LEU A C    1 
ATOM 1690 O O    . LEU A 1 110 ? -6.803  13.285  15.516  1.00 0.00 ? 110 LEU A O    1 
ATOM 1691 C CB   . LEU A 1 110 ? -8.969  15.419  13.959  1.00 0.00 ? 110 LEU A CB   1 
ATOM 1692 C CG   . LEU A 1 110 ? -9.342  16.720  13.248  1.00 0.00 ? 110 LEU A CG   1 
ATOM 1693 C CD1  . LEU A 1 110 ? -10.446 16.484  12.215  1.00 0.00 ? 110 LEU A CD1  1 
ATOM 1694 C CD2  . LEU A 1 110 ? -9.722  17.806  14.255  1.00 0.00 ? 110 LEU A CD2  1 
ATOM 1695 H H    . LEU A 1 110 ? -7.298  14.470  12.410  1.00 0.00 ? 110 LEU A H    1 
ATOM 1696 H HA   . LEU A 1 110 ? -7.091  16.254  14.497  1.00 0.00 ? 110 LEU A HA   1 
ATOM 1697 H HB2  . LEU A 1 110 ? -9.257  14.583  13.320  1.00 0.00 ? 110 LEU A HB2  1 
ATOM 1698 H HB3  . LEU A 1 110 ? -9.563  15.343  14.871  1.00 0.00 ? 110 LEU A HB3  1 
ATOM 1699 H HG   . LEU A 1 110 ? -8.466  17.076  12.705  1.00 0.00 ? 110 LEU A HG   1 
ATOM 1700 H HD11 . LEU A 1 110 ? -10.107 16.823  11.236  1.00 0.00 ? 110 LEU A HD11 1 
ATOM 1701 H HD12 . LEU A 1 110 ? -10.681 15.420  12.171  1.00 0.00 ? 110 LEU A HD12 1 
ATOM 1702 H HD13 . LEU A 1 110 ? -11.338 17.041  12.503  1.00 0.00 ? 110 LEU A HD13 1 
ATOM 1703 H HD21 . LEU A 1 110 ? -10.239 18.617  13.739  1.00 0.00 ? 110 LEU A HD21 1 
ATOM 1704 H HD22 . LEU A 1 110 ? -10.378 17.383  15.015  1.00 0.00 ? 110 LEU A HD22 1 
ATOM 1705 H HD23 . LEU A 1 110 ? -8.820  18.195  14.728  1.00 0.00 ? 110 LEU A HD23 1 
ATOM 1706 N N    . ASP A 1 111 ? -7.600  15.021  16.726  1.00 0.00 ? 111 ASP A N    1 
ATOM 1707 C CA   . ASP A 1 111 ? -7.438  14.350  18.005  1.00 0.00 ? 111 ASP A CA   1 
ATOM 1708 C C    . ASP A 1 111 ? -8.780  13.754  18.437  1.00 0.00 ? 111 ASP A C    1 
ATOM 1709 O O    . ASP A 1 111 ? -9.642  14.466  18.948  1.00 0.00 ? 111 ASP A O    1 
ATOM 1710 C CB   . ASP A 1 111 ? -6.984  15.329  19.088  1.00 0.00 ? 111 ASP A CB   1 
ATOM 1711 C CG   . ASP A 1 111 ? -7.712  16.675  19.089  1.00 0.00 ? 111 ASP A CG   1 
ATOM 1712 O OD1  . ASP A 1 111 ? -8.796  16.734  19.710  1.00 0.00 ? 111 ASP A OD1  1 
ATOM 1713 O OD2  . ASP A 1 111 ? -7.169  17.614  18.469  1.00 0.00 ? 111 ASP A OD2  1 
ATOM 1714 H H    . ASP A 1 111 ? -7.977  15.947  16.780  1.00 0.00 ? 111 ASP A H    1 
ATOM 1715 H HA   . ASP A 1 111 ? -6.679  13.586  17.832  1.00 0.00 ? 111 ASP A HA   1 
ATOM 1716 H HB2  . ASP A 1 111 ? -7.120  14.859  20.062  1.00 0.00 ? 111 ASP A HB2  1 
ATOM 1717 H HB3  . ASP A 1 111 ? -5.917  15.511  18.968  1.00 0.00 ? 111 ASP A HB3  1 
ATOM 1718 N N    . GLU A 1 112 ? -8.912  12.455  18.217  1.00 0.00 ? 112 GLU A N    1 
ATOM 1719 C CA   . GLU A 1 112 ? -10.134 11.755  18.577  1.00 0.00 ? 112 GLU A CA   1 
ATOM 1720 C C    . GLU A 1 112 ? -9.836  10.284  18.870  1.00 0.00 ? 112 GLU A C    1 
ATOM 1721 O O    . GLU A 1 112 ? -10.157 9.409   18.068  1.00 0.00 ? 112 GLU A O    1 
ATOM 1722 C CB   . GLU A 1 112 ? -11.189 11.892  17.478  1.00 0.00 ? 112 GLU A CB   1 
ATOM 1723 C CG   . GLU A 1 112 ? -12.596 11.690  18.040  1.00 0.00 ? 112 GLU A CG   1 
ATOM 1724 C CD   . GLU A 1 112 ? -13.186 10.356  17.578  1.00 0.00 ? 112 GLU A CD   1 
ATOM 1725 O OE1  . GLU A 1 112 ? -13.092 10.085  16.362  1.00 0.00 ? 112 GLU A OE1  1 
ATOM 1726 O OE2  . GLU A 1 112 ? -13.718 9.637   18.452  1.00 0.00 ? 112 GLU A OE2  1 
ATOM 1727 H H    . GLU A 1 112 ? -8.205  11.882  17.800  1.00 0.00 ? 112 GLU A H    1 
ATOM 1728 H HA   . GLU A 1 112 ? -10.493 12.248  19.480  1.00 0.00 ? 112 GLU A HA   1 
ATOM 1729 H HB2  . GLU A 1 112 ? -11.115 12.878  17.018  1.00 0.00 ? 112 GLU A HB2  1 
ATOM 1730 H HB3  . GLU A 1 112 ? -10.998 11.160  16.693  1.00 0.00 ? 112 GLU A HB3  1 
ATOM 1731 H HG2  . GLU A 1 112 ? -12.565 11.720  19.129  1.00 0.00 ? 112 GLU A HG2  1 
ATOM 1732 H HG3  . GLU A 1 112 ? -13.242 12.508  17.718  1.00 0.00 ? 112 GLU A HG3  1 
ATOM 1733 N N    . GLY A 1 113 ? -9.226  10.056  20.024  1.00 0.00 ? 113 GLY A N    1 
ATOM 1734 C CA   . GLY A 1 113 ? -8.881  8.705   20.434  1.00 0.00 ? 113 GLY A CA   1 
ATOM 1735 C C    . GLY A 1 113 ? -9.636  8.308   21.704  1.00 0.00 ? 113 GLY A C    1 
ATOM 1736 O O    . GLY A 1 113 ? -10.813 7.955   21.646  1.00 0.00 ? 113 GLY A O    1 
ATOM 1737 H H    . GLY A 1 113 ? -8.968  10.773  20.672  1.00 0.00 ? 113 GLY A H    1 
ATOM 1738 H HA2  . GLY A 1 113 ? -9.117  8.006   19.633  1.00 0.00 ? 113 GLY A HA2  1 
ATOM 1739 H HA3  . GLY A 1 113 ? -7.808  8.637   20.610  1.00 0.00 ? 113 GLY A HA3  1 
ATOM 1740 N N    . TRP A 1 114 ? -8.929  8.379   22.823  1.00 0.00 ? 114 TRP A N    1 
ATOM 1741 C CA   . TRP A 1 114 ? -9.519  8.031   24.104  1.00 0.00 ? 114 TRP A CA   1 
ATOM 1742 C C    . TRP A 1 114 ? -9.962  6.568   24.039  1.00 0.00 ? 114 TRP A C    1 
ATOM 1743 O O    . TRP A 1 114 ? -11.156 6.275   24.093  1.00 0.00 ? 114 TRP A O    1 
ATOM 1744 C CB   . TRP A 1 114 ? -10.660 8.986   24.460  1.00 0.00 ? 114 TRP A CB   1 
ATOM 1745 C CG   . TRP A 1 114 ? -10.327 9.956   25.596  1.00 0.00 ? 114 TRP A CG   1 
ATOM 1746 C CD1  . TRP A 1 114 ? -9.766  11.170  25.508  1.00 0.00 ? 114 TRP A CD1  1 
ATOM 1747 C CD2  . TRP A 1 114 ? -10.560 9.743   27.005  1.00 0.00 ? 114 TRP A CD2  1 
ATOM 1748 N NE1  . TRP A 1 114 ? -9.621  11.751  26.751  1.00 0.00 ? 114 TRP A NE1  1 
ATOM 1749 C CE2  . TRP A 1 114 ? -10.119 10.856  27.689  1.00 0.00 ? 114 TRP A CE2  1 
ATOM 1750 C CE3  . TRP A 1 114 ? -11.126 8.645   27.678  1.00 0.00 ? 114 TRP A CE3  1 
ATOM 1751 C CZ2  . TRP A 1 114 ? -10.198 10.980  29.082  1.00 0.00 ? 114 TRP A CZ2  1 
ATOM 1752 C CZ3  . TRP A 1 114 ? -11.196 8.785   29.068  1.00 0.00 ? 114 TRP A CZ3  1 
ATOM 1753 C CH2  . TRP A 1 114 ? -10.756 9.899   29.773  1.00 0.00 ? 114 TRP A CH2  1 
ATOM 1754 H H    . TRP A 1 114 ? -7.973  8.667   22.861  1.00 0.00 ? 114 TRP A H    1 
ATOM 1755 H HA   . TRP A 1 114 ? -8.751  8.154   24.869  1.00 0.00 ? 114 TRP A HA   1 
ATOM 1756 H HB2  . TRP A 1 114 ? -10.929 9.561   23.574  1.00 0.00 ? 114 TRP A HB2  1 
ATOM 1757 H HB3  . TRP A 1 114 ? -11.536 8.402   24.740  1.00 0.00 ? 114 TRP A HB3  1 
ATOM 1758 H HD1  . TRP A 1 114 ? -9.463  11.638  24.572  1.00 0.00 ? 114 TRP A HD1  1 
ATOM 1759 H HE1  . TRP A 1 114 ? -9.194  12.733  26.958  1.00 0.00 ? 114 TRP A HE1  1 
ATOM 1760 H HE3  . TRP A 1 114 ? -11.482 7.754   27.159  1.00 0.00 ? 114 TRP A HE3  1 
ATOM 1761 H HZ2  . TRP A 1 114 ? -9.842  11.871  29.600  1.00 0.00 ? 114 TRP A HZ2  1 
ATOM 1762 H HZ3  . TRP A 1 114 ? -11.626 7.961   29.639  1.00 0.00 ? 114 TRP A HZ3  1 
ATOM 1763 H HH2  . TRP A 1 114 ? -10.847 9.931   30.859  1.00 0.00 ? 114 TRP A HH2  1 
ATOM 1764 N N    . MET A 1 115 ? -8.977  5.689   23.926  1.00 0.00 ? 115 MET A N    1 
ATOM 1765 C CA   . MET A 1 115 ? -9.251  4.264   23.853  1.00 0.00 ? 115 MET A CA   1 
ATOM 1766 C C    . MET A 1 115 ? -8.203  3.464   24.629  1.00 0.00 ? 115 MET A C    1 
ATOM 1767 O O    . MET A 1 115 ? -7.065  3.328   24.181  1.00 0.00 ? 115 MET A O    1 
ATOM 1768 C CB   . MET A 1 115 ? -9.254  3.819   22.389  1.00 0.00 ? 115 MET A CB   1 
ATOM 1769 C CG   . MET A 1 115 ? -9.581  2.329   22.270  1.00 0.00 ? 115 MET A CG   1 
ATOM 1770 S SD   . MET A 1 115 ? -11.319 2.059   22.571  1.00 0.00 ? 115 MET A SD   1 
ATOM 1771 C CE   . MET A 1 115 ? -11.740 1.104   21.123  1.00 0.00 ? 115 MET A CE   1 
ATOM 1772 H H    . MET A 1 115 ? -8.009  5.936   23.882  1.00 0.00 ? 115 MET A H    1 
ATOM 1773 H HA   . MET A 1 115 ? -10.232 4.131   24.310  1.00 0.00 ? 115 MET A HA   1 
ATOM 1774 H HB2  . MET A 1 115 ? -9.985  4.401   21.829  1.00 0.00 ? 115 MET A HB2  1 
ATOM 1775 H HB3  . MET A 1 115 ? -8.278  4.017   21.943  1.00 0.00 ? 115 MET A HB3  1 
ATOM 1776 H HG2  . MET A 1 115 ? -9.314  1.968   21.277  1.00 0.00 ? 115 MET A HG2  1 
ATOM 1777 H HG3  . MET A 1 115 ? -8.987  1.759   22.985  1.00 0.00 ? 115 MET A HG3  1 
ATOM 1778 H HE1  . MET A 1 115 ? -11.244 1.529   20.250  1.00 0.00 ? 115 MET A HE1  1 
ATOM 1779 H HE2  . MET A 1 115 ? -11.413 0.074   21.260  1.00 0.00 ? 115 MET A HE2  1 
ATOM 1780 H HE3  . MET A 1 115 ? -12.820 1.126   20.975  1.00 0.00 ? 115 MET A HE3  1 
ATOM 1781 N N    . ASP A 1 116 ? -8.624  2.955   25.778  1.00 0.00 ? 116 ASP A N    1 
ATOM 1782 C CA   . ASP A 1 116 ? -7.736  2.172   26.620  1.00 0.00 ? 116 ASP A CA   1 
ATOM 1783 C C    . ASP A 1 116 ? -7.272  0.934   25.851  1.00 0.00 ? 116 ASP A C    1 
ATOM 1784 O O    . ASP A 1 116 ? -7.957  -0.088  25.841  1.00 0.00 ? 116 ASP A O    1 
ATOM 1785 C CB   . ASP A 1 116 ? -8.451  1.702   27.887  1.00 0.00 ? 116 ASP A CB   1 
ATOM 1786 C CG   . ASP A 1 116 ? -8.637  2.776   28.962  1.00 0.00 ? 116 ASP A CG   1 
ATOM 1787 O OD1  . ASP A 1 116 ? -7.987  3.835   28.823  1.00 0.00 ? 116 ASP A OD1  1 
ATOM 1788 O OD2  . ASP A 1 116 ? -9.424  2.513   29.896  1.00 0.00 ? 116 ASP A OD2  1 
ATOM 1789 H H    . ASP A 1 116 ? -9.551  3.071   26.134  1.00 0.00 ? 116 ASP A H    1 
ATOM 1790 H HA   . ASP A 1 116 ? -6.912  2.842   26.867  1.00 0.00 ? 116 ASP A HA   1 
ATOM 1791 H HB2  . ASP A 1 116 ? -9.431  1.314   27.611  1.00 0.00 ? 116 ASP A HB2  1 
ATOM 1792 H HB3  . ASP A 1 116 ? -7.890  0.873   28.317  1.00 0.00 ? 116 ASP A HB3  1 
ATOM 1793 N N    . ASP A 1 117 ? -6.111  1.064   25.226  1.00 0.00 ? 117 ASP A N    1 
ATOM 1794 C CA   . ASP A 1 117 ? -5.548  -0.032  24.457  1.00 0.00 ? 117 ASP A CA   1 
ATOM 1795 C C    . ASP A 1 117 ? -4.202  0.401   23.870  1.00 0.00 ? 117 ASP A C    1 
ATOM 1796 O O    . ASP A 1 117 ? -4.057  1.534   23.412  1.00 0.00 ? 117 ASP A O    1 
ATOM 1797 C CB   . ASP A 1 117 ? -6.466  -0.420  23.297  1.00 0.00 ? 117 ASP A CB   1 
ATOM 1798 C CG   . ASP A 1 117 ? -6.266  -1.838  22.759  1.00 0.00 ? 117 ASP A CG   1 
ATOM 1799 O OD1  . ASP A 1 117 ? -6.233  -2.764  23.599  1.00 0.00 ? 117 ASP A OD1  1 
ATOM 1800 O OD2  . ASP A 1 117 ? -6.148  -1.964  21.521  1.00 0.00 ? 117 ASP A OD2  1 
ATOM 1801 H H    . ASP A 1 117 ? -5.560  1.899   25.239  1.00 0.00 ? 117 ASP A H    1 
ATOM 1802 H HA   . ASP A 1 117 ? -5.448  -0.856  25.163  1.00 0.00 ? 117 ASP A HA   1 
ATOM 1803 H HB2  . ASP A 1 117 ? -7.501  -0.314  23.622  1.00 0.00 ? 117 ASP A HB2  1 
ATOM 1804 H HB3  . ASP A 1 117 ? -6.315  0.287   22.480  1.00 0.00 ? 117 ASP A HB3  1 
ATOM 1805 N N    . ASP A 1 118 ? -3.254  -0.524  23.902  1.00 0.00 ? 118 ASP A N    1 
ATOM 1806 C CA   . ASP A 1 118 ? -1.926  -0.251  23.379  1.00 0.00 ? 118 ASP A CA   1 
ATOM 1807 C C    . ASP A 1 118 ? -2.032  0.119   21.898  1.00 0.00 ? 118 ASP A C    1 
ATOM 1808 O O    . ASP A 1 118 ? -2.061  -0.757  21.035  1.00 0.00 ? 118 ASP A O    1 
ATOM 1809 C CB   . ASP A 1 118 ? -1.026  -1.483  23.494  1.00 0.00 ? 118 ASP A CB   1 
ATOM 1810 C CG   . ASP A 1 118 ? 0.464   -1.219  23.270  1.00 0.00 ? 118 ASP A CG   1 
ATOM 1811 O OD1  . ASP A 1 118 ? 0.770   -0.165  22.671  1.00 0.00 ? 118 ASP A OD1  1 
ATOM 1812 O OD2  . ASP A 1 118 ? 1.264   -2.075  23.705  1.00 0.00 ? 118 ASP A OD2  1 
ATOM 1813 H H    . ASP A 1 118 ? -3.381  -1.443  24.275  1.00 0.00 ? 118 ASP A H    1 
ATOM 1814 H HA   . ASP A 1 118 ? -1.541  0.567   23.987  1.00 0.00 ? 118 ASP A HA   1 
ATOM 1815 H HB2  . ASP A 1 118 ? -1.158  -1.919  24.485  1.00 0.00 ? 118 ASP A HB2  1 
ATOM 1816 H HB3  . ASP A 1 118 ? -1.360  -2.228  22.772  1.00 0.00 ? 118 ASP A HB3  1 
ATOM 1817 N N    . SER A 1 119 ? -2.086  1.420   21.650  1.00 0.00 ? 119 SER A N    1 
ATOM 1818 C CA   . SER A 1 119 ? -2.188  1.918   20.288  1.00 0.00 ? 119 SER A CA   1 
ATOM 1819 C C    . SER A 1 119 ? -2.069  3.443   20.278  1.00 0.00 ? 119 SER A C    1 
ATOM 1820 O O    . SER A 1 119 ? -2.723  4.125   21.066  1.00 0.00 ? 119 SER A O    1 
ATOM 1821 C CB   . SER A 1 119 ? -3.504  1.484   19.640  1.00 0.00 ? 119 SER A CB   1 
ATOM 1822 O OG   . SER A 1 119 ? -3.420  1.472   18.218  1.00 0.00 ? 119 SER A OG   1 
ATOM 1823 H H    . SER A 1 119 ? -2.063  2.126   22.357  1.00 0.00 ? 119 SER A H    1 
ATOM 1824 H HA   . SER A 1 119 ? -1.354  1.465   19.752  1.00 0.00 ? 119 SER A HA   1 
ATOM 1825 H HB2  . SER A 1 119 ? -3.773  0.489   19.996  1.00 0.00 ? 119 SER A HB2  1 
ATOM 1826 H HB3  . SER A 1 119 ? -4.301  2.159   19.951  1.00 0.00 ? 119 SER A HB3  1 
ATOM 1827 H HG   . SER A 1 119 ? -3.449  0.529   17.881  1.00 0.00 ? 119 SER A HG   1 
ATOM 1828 N N    . GLY A 1 120 ? -1.230  3.933   19.379  1.00 0.00 ? 120 GLY A N    1 
ATOM 1829 C CA   . GLY A 1 120 ? -1.016  5.366   19.256  1.00 0.00 ? 120 GLY A CA   1 
ATOM 1830 C C    . GLY A 1 120 ? 0.349   5.665   18.635  1.00 0.00 ? 120 GLY A C    1 
ATOM 1831 O O    . GLY A 1 120 ? 1.296   6.005   19.342  1.00 0.00 ? 120 GLY A O    1 
ATOM 1832 H H    . GLY A 1 120 ? -0.701  3.372   18.742  1.00 0.00 ? 120 GLY A H    1 
ATOM 1833 H HA2  . GLY A 1 120 ? -1.803  5.803   18.642  1.00 0.00 ? 120 GLY A HA2  1 
ATOM 1834 H HA3  . GLY A 1 120 ? -1.083  5.831   20.240  1.00 0.00 ? 120 GLY A HA3  1 
ATOM 1835 N N    . PRO A 1 121 ? 0.408   5.526   17.283  1.00 0.00 ? 121 PRO A N    1 
ATOM 1836 C CA   . PRO A 1 121 ? 1.641   5.778   16.558  1.00 0.00 ? 121 PRO A CA   1 
ATOM 1837 C C    . PRO A 1 121 ? 1.916   7.280   16.449  1.00 0.00 ? 121 PRO A C    1 
ATOM 1838 O O    . PRO A 1 121 ? 1.002   8.067   16.212  1.00 0.00 ? 121 PRO A O    1 
ATOM 1839 C CB   . PRO A 1 121 ? 1.447   5.111   15.206  1.00 0.00 ? 121 PRO A CB   1 
ATOM 1840 C CG   . PRO A 1 121 ? -0.052  4.913   15.051  1.00 0.00 ? 121 PRO A CG   1 
ATOM 1841 C CD   . PRO A 1 121 ? -0.693  5.125   16.412  1.00 0.00 ? 121 PRO A CD   1 
ATOM 1842 H HA   . PRO A 1 121 ? 2.420   5.393   17.053  1.00 0.00 ? 121 PRO A HA   1 
ATOM 1843 H HB2  . PRO A 1 121 ? 1.843   5.732   14.403  1.00 0.00 ? 121 PRO A HB2  1 
ATOM 1844 H HB3  . PRO A 1 121 ? 1.973   4.158   15.161  1.00 0.00 ? 121 PRO A HB3  1 
ATOM 1845 H HG2  . PRO A 1 121 ? -0.458  5.617   14.324  1.00 0.00 ? 121 PRO A HG2  1 
ATOM 1846 H HG3  . PRO A 1 121 ? -0.269  3.911   14.680  1.00 0.00 ? 121 PRO A HG3  1 
ATOM 1847 H HD2  . PRO A 1 121 ? -1.465  5.895   16.372  1.00 0.00 ? 121 PRO A HD2  1 
ATOM 1848 H HD3  . PRO A 1 121 ? -1.171  4.214   16.772  1.00 0.00 ? 121 PRO A HD3  1 
ATOM 1849 N N    . SER A 1 122 ? 3.181   7.631   16.629  1.00 0.00 ? 122 SER A N    1 
ATOM 1850 C CA   . SER A 1 122 ? 3.588   9.024   16.555  1.00 0.00 ? 122 SER A CA   1 
ATOM 1851 C C    . SER A 1 122 ? 4.746   9.179   15.566  1.00 0.00 ? 122 SER A C    1 
ATOM 1852 O O    . SER A 1 122 ? 5.413   8.202   15.229  1.00 0.00 ? 122 SER A O    1 
ATOM 1853 C CB   . SER A 1 122 ? 3.991   9.555   17.932  1.00 0.00 ? 122 SER A CB   1 
ATOM 1854 O OG   . SER A 1 122 ? 4.924   8.697   18.582  1.00 0.00 ? 122 SER A OG   1 
ATOM 1855 H H    . SER A 1 122 ? 3.920   6.985   16.823  1.00 0.00 ? 122 SER A H    1 
ATOM 1856 H HA   . SER A 1 122 ? 2.709   9.563   16.201  1.00 0.00 ? 122 SER A HA   1 
ATOM 1857 H HB2  . SER A 1 122 ? 4.425   10.549  17.824  1.00 0.00 ? 122 SER A HB2  1 
ATOM 1858 H HB3  . SER A 1 122 ? 3.103   9.662   18.554  1.00 0.00 ? 122 SER A HB3  1 
ATOM 1859 H HG   . SER A 1 122 ? 5.855   8.920   18.290  1.00 0.00 ? 122 SER A HG   1 
ATOM 1860 N N    . SER A 1 123 ? 4.950   10.414  15.132  1.00 0.00 ? 123 SER A N    1 
ATOM 1861 C CA   . SER A 1 123 ? 6.017   10.709  14.190  1.00 0.00 ? 123 SER A CA   1 
ATOM 1862 C C    . SER A 1 123 ? 7.329   10.942  14.941  1.00 0.00 ? 123 SER A C    1 
ATOM 1863 O O    . SER A 1 123 ? 7.333   11.082  16.163  1.00 0.00 ? 123 SER A O    1 
ATOM 1864 C CB   . SER A 1 123 ? 5.672   11.929  13.333  1.00 0.00 ? 123 SER A CB   1 
ATOM 1865 O OG   . SER A 1 123 ? 5.037   11.560  12.112  1.00 0.00 ? 123 SER A OG   1 
ATOM 1866 H H    . SER A 1 123 ? 4.404   11.203  15.412  1.00 0.00 ? 123 SER A H    1 
ATOM 1867 H HA   . SER A 1 123 ? 6.091   9.827   13.553  1.00 0.00 ? 123 SER A HA   1 
ATOM 1868 H HB2  . SER A 1 123 ? 5.018   12.594  13.896  1.00 0.00 ? 123 SER A HB2  1 
ATOM 1869 H HB3  . SER A 1 123 ? 6.582   12.487  13.114  1.00 0.00 ? 123 SER A HB3  1 
ATOM 1870 H HG   . SER A 1 123 ? 5.663   11.698  11.345  1.00 0.00 ? 123 SER A HG   1 
ATOM 1871 N N    . GLY A 1 124 ? 8.412   10.975  14.179  1.00 0.00 ? 124 GLY A N    1 
ATOM 1872 C CA   . GLY A 1 124 ? 9.728   11.189  14.757  1.00 0.00 ? 124 GLY A CA   1 
ATOM 1873 C C    . GLY A 1 124 ? 10.438  12.364  14.083  1.00 0.00 ? 124 GLY A C    1 
ATOM 1874 O O    . GLY A 1 124 ? 10.337  13.501  14.542  1.00 0.00 ? 124 GLY A O    1 
ATOM 1875 H H    . GLY A 1 124 ? 8.401   10.860  13.185  1.00 0.00 ? 124 GLY A H    1 
ATOM 1876 H HA2  . GLY A 1 124 ? 9.633   11.381  15.826  1.00 0.00 ? 124 GLY A HA2  1 
ATOM 1877 H HA3  . GLY A 1 124 ? 10.329  10.286  14.647  1.00 0.00 ? 124 GLY A HA3  1 
# 
